data_8QTT
#
_entry.id   8QTT
#
_cell.length_a   71.216
_cell.length_b   71.082
_cell.length_c   150.986
_cell.angle_alpha   100.470
_cell.angle_beta   95.530
_cell.angle_gamma   88.740
#
_symmetry.space_group_name_H-M   'P 1'
#
loop_
_entity.id
_entity.type
_entity.pdbx_description
1 polymer '14-3-3-like protein GF14 omega'
2 polymer 'BRI1 kinase inhibitor 1'
3 non-polymer 'FORMIC ACID'
4 non-polymer 1,2-ETHANEDIOL
5 water water
#
loop_
_entity_poly.entity_id
_entity_poly.type
_entity_poly.pdbx_seq_one_letter_code
_entity_poly.pdbx_strand_id
1 'polypeptide(L)'
;AGMASGREEFVYMAKLAEQAERYEEMVEFMEKVSAAVDGDELTVEERNLLSVAYKNVIGARRASWRIISSIEQKEESRGN
DDHVTAIREYRSKIETELSGICDGILKLLDSRLIPAAASGDSKVFYLKMKGDYHRYLAEFKTGQERKDAAEHTLAAYKSA
QDIANAELAPTHPIRLGLALNFSVFYYEILNSPDRACNLAKQAFDEAIAELDTLGEESYKDSTLIMQLLRDNLTLWTSDR
G
;
A,B,C,D,E,F,G,H,I,J
2 'polypeptide(L)' ELF(SEP)AP K,L,M,N,O,P,Q,R,S,T
#
# COMPACT_ATOMS: atom_id res chain seq x y z
N GLY A 6 0.55 52.73 26.60
CA GLY A 6 -0.08 51.65 27.34
C GLY A 6 0.43 50.29 26.93
N ARG A 7 0.47 50.05 25.62
CA ARG A 7 0.92 48.76 25.10
C ARG A 7 2.36 48.47 25.52
N GLU A 8 3.27 49.40 25.24
CA GLU A 8 4.68 49.15 25.52
C GLU A 8 4.95 49.04 27.01
N GLU A 9 4.22 49.79 27.83
CA GLU A 9 4.43 49.71 29.27
C GLU A 9 4.04 48.33 29.81
N PHE A 10 2.93 47.78 29.33
CA PHE A 10 2.45 46.50 29.82
C PHE A 10 3.25 45.33 29.26
N VAL A 11 3.93 45.50 28.13
CA VAL A 11 4.87 44.48 27.67
C VAL A 11 6.06 44.41 28.63
N TYR A 12 6.65 45.57 28.94
CA TYR A 12 7.75 45.60 29.89
C TYR A 12 7.36 44.96 31.22
N MET A 13 6.18 45.32 31.73
CA MET A 13 5.72 44.72 32.98
C MET A 13 5.63 43.20 32.86
N ALA A 14 5.17 42.71 31.71
CA ALA A 14 5.10 41.27 31.49
C ALA A 14 6.50 40.65 31.54
N LYS A 15 7.49 41.35 31.00
CA LYS A 15 8.86 40.83 31.03
C LYS A 15 9.41 40.79 32.44
N LEU A 16 9.13 41.83 33.24
CA LEU A 16 9.54 41.81 34.64
C LEU A 16 8.87 40.65 35.38
N ALA A 17 7.56 40.50 35.20
CA ALA A 17 6.85 39.41 35.86
C ALA A 17 7.43 38.05 35.46
N GLU A 18 7.92 37.93 34.22
CA GLU A 18 8.55 36.69 33.81
C GLU A 18 9.85 36.46 34.57
N GLN A 19 10.74 37.44 34.57
CA GLN A 19 11.97 37.33 35.34
C GLN A 19 11.67 36.96 36.79
N ALA A 20 10.68 37.61 37.39
CA ALA A 20 10.31 37.32 38.77
C ALA A 20 9.62 35.99 38.92
N GLU A 21 9.30 35.30 37.82
CA GLU A 21 8.57 34.03 37.86
C GLU A 21 7.22 34.18 38.57
N ARG A 22 6.64 35.37 38.49
CA ARG A 22 5.31 35.65 39.00
C ARG A 22 4.39 35.64 37.78
N TYR A 23 3.93 34.45 37.42
CA TYR A 23 3.31 34.26 36.12
C TYR A 23 1.84 34.69 36.09
N GLU A 24 1.11 34.52 37.19
CA GLU A 24 -0.25 35.04 37.23
C GLU A 24 -0.28 36.52 36.90
N GLU A 25 0.71 37.27 37.39
CA GLU A 25 0.80 38.69 37.07
C GLU A 25 1.24 38.90 35.64
N MET A 26 2.03 37.98 35.08
CA MET A 26 2.40 38.08 33.67
C MET A 26 1.18 37.89 32.78
N VAL A 27 0.25 37.03 33.18
CA VAL A 27 -0.99 36.86 32.44
C VAL A 27 -1.78 38.16 32.44
N GLU A 28 -1.92 38.80 33.61
CA GLU A 28 -2.66 40.04 33.69
C GLU A 28 -2.03 41.12 32.81
N PHE A 29 -0.71 41.23 32.83
CA PHE A 29 -0.06 42.25 32.01
C PHE A 29 -0.28 41.98 30.53
N MET A 30 -0.22 40.70 30.11
CA MET A 30 -0.43 40.38 28.71
C MET A 30 -1.89 40.49 28.31
N GLU A 31 -2.81 40.26 29.26
CA GLU A 31 -4.22 40.55 29.00
C GLU A 31 -4.42 42.02 28.66
N LYS A 32 -3.75 42.91 29.40
CA LYS A 32 -3.86 44.34 29.12
C LYS A 32 -3.20 44.70 27.80
N VAL A 33 -2.14 43.99 27.42
CA VAL A 33 -1.53 44.21 26.12
C VAL A 33 -2.50 43.86 25.01
N SER A 34 -3.15 42.69 25.11
CA SER A 34 -4.08 42.26 24.08
C SER A 34 -5.28 43.20 23.99
N ALA A 35 -5.71 43.78 25.10
CA ALA A 35 -6.81 44.73 25.07
C ALA A 35 -6.42 46.02 24.38
N ALA A 36 -5.17 46.46 24.58
CA ALA A 36 -4.69 47.69 23.97
C ALA A 36 -4.46 47.55 22.47
N VAL A 37 -4.48 46.33 21.94
CA VAL A 37 -4.23 46.09 20.52
C VAL A 37 -5.54 45.69 19.85
N ASP A 38 -6.38 46.67 19.56
CA ASP A 38 -7.68 46.42 18.94
C ASP A 38 -7.50 46.17 17.44
N GLY A 39 -7.93 45.01 16.98
CA GLY A 39 -7.85 44.67 15.56
C GLY A 39 -6.48 44.25 15.07
N ASP A 40 -5.45 44.99 15.44
CA ASP A 40 -4.09 44.64 15.03
C ASP A 40 -3.66 43.33 15.67
N GLU A 41 -2.60 42.75 15.12
CA GLU A 41 -2.06 41.50 15.64
C GLU A 41 -0.99 41.78 16.68
N LEU A 42 -0.89 40.87 17.65
CA LEU A 42 0.23 40.90 18.57
C LEU A 42 1.53 40.62 17.83
N THR A 43 2.60 41.28 18.25
CA THR A 43 3.92 40.98 17.70
C THR A 43 4.32 39.55 18.07
N VAL A 44 5.29 39.02 17.31
CA VAL A 44 5.84 37.72 17.66
C VAL A 44 6.34 37.71 19.09
N GLU A 45 6.96 38.81 19.52
CA GLU A 45 7.41 38.92 20.91
C GLU A 45 6.21 38.93 21.85
N GLU A 46 5.25 39.81 21.58
CA GLU A 46 4.06 39.87 22.43
C GLU A 46 3.29 38.55 22.38
N ARG A 47 3.16 37.98 21.19
CA ARG A 47 2.44 36.71 21.06
C ARG A 47 3.11 35.62 21.87
N ASN A 48 4.45 35.61 21.92
CA ASN A 48 5.15 34.56 22.66
C ASN A 48 5.14 34.82 24.16
N LEU A 49 5.12 36.07 24.58
CA LEU A 49 5.00 36.36 26.02
C LEU A 49 3.64 35.92 26.55
N LEU A 50 2.59 35.99 25.73
CA LEU A 50 1.26 35.63 26.19
C LEU A 50 1.13 34.14 26.45
N SER A 51 1.81 33.31 25.67
CA SER A 51 1.70 31.86 25.85
C SER A 51 2.61 31.38 26.97
N VAL A 52 3.83 31.92 27.07
CA VAL A 52 4.68 31.63 28.23
C VAL A 52 3.91 31.91 29.51
N ALA A 53 3.26 33.07 29.58
CA ALA A 53 2.48 33.42 30.75
C ALA A 53 1.44 32.35 31.04
N TYR A 54 0.54 32.09 30.08
CA TYR A 54 -0.51 31.11 30.30
C TYR A 54 0.05 29.70 30.46
N LYS A 55 1.08 29.37 29.68
CA LYS A 55 1.68 28.04 29.76
C LYS A 55 2.14 27.74 31.18
N ASN A 56 2.79 28.70 31.83
CA ASN A 56 3.31 28.46 33.17
C ASN A 56 2.19 28.45 34.20
N VAL A 57 1.22 29.36 34.07
CA VAL A 57 0.11 29.38 35.02
C VAL A 57 -0.65 28.06 34.97
N ILE A 58 -1.00 27.59 33.77
CA ILE A 58 -1.72 26.33 33.65
C ILE A 58 -0.79 25.16 33.96
N GLY A 59 0.50 25.28 33.59
CA GLY A 59 1.42 24.20 33.86
C GLY A 59 1.50 23.84 35.33
N ALA A 60 1.48 24.85 36.20
CA ALA A 60 1.55 24.60 37.63
C ALA A 60 0.32 23.82 38.10
N ARG A 61 -0.87 24.29 37.74
CA ARG A 61 -2.09 23.62 38.20
C ARG A 61 -2.20 22.21 37.63
N ARG A 62 -1.74 22.00 36.40
CA ARG A 62 -1.74 20.66 35.83
C ARG A 62 -0.84 19.72 36.63
N ALA A 63 0.35 20.18 36.99
CA ALA A 63 1.22 19.38 37.85
C ALA A 63 0.54 19.10 39.19
N SER A 64 -0.03 20.14 39.81
CA SER A 64 -0.73 19.93 41.07
C SER A 64 -1.88 18.94 40.92
N TRP A 65 -2.64 19.05 39.83
CA TRP A 65 -3.79 18.17 39.66
C TRP A 65 -3.34 16.71 39.51
N ARG A 66 -2.26 16.48 38.76
CA ARG A 66 -1.78 15.11 38.56
C ARG A 66 -1.42 14.45 39.89
N ILE A 67 -0.63 15.14 40.71
CA ILE A 67 -0.17 14.53 41.96
C ILE A 67 -1.34 14.30 42.90
N ILE A 68 -2.26 15.27 43.00
CA ILE A 68 -3.42 15.11 43.86
C ILE A 68 -4.27 13.93 43.41
N SER A 69 -4.45 13.78 42.09
CA SER A 69 -5.25 12.67 41.57
C SER A 69 -4.63 11.34 41.97
N SER A 70 -3.31 11.20 41.82
CA SER A 70 -2.64 9.96 42.21
C SER A 70 -2.89 9.65 43.68
N ILE A 71 -2.83 10.66 44.55
CA ILE A 71 -3.05 10.44 45.97
C ILE A 71 -4.49 10.04 46.22
N GLU A 72 -5.43 10.65 45.51
CA GLU A 72 -6.84 10.29 45.68
C GLU A 72 -7.08 8.82 45.35
N GLN A 73 -6.48 8.34 44.26
CA GLN A 73 -6.70 6.95 43.85
C GLN A 73 -6.09 5.97 44.86
N LYS A 74 -4.91 6.29 45.39
CA LYS A 74 -4.29 5.40 46.37
C LYS A 74 -5.10 5.37 47.66
N GLU A 75 -5.62 6.53 48.10
CA GLU A 75 -6.44 6.56 49.29
C GLU A 75 -7.77 5.83 49.06
N GLU A 76 -8.36 5.98 47.88
CA GLU A 76 -9.62 5.31 47.59
C GLU A 76 -9.45 3.80 47.56
N SER A 77 -8.37 3.32 46.93
CA SER A 77 -8.18 1.88 46.84
C SER A 77 -7.84 1.27 48.18
N ARG A 78 -7.04 1.96 48.99
CA ARG A 78 -6.39 1.37 50.17
C ARG A 78 -6.15 2.47 51.20
N GLY A 79 -7.23 2.97 51.80
CA GLY A 79 -7.09 3.99 52.83
C GLY A 79 -8.43 4.53 53.28
N ASN A 80 -8.36 5.68 53.95
CA ASN A 80 -9.53 6.26 54.59
C ASN A 80 -10.43 6.95 53.59
N ASP A 81 -11.74 6.95 53.89
CA ASP A 81 -12.70 7.66 53.05
C ASP A 81 -12.70 9.15 53.37
N ASP A 82 -12.55 9.50 54.64
CA ASP A 82 -12.46 10.92 55.01
C ASP A 82 -11.27 11.59 54.35
N HIS A 83 -10.16 10.87 54.18
CA HIS A 83 -9.04 11.39 53.40
C HIS A 83 -9.47 11.62 51.95
N VAL A 84 -10.16 10.65 51.36
CA VAL A 84 -10.64 10.81 49.99
C VAL A 84 -11.55 12.03 49.88
N THR A 85 -12.47 12.18 50.83
CA THR A 85 -13.36 13.34 50.83
C THR A 85 -12.54 14.63 50.84
N ALA A 86 -11.53 14.71 51.70
CA ALA A 86 -10.70 15.91 51.77
C ALA A 86 -9.91 16.12 50.48
N ILE A 87 -9.41 15.04 49.89
CA ILE A 87 -8.67 15.16 48.64
C ILE A 87 -9.58 15.65 47.52
N ARG A 88 -10.79 15.07 47.41
CA ARG A 88 -11.70 15.45 46.34
C ARG A 88 -12.02 16.94 46.40
N GLU A 89 -12.32 17.45 47.59
CA GLU A 89 -12.57 18.89 47.73
C GLU A 89 -11.35 19.68 47.25
N TYR A 90 -10.14 19.21 47.58
CA TYR A 90 -8.94 19.92 47.16
C TYR A 90 -8.75 19.84 45.66
N ARG A 91 -8.90 18.63 45.08
CA ARG A 91 -8.82 18.50 43.63
C ARG A 91 -9.87 19.37 42.95
N SER A 92 -11.07 19.43 43.51
CA SER A 92 -12.13 20.26 42.91
C SER A 92 -11.73 21.72 42.91
N LYS A 93 -10.97 22.17 43.91
CA LYS A 93 -10.51 23.55 43.93
C LYS A 93 -9.47 23.80 42.85
N ILE A 94 -8.62 22.81 42.58
CA ILE A 94 -7.63 22.95 41.52
C ILE A 94 -8.30 22.93 40.15
N GLU A 95 -9.34 22.09 40.00
CA GLU A 95 -10.07 22.07 38.74
C GLU A 95 -10.80 23.37 38.48
N THR A 96 -11.27 24.05 39.53
CA THR A 96 -11.90 25.35 39.35
C THR A 96 -10.89 26.37 38.83
N GLU A 97 -9.66 26.32 39.33
CA GLU A 97 -8.62 27.21 38.82
C GLU A 97 -8.24 26.86 37.39
N LEU A 98 -8.08 25.58 37.09
CA LEU A 98 -7.79 25.15 35.72
C LEU A 98 -8.85 25.68 34.77
N SER A 99 -10.13 25.47 35.10
CA SER A 99 -11.21 25.96 34.25
C SER A 99 -11.12 27.47 34.06
N GLY A 100 -10.88 28.21 35.15
CA GLY A 100 -10.80 29.66 35.04
C GLY A 100 -9.68 30.11 34.13
N ILE A 101 -8.51 29.48 34.24
CA ILE A 101 -7.38 29.86 33.41
C ILE A 101 -7.67 29.57 31.95
N CYS A 102 -8.11 28.35 31.65
CA CYS A 102 -8.49 28.01 30.28
C CYS A 102 -9.55 28.99 29.75
N ASP A 103 -10.53 29.32 30.58
CA ASP A 103 -11.58 30.23 30.16
C ASP A 103 -11.02 31.59 29.76
N GLY A 104 -9.99 32.06 30.47
CA GLY A 104 -9.45 33.37 30.19
C GLY A 104 -8.79 33.47 28.83
N ILE A 105 -7.97 32.47 28.49
CA ILE A 105 -7.25 32.52 27.22
C ILE A 105 -8.17 32.16 26.06
N LEU A 106 -9.11 31.23 26.27
CA LEU A 106 -10.03 30.86 25.20
C LEU A 106 -10.92 32.02 24.81
N LYS A 107 -11.43 32.77 25.80
CA LYS A 107 -12.20 33.97 25.49
C LYS A 107 -11.36 34.95 24.68
N LEU A 108 -10.11 35.17 25.10
CA LEU A 108 -9.23 36.08 24.38
C LEU A 108 -8.96 35.58 22.97
N LEU A 109 -8.87 34.25 22.79
CA LEU A 109 -8.61 33.69 21.47
C LEU A 109 -9.82 33.83 20.56
N ASP A 110 -11.01 33.53 21.08
CA ASP A 110 -12.22 33.55 20.25
C ASP A 110 -12.61 34.96 19.86
N SER A 111 -12.42 35.93 20.75
CA SER A 111 -12.97 37.27 20.57
C SER A 111 -11.99 38.28 20.00
N ARG A 112 -10.69 38.00 20.01
CA ARG A 112 -9.72 38.98 19.54
C ARG A 112 -8.63 38.36 18.67
N LEU A 113 -7.91 37.37 19.21
CA LEU A 113 -6.69 36.90 18.56
C LEU A 113 -7.00 36.15 17.27
N ILE A 114 -7.88 35.15 17.34
CA ILE A 114 -8.26 34.42 16.13
C ILE A 114 -8.92 35.35 15.12
N PRO A 115 -9.91 36.17 15.48
CA PRO A 115 -10.47 37.12 14.50
C PRO A 115 -9.43 38.02 13.86
N ALA A 116 -8.42 38.45 14.60
CA ALA A 116 -7.45 39.43 14.10
C ALA A 116 -6.26 38.80 13.39
N ALA A 117 -6.14 37.48 13.39
CA ALA A 117 -5.02 36.83 12.72
C ALA A 117 -5.14 37.01 11.21
N ALA A 118 -4.12 37.62 10.60
CA ALA A 118 -4.16 37.98 9.19
C ALA A 118 -3.27 37.12 8.31
N SER A 119 -2.34 36.36 8.89
CA SER A 119 -1.47 35.48 8.13
C SER A 119 -1.71 34.03 8.55
N GLY A 120 -1.42 33.11 7.64
CA GLY A 120 -1.45 31.71 7.99
C GLY A 120 -0.55 31.39 9.16
N ASP A 121 0.58 32.11 9.26
CA ASP A 121 1.48 31.96 10.40
C ASP A 121 0.71 32.12 11.71
N SER A 122 0.04 33.26 11.88
CA SER A 122 -0.63 33.55 13.15
C SER A 122 -1.92 32.75 13.30
N LYS A 123 -2.57 32.39 12.18
CA LYS A 123 -3.81 31.62 12.29
C LYS A 123 -3.54 30.23 12.84
N VAL A 124 -2.51 29.55 12.35
CA VAL A 124 -2.17 28.23 12.87
C VAL A 124 -1.78 28.34 14.34
N PHE A 125 -1.06 29.40 14.70
CA PHE A 125 -0.61 29.57 16.08
C PHE A 125 -1.79 29.66 17.03
N TYR A 126 -2.74 30.58 16.75
CA TYR A 126 -3.82 30.82 17.69
C TYR A 126 -4.84 29.69 17.68
N LEU A 127 -5.10 29.09 16.52
CA LEU A 127 -5.97 27.91 16.47
C LEU A 127 -5.34 26.76 17.22
N LYS A 128 -4.05 26.51 17.01
CA LYS A 128 -3.35 25.49 17.77
C LYS A 128 -3.46 25.75 19.28
N MET A 129 -3.29 27.01 19.69
CA MET A 129 -3.43 27.33 21.11
C MET A 129 -4.83 27.03 21.61
N LYS A 130 -5.85 27.38 20.83
CA LYS A 130 -7.22 27.06 21.23
C LYS A 130 -7.36 25.57 21.53
N GLY A 131 -6.88 24.72 20.62
CA GLY A 131 -6.94 23.29 20.86
C GLY A 131 -6.15 22.88 22.10
N ASP A 132 -5.00 23.51 22.33
CA ASP A 132 -4.20 23.17 23.50
C ASP A 132 -5.00 23.34 24.78
N TYR A 133 -5.68 24.49 24.93
CA TYR A 133 -6.38 24.79 26.18
C TYR A 133 -7.73 24.11 26.28
N HIS A 134 -8.35 23.74 25.16
CA HIS A 134 -9.48 22.82 25.23
C HIS A 134 -8.99 21.42 25.60
N ARG A 135 -7.80 21.04 25.15
CA ARG A 135 -7.23 19.76 25.55
C ARG A 135 -6.93 19.73 27.04
N TYR A 136 -6.36 20.82 27.58
CA TYR A 136 -6.11 20.86 29.01
C TYR A 136 -7.41 20.71 29.81
N LEU A 137 -8.51 21.24 29.29
CA LEU A 137 -9.80 21.00 29.93
C LEU A 137 -10.15 19.52 29.87
N ALA A 138 -9.95 18.89 28.70
CA ALA A 138 -10.27 17.47 28.55
C ALA A 138 -9.45 16.60 29.48
N GLU A 139 -8.30 17.09 29.96
CA GLU A 139 -7.45 16.28 30.81
C GLU A 139 -8.13 15.95 32.14
N PHE A 140 -8.98 16.84 32.64
CA PHE A 140 -9.63 16.62 33.93
C PHE A 140 -11.16 16.68 33.89
N LYS A 141 -11.77 17.27 32.87
CA LYS A 141 -13.22 17.34 32.82
C LYS A 141 -13.82 15.95 32.63
N THR A 142 -15.06 15.81 33.07
CA THR A 142 -15.82 14.58 32.92
C THR A 142 -17.16 14.87 32.27
N GLY A 143 -17.87 13.81 31.89
CA GLY A 143 -19.22 13.97 31.38
C GLY A 143 -19.28 14.85 30.15
N GLN A 144 -20.30 15.71 30.12
N GLN A 144 -20.31 15.70 30.12
CA GLN A 144 -20.55 16.54 28.95
CA GLN A 144 -20.53 16.54 28.93
C GLN A 144 -19.42 17.54 28.73
C GLN A 144 -19.40 17.53 28.73
N GLU A 145 -18.85 18.07 29.82
CA GLU A 145 -17.79 19.07 29.69
C GLU A 145 -16.55 18.48 29.04
N ARG A 146 -16.25 17.22 29.31
CA ARG A 146 -15.13 16.57 28.62
C ARG A 146 -15.45 16.38 27.14
N LYS A 147 -16.63 15.84 26.85
CA LYS A 147 -17.05 15.66 25.46
C LYS A 147 -16.98 16.99 24.70
N ASP A 148 -17.46 18.07 25.31
CA ASP A 148 -17.40 19.37 24.65
C ASP A 148 -15.96 19.80 24.42
N ALA A 149 -15.07 19.52 25.38
CA ALA A 149 -13.68 19.90 25.24
C ALA A 149 -13.01 19.09 24.13
N ALA A 150 -13.21 17.78 24.13
CA ALA A 150 -12.61 16.94 23.09
C ALA A 150 -13.06 17.37 21.70
N GLU A 151 -14.37 17.66 21.55
CA GLU A 151 -14.86 18.08 20.24
C GLU A 151 -14.22 19.39 19.80
N HIS A 152 -14.07 20.35 20.72
CA HIS A 152 -13.50 21.64 20.36
C HIS A 152 -12.01 21.52 20.02
N THR A 153 -11.29 20.64 20.73
CA THR A 153 -9.88 20.44 20.44
C THR A 153 -9.68 19.94 19.02
N LEU A 154 -10.33 18.83 18.68
CA LEU A 154 -10.18 18.25 17.35
C LEU A 154 -10.59 19.24 16.27
N ALA A 155 -11.68 19.99 16.49
CA ALA A 155 -12.09 20.99 15.53
C ALA A 155 -11.01 22.05 15.34
N ALA A 156 -10.44 22.55 16.43
CA ALA A 156 -9.42 23.59 16.34
C ALA A 156 -8.14 23.04 15.73
N TYR A 157 -7.71 21.85 16.17
CA TYR A 157 -6.50 21.25 15.62
C TYR A 157 -6.66 20.96 14.13
N LYS A 158 -7.79 20.36 13.74
CA LYS A 158 -7.99 20.03 12.33
C LYS A 158 -8.02 21.28 11.47
N SER A 159 -8.74 22.31 11.92
CA SER A 159 -8.70 23.59 11.21
C SER A 159 -7.27 24.06 11.06
N ALA A 160 -6.53 24.14 12.18
CA ALA A 160 -5.15 24.59 12.14
C ALA A 160 -4.30 23.74 11.20
N GLN A 161 -4.51 22.43 11.21
CA GLN A 161 -3.74 21.55 10.34
C GLN A 161 -3.97 21.89 8.88
N ASP A 162 -5.21 22.19 8.50
CA ASP A 162 -5.51 22.49 7.10
C ASP A 162 -4.72 23.71 6.63
N ILE A 163 -4.70 24.78 7.41
CA ILE A 163 -3.94 25.97 7.03
C ILE A 163 -2.44 25.66 7.05
N ALA A 164 -1.99 24.92 8.07
CA ALA A 164 -0.56 24.64 8.20
C ALA A 164 -0.03 23.89 6.99
N ASN A 165 -0.75 22.85 6.55
CA ASN A 165 -0.30 22.09 5.39
C ASN A 165 -0.27 22.96 4.13
N ALA A 166 -1.15 23.94 4.04
CA ALA A 166 -1.30 24.72 2.81
C ALA A 166 -0.38 25.93 2.77
N GLU A 167 -0.03 26.51 3.92
CA GLU A 167 0.69 27.78 3.93
C GLU A 167 1.97 27.78 4.76
N LEU A 168 2.28 26.72 5.49
CA LEU A 168 3.47 26.66 6.33
C LEU A 168 4.36 25.51 5.89
N ALA A 169 5.66 25.77 5.83
CA ALA A 169 6.62 24.75 5.44
C ALA A 169 6.56 23.59 6.43
N PRO A 170 6.82 22.35 5.98
CA PRO A 170 6.79 21.21 6.90
C PRO A 170 7.80 21.31 8.04
N THR A 171 8.78 22.20 7.96
CA THR A 171 9.76 22.38 9.02
C THR A 171 9.42 23.55 9.94
N HIS A 172 8.36 24.29 9.64
CA HIS A 172 8.03 25.46 10.45
C HIS A 172 7.72 25.00 11.89
N PRO A 173 8.36 25.59 12.90
CA PRO A 173 8.10 25.13 14.28
C PRO A 173 6.63 25.11 14.67
N ILE A 174 5.85 26.11 14.23
CA ILE A 174 4.43 26.13 14.58
C ILE A 174 3.73 24.90 14.02
N ARG A 175 4.01 24.57 12.75
CA ARG A 175 3.39 23.38 12.16
C ARG A 175 3.85 22.11 12.86
N LEU A 176 5.14 22.03 13.18
CA LEU A 176 5.64 20.86 13.91
C LEU A 176 5.03 20.80 15.32
N GLY A 177 4.95 21.93 16.00
CA GLY A 177 4.33 21.94 17.31
C GLY A 177 2.87 21.52 17.27
N LEU A 178 2.14 21.95 16.23
CA LEU A 178 0.76 21.52 16.07
C LEU A 178 0.67 20.01 15.92
N ALA A 179 1.52 19.43 15.06
CA ALA A 179 1.52 17.99 14.88
C ALA A 179 1.80 17.28 16.19
N LEU A 180 2.79 17.76 16.95
CA LEU A 180 3.13 17.14 18.21
C LEU A 180 1.94 17.13 19.16
N ASN A 181 1.35 18.30 19.38
CA ASN A 181 0.20 18.38 20.29
C ASN A 181 -0.99 17.61 19.74
N PHE A 182 -1.24 17.69 18.44
CA PHE A 182 -2.33 16.93 17.84
C PHE A 182 -2.12 15.44 18.06
N SER A 183 -0.88 14.96 17.89
CA SER A 183 -0.60 13.54 18.10
C SER A 183 -0.79 13.16 19.56
N VAL A 184 -0.37 14.04 20.48
CA VAL A 184 -0.59 13.79 21.91
C VAL A 184 -2.08 13.71 22.20
N PHE A 185 -2.86 14.61 21.60
CA PHE A 185 -4.31 14.61 21.80
C PHE A 185 -4.90 13.25 21.44
N TYR A 186 -4.51 12.70 20.29
CA TYR A 186 -5.00 11.38 19.89
C TYR A 186 -4.68 10.33 20.95
N TYR A 187 -3.42 10.30 21.40
CA TYR A 187 -2.98 9.23 22.29
C TYR A 187 -3.66 9.33 23.65
N GLU A 188 -3.69 10.53 24.23
CA GLU A 188 -4.09 10.70 25.62
C GLU A 188 -5.59 10.94 25.78
N ILE A 189 -6.17 11.79 24.95
CA ILE A 189 -7.57 12.16 25.11
C ILE A 189 -8.50 11.20 24.38
N LEU A 190 -8.18 10.86 23.14
CA LEU A 190 -9.03 9.98 22.33
C LEU A 190 -8.61 8.52 22.37
N ASN A 191 -7.47 8.20 22.97
CA ASN A 191 -7.00 6.82 23.09
C ASN A 191 -6.91 6.16 21.71
N SER A 192 -6.35 6.89 20.75
CA SER A 192 -6.17 6.42 19.39
C SER A 192 -4.67 6.35 19.10
N PRO A 193 -3.97 5.33 19.62
CA PRO A 193 -2.51 5.30 19.44
C PRO A 193 -2.08 5.24 17.97
N ASP A 194 -2.79 4.47 17.14
CA ASP A 194 -2.41 4.37 15.74
C ASP A 194 -2.44 5.74 15.05
N ARG A 195 -3.53 6.48 15.22
CA ARG A 195 -3.60 7.81 14.62
C ARG A 195 -2.57 8.75 15.23
N ALA A 196 -2.22 8.54 16.50
CA ALA A 196 -1.19 9.38 17.12
C ALA A 196 0.18 9.10 16.49
N CYS A 197 0.54 7.83 16.34
CA CYS A 197 1.84 7.49 15.77
C CYS A 197 1.94 7.93 14.32
N ASN A 198 0.88 7.71 13.53
CA ASN A 198 0.94 8.04 12.11
C ASN A 198 1.08 9.54 11.90
N LEU A 199 0.36 10.34 12.70
CA LEU A 199 0.46 11.79 12.54
C LEU A 199 1.83 12.30 12.96
N ALA A 200 2.42 11.73 14.01
CA ALA A 200 3.74 12.13 14.45
C ALA A 200 4.79 11.75 13.40
N LYS A 201 4.76 10.49 12.95
CA LYS A 201 5.70 10.06 11.92
C LYS A 201 5.54 10.88 10.65
N GLN A 202 4.29 11.13 10.24
CA GLN A 202 4.04 11.88 9.02
C GLN A 202 4.61 13.29 9.12
N ALA A 203 4.36 13.98 10.23
CA ALA A 203 4.91 15.32 10.40
C ALA A 203 6.42 15.29 10.51
N PHE A 204 6.98 14.21 11.06
CA PHE A 204 8.43 14.10 11.20
C PHE A 204 9.09 13.78 9.85
N ASP A 205 8.48 12.89 9.07
CA ASP A 205 9.04 12.56 7.76
C ASP A 205 9.02 13.78 6.83
N GLU A 206 7.87 14.42 6.71
CA GLU A 206 7.76 15.59 5.85
C GLU A 206 8.74 16.68 6.24
N ALA A 207 9.19 16.70 7.49
CA ALA A 207 10.18 17.67 7.92
C ALA A 207 11.58 17.27 7.46
N ILE A 208 12.02 16.04 7.79
CA ILE A 208 13.37 15.61 7.41
C ILE A 208 13.61 15.74 5.91
N ALA A 209 12.54 15.68 5.10
CA ALA A 209 12.69 15.78 3.66
C ALA A 209 13.38 17.08 3.25
N GLU A 210 12.88 18.21 3.78
CA GLU A 210 13.40 19.52 3.40
C GLU A 210 14.17 20.20 4.54
N LEU A 211 14.69 19.44 5.50
CA LEU A 211 15.47 20.05 6.58
C LEU A 211 16.75 20.70 6.09
N ASP A 212 17.17 20.44 4.85
CA ASP A 212 18.40 21.01 4.35
C ASP A 212 18.29 22.52 4.11
N THR A 213 17.08 23.02 3.93
CA THR A 213 16.85 24.43 3.62
C THR A 213 17.00 25.33 4.84
N LEU A 214 17.09 24.77 6.05
CA LEU A 214 17.15 25.59 7.25
C LEU A 214 18.57 26.11 7.47
N GLY A 215 18.66 27.25 8.15
CA GLY A 215 19.93 27.87 8.44
C GLY A 215 20.59 27.29 9.67
N GLU A 216 21.00 28.15 10.60
CA GLU A 216 21.57 27.73 11.87
C GLU A 216 20.74 28.15 13.07
N GLU A 217 20.00 29.26 12.99
CA GLU A 217 19.06 29.63 14.02
C GLU A 217 17.68 29.01 13.81
N SER A 218 17.34 28.67 12.57
CA SER A 218 16.08 27.98 12.27
C SER A 218 16.24 26.46 12.27
N TYR A 219 17.46 25.96 12.11
CA TYR A 219 17.70 24.53 12.24
C TYR A 219 17.58 24.09 13.69
N LYS A 220 17.90 24.98 14.63
CA LYS A 220 17.76 24.65 16.05
C LYS A 220 16.30 24.59 16.48
N ASP A 221 15.48 25.49 15.95
CA ASP A 221 14.07 25.53 16.35
C ASP A 221 13.33 24.31 15.83
N SER A 222 13.58 23.92 14.58
CA SER A 222 12.87 22.79 14.00
C SER A 222 13.35 21.46 14.57
N THR A 223 14.67 21.33 14.79
CA THR A 223 15.19 20.06 15.30
C THR A 223 14.74 19.81 16.74
N LEU A 224 14.45 20.87 17.49
CA LEU A 224 13.98 20.69 18.86
C LEU A 224 12.61 20.03 18.90
N ILE A 225 11.67 20.53 18.10
CA ILE A 225 10.34 19.94 18.08
C ILE A 225 10.40 18.51 17.54
N MET A 226 11.23 18.29 16.52
CA MET A 226 11.32 16.99 15.89
C MET A 226 11.88 15.93 16.85
N GLN A 227 12.80 16.32 17.72
CA GLN A 227 13.30 15.38 18.73
C GLN A 227 12.19 14.97 19.68
N LEU A 228 11.26 15.88 19.98
CA LEU A 228 10.13 15.52 20.83
C LEU A 228 9.19 14.55 20.11
N LEU A 229 8.94 14.79 18.82
CA LEU A 229 8.16 13.83 18.04
C LEU A 229 8.78 12.45 18.09
N ARG A 230 10.11 12.36 17.96
CA ARG A 230 10.78 11.06 18.02
C ARG A 230 10.63 10.44 19.40
N ASP A 231 10.89 11.22 20.45
CA ASP A 231 10.80 10.67 21.81
C ASP A 231 9.42 10.07 22.06
N ASN A 232 8.36 10.77 21.65
CA ASN A 232 7.02 10.23 21.81
C ASN A 232 6.84 8.95 21.00
N LEU A 233 7.27 8.97 19.73
CA LEU A 233 7.16 7.78 18.89
C LEU A 233 7.90 6.60 19.51
N THR A 234 9.12 6.83 19.99
CA THR A 234 9.87 5.76 20.64
C THR A 234 9.08 5.13 21.77
N LEU A 235 8.44 5.97 22.60
CA LEU A 235 7.65 5.45 23.71
C LEU A 235 6.36 4.80 23.21
N TRP A 236 5.70 5.42 22.24
CA TRP A 236 4.45 4.88 21.73
C TRP A 236 4.67 3.56 21.00
N THR A 237 5.78 3.44 20.26
CA THR A 237 5.99 2.24 19.45
C THR A 237 6.28 1.01 20.32
N SER A 238 6.91 1.20 21.47
CA SER A 238 7.06 0.15 22.46
C SER A 238 5.83 0.03 23.36
N ASP A 239 4.75 0.71 23.00
CA ASP A 239 3.45 0.76 23.70
C ASP A 239 3.22 2.16 24.26
N GLU B 1 6.30 10.37 30.51
CA GLU B 1 7.52 10.70 29.78
C GLU B 1 7.18 11.23 28.39
N LEU B 2 5.90 11.53 28.16
CA LEU B 2 5.43 12.07 26.89
C LEU B 2 5.48 13.59 26.92
N PHE B 3 5.90 14.18 25.80
CA PHE B 3 6.12 15.62 25.73
C PHE B 3 5.19 16.33 24.76
N ALA B 5 4.49 20.50 22.92
CA ALA B 5 5.28 21.61 22.39
C ALA B 5 5.65 22.61 23.47
N PRO B 6 6.83 23.25 23.33
CA PRO B 6 7.21 24.34 24.25
C PRO B 6 6.59 25.67 23.83
N GLY C 6 -9.85 20.47 63.10
CA GLY C 6 -9.04 19.60 63.92
C GLY C 6 -7.58 19.61 63.51
N ARG C 7 -6.70 19.24 64.44
CA ARG C 7 -5.27 19.29 64.17
C ARG C 7 -4.87 18.23 63.14
N GLU C 8 -5.42 17.02 63.25
CA GLU C 8 -5.06 15.96 62.33
C GLU C 8 -5.46 16.31 60.91
N GLU C 9 -6.69 16.80 60.73
CA GLU C 9 -7.17 17.10 59.39
C GLU C 9 -6.29 18.14 58.71
N PHE C 10 -5.99 19.23 59.41
CA PHE C 10 -5.22 20.32 58.79
C PHE C 10 -3.79 19.90 58.50
N VAL C 11 -3.22 18.99 59.31
CA VAL C 11 -1.90 18.45 58.98
C VAL C 11 -1.95 17.71 57.66
N TYR C 12 -3.00 16.91 57.45
CA TYR C 12 -3.13 16.17 56.20
C TYR C 12 -3.25 17.11 55.01
N MET C 13 -4.11 18.13 55.14
CA MET C 13 -4.23 19.12 54.07
C MET C 13 -2.89 19.78 53.78
N ALA C 14 -2.13 20.11 54.84
CA ALA C 14 -0.82 20.69 54.64
C ALA C 14 0.09 19.77 53.84
N LYS C 15 0.00 18.46 54.07
CA LYS C 15 0.80 17.52 53.30
C LYS C 15 0.32 17.43 51.85
N LEU C 16 -0.98 17.57 51.62
CA LEU C 16 -1.47 17.61 50.24
C LEU C 16 -0.98 18.87 49.53
N ALA C 17 -1.03 20.02 50.21
CA ALA C 17 -0.55 21.25 49.60
C ALA C 17 0.93 21.17 49.24
N GLU C 18 1.71 20.55 50.13
CA GLU C 18 3.14 20.39 49.88
C GLU C 18 3.37 19.59 48.60
N GLN C 19 2.79 18.39 48.53
CA GLN C 19 2.91 17.57 47.32
C GLN C 19 2.55 18.38 46.07
N ALA C 20 1.47 19.16 46.14
CA ALA C 20 1.06 19.98 45.01
C ALA C 20 1.91 21.23 44.83
N GLU C 21 2.85 21.49 45.75
CA GLU C 21 3.70 22.67 45.69
C GLU C 21 2.87 23.96 45.71
N ARG C 22 1.73 23.93 46.40
CA ARG C 22 0.90 25.11 46.61
C ARG C 22 1.18 25.58 48.04
N TYR C 23 2.29 26.29 48.19
CA TYR C 23 2.82 26.57 49.53
C TYR C 23 2.06 27.68 50.25
N GLU C 24 1.43 28.61 49.50
CA GLU C 24 0.59 29.60 50.16
C GLU C 24 -0.54 28.93 50.93
N GLU C 25 -1.13 27.87 50.35
CA GLU C 25 -2.17 27.13 51.05
C GLU C 25 -1.60 26.26 52.16
N MET C 26 -0.38 25.76 51.99
CA MET C 26 0.26 25.01 53.07
C MET C 26 0.44 25.89 54.30
N VAL C 27 0.81 27.16 54.11
CA VAL C 27 0.90 28.10 55.22
C VAL C 27 -0.44 28.19 55.94
N GLU C 28 -1.52 28.35 55.17
CA GLU C 28 -2.84 28.49 55.77
C GLU C 28 -3.21 27.25 56.58
N PHE C 29 -2.97 26.07 56.03
CA PHE C 29 -3.31 24.84 56.73
C PHE C 29 -2.53 24.71 58.03
N MET C 30 -1.23 25.06 58.01
CA MET C 30 -0.44 25.02 59.23
C MET C 30 -0.84 26.13 60.19
N GLU C 31 -1.18 27.31 59.65
CA GLU C 31 -1.73 28.36 60.49
C GLU C 31 -2.94 27.87 61.27
N LYS C 32 -3.74 26.99 60.67
CA LYS C 32 -4.89 26.44 61.36
C LYS C 32 -4.50 25.30 62.30
N VAL C 33 -3.43 24.57 61.98
CA VAL C 33 -2.89 23.58 62.92
C VAL C 33 -2.44 24.29 64.21
N SER C 34 -1.74 25.41 64.06
CA SER C 34 -1.25 26.13 65.23
C SER C 34 -2.41 26.66 66.05
N ALA C 35 -3.46 27.14 65.40
CA ALA C 35 -4.62 27.66 66.15
C ALA C 35 -5.31 26.55 66.92
N ALA C 36 -5.36 25.34 66.36
CA ALA C 36 -5.99 24.22 67.04
C ALA C 36 -5.16 23.71 68.21
N VAL C 37 -3.87 24.04 68.25
CA VAL C 37 -2.98 23.61 69.33
C VAL C 37 -2.74 24.80 70.26
N ASP C 38 -3.70 25.06 71.15
CA ASP C 38 -3.59 26.18 72.08
C ASP C 38 -2.72 25.78 73.25
N GLY C 39 -1.66 26.54 73.49
CA GLY C 39 -0.77 26.27 74.62
C GLY C 39 0.21 25.14 74.42
N ASP C 40 -0.27 24.00 73.91
CA ASP C 40 0.60 22.86 73.69
C ASP C 40 1.62 23.15 72.59
N GLU C 41 2.66 22.34 72.54
CA GLU C 41 3.71 22.49 71.55
C GLU C 41 3.34 21.74 70.27
N LEU C 42 3.72 22.32 69.14
CA LEU C 42 3.63 21.60 67.88
C LEU C 42 4.58 20.40 67.92
N THR C 43 4.16 19.32 67.25
CA THR C 43 5.04 18.17 67.12
C THR C 43 6.23 18.53 66.24
N VAL C 44 7.30 17.73 66.37
CA VAL C 44 8.44 17.90 65.47
C VAL C 44 7.97 17.90 64.03
N GLU C 45 7.06 16.98 63.69
CA GLU C 45 6.51 16.94 62.34
C GLU C 45 5.79 18.24 62.00
N GLU C 46 4.84 18.64 62.84
CA GLU C 46 4.11 19.88 62.59
C GLU C 46 5.04 21.08 62.56
N ARG C 47 5.97 21.15 63.51
CA ARG C 47 6.93 22.24 63.52
C ARG C 47 7.70 22.31 62.20
N ASN C 48 8.09 21.16 61.65
CA ASN C 48 8.86 21.17 60.41
C ASN C 48 7.98 21.50 59.21
N LEU C 49 6.73 21.04 59.21
CA LEU C 49 5.83 21.39 58.11
C LEU C 49 5.57 22.89 58.06
N LEU C 50 5.41 23.51 59.23
CA LEU C 50 5.19 24.96 59.26
C LEU C 50 6.38 25.70 58.67
N SER C 51 7.60 25.26 58.98
CA SER C 51 8.77 25.96 58.47
C SER C 51 8.96 25.69 56.98
N VAL C 52 8.72 24.46 56.53
CA VAL C 52 8.74 24.18 55.10
C VAL C 52 7.68 25.01 54.38
N ALA C 53 6.56 25.29 55.04
CA ALA C 53 5.50 26.07 54.39
C ALA C 53 5.90 27.53 54.23
N TYR C 54 6.49 28.13 55.26
CA TYR C 54 6.87 29.53 55.18
C TYR C 54 8.18 29.74 54.41
N LYS C 55 9.10 28.77 54.46
CA LYS C 55 10.36 28.91 53.74
C LYS C 55 10.13 29.05 52.24
N ASN C 56 9.40 28.11 51.64
CA ASN C 56 9.09 28.19 50.22
C ASN C 56 8.35 29.48 49.87
N VAL C 57 7.31 29.81 50.64
CA VAL C 57 6.54 31.02 50.35
C VAL C 57 7.45 32.24 50.34
N ILE C 58 8.25 32.42 51.40
CA ILE C 58 9.17 33.55 51.45
C ILE C 58 10.30 33.36 50.46
N GLY C 59 10.73 32.11 50.25
CA GLY C 59 11.82 31.87 49.31
C GLY C 59 11.51 32.39 47.91
N ALA C 60 10.27 32.22 47.45
CA ALA C 60 9.92 32.68 46.12
C ALA C 60 9.97 34.20 46.02
N ARG C 61 9.40 34.89 47.01
CA ARG C 61 9.42 36.35 46.98
C ARG C 61 10.83 36.90 47.10
N ARG C 62 11.67 36.27 47.94
CA ARG C 62 13.07 36.68 48.01
C ARG C 62 13.76 36.54 46.67
N ALA C 63 13.55 35.40 45.99
CA ALA C 63 14.09 35.24 44.65
C ALA C 63 13.61 36.34 43.73
N SER C 64 12.29 36.58 43.70
CA SER C 64 11.75 37.63 42.85
C SER C 64 12.35 38.99 43.19
N TRP C 65 12.40 39.31 44.49
CA TRP C 65 12.93 40.61 44.90
C TRP C 65 14.37 40.78 44.43
N ARG C 66 15.18 39.73 44.54
CA ARG C 66 16.58 39.84 44.13
C ARG C 66 16.69 40.12 42.63
N ILE C 67 16.00 39.33 41.80
CA ILE C 67 16.12 39.50 40.35
C ILE C 67 15.59 40.87 39.93
N ILE C 68 14.52 41.33 40.57
CA ILE C 68 13.97 42.65 40.25
C ILE C 68 14.96 43.74 40.63
N SER C 69 15.64 43.59 41.77
CA SER C 69 16.60 44.61 42.19
C SER C 69 17.77 44.70 41.21
N SER C 70 18.28 43.56 40.75
CA SER C 70 19.33 43.58 39.74
C SER C 70 18.88 44.37 38.51
N ILE C 71 17.65 44.11 38.05
CA ILE C 71 17.14 44.81 36.87
C ILE C 71 17.02 46.30 37.12
N GLU C 72 16.58 46.68 38.33
CA GLU C 72 16.47 48.09 38.67
C GLU C 72 17.83 48.78 38.55
N GLN C 73 18.88 48.17 39.11
CA GLN C 73 20.20 48.78 39.07
C GLN C 73 20.70 48.89 37.63
N LYS C 74 20.54 47.83 36.84
CA LYS C 74 20.95 47.86 35.44
C LYS C 74 20.23 48.98 34.70
N GLU C 75 18.91 49.09 34.88
CA GLU C 75 18.16 50.15 34.23
C GLU C 75 18.57 51.53 34.75
N GLU C 76 18.95 51.62 36.02
CA GLU C 76 19.48 52.87 36.53
C GLU C 76 20.78 53.24 35.83
N SER C 77 21.63 52.24 35.55
CA SER C 77 22.88 52.50 34.85
C SER C 77 22.65 52.94 33.41
N ARG C 78 21.51 52.57 32.81
CA ARG C 78 21.21 52.97 31.45
C ARG C 78 20.50 54.30 31.35
N GLY C 79 19.94 54.80 32.45
CA GLY C 79 19.25 56.07 32.45
C GLY C 79 17.80 56.02 32.05
N ASN C 80 17.20 54.83 32.00
CA ASN C 80 15.80 54.68 31.61
C ASN C 80 14.94 54.98 32.83
N ASP C 81 14.62 56.27 33.01
CA ASP C 81 13.86 56.66 34.19
C ASP C 81 12.46 56.06 34.19
N ASP C 82 11.83 55.96 33.01
CA ASP C 82 10.51 55.36 32.94
C ASP C 82 10.54 53.90 33.37
N HIS C 83 11.57 53.16 32.96
CA HIS C 83 11.70 51.78 33.39
C HIS C 83 11.99 51.69 34.89
N VAL C 84 12.89 52.54 35.39
CA VAL C 84 13.21 52.52 36.82
C VAL C 84 11.96 52.79 37.64
N THR C 85 11.15 53.76 37.22
CA THR C 85 9.90 54.04 37.92
C THR C 85 9.02 52.80 37.99
N ALA C 86 8.85 52.12 36.85
CA ALA C 86 8.00 50.93 36.82
C ALA C 86 8.57 49.81 37.68
N ILE C 87 9.90 49.64 37.65
CA ILE C 87 10.51 48.57 38.43
C ILE C 87 10.34 48.83 39.92
N ARG C 88 10.50 50.08 40.35
CA ARG C 88 10.38 50.39 41.78
C ARG C 88 8.98 50.09 42.29
N GLU C 89 7.95 50.43 41.51
CA GLU C 89 6.58 50.12 41.91
C GLU C 89 6.35 48.62 41.98
N TYR C 90 6.97 47.86 41.07
CA TYR C 90 6.84 46.41 41.12
C TYR C 90 7.61 45.84 42.30
N ARG C 91 8.82 46.33 42.55
CA ARG C 91 9.56 45.90 43.73
C ARG C 91 8.81 46.22 45.01
N SER C 92 8.21 47.42 45.07
CA SER C 92 7.44 47.79 46.26
C SER C 92 6.31 46.81 46.51
N LYS C 93 5.70 46.29 45.44
CA LYS C 93 4.65 45.30 45.61
C LYS C 93 5.21 44.01 46.20
N ILE C 94 6.36 43.56 45.70
CA ILE C 94 6.98 42.36 46.25
C ILE C 94 7.39 42.57 47.70
N GLU C 95 7.90 43.77 48.02
CA GLU C 95 8.26 44.06 49.40
C GLU C 95 7.05 44.04 50.33
N THR C 96 5.89 44.47 49.83
CA THR C 96 4.68 44.41 50.64
C THR C 96 4.31 42.97 50.96
N GLU C 97 4.46 42.06 49.99
CA GLU C 97 4.20 40.65 50.24
C GLU C 97 5.20 40.08 51.23
N LEU C 98 6.49 40.38 51.03
CA LEU C 98 7.52 39.94 51.96
C LEU C 98 7.19 40.37 53.38
N SER C 99 6.78 41.64 53.55
CA SER C 99 6.43 42.13 54.88
C SER C 99 5.28 41.32 55.47
N GLY C 100 4.25 41.03 54.66
CA GLY C 100 3.10 40.30 55.17
C GLY C 100 3.42 38.86 55.53
N ILE C 101 4.28 38.21 54.74
CA ILE C 101 4.64 36.83 55.02
C ILE C 101 5.42 36.73 56.33
N CYS C 102 6.41 37.61 56.50
CA CYS C 102 7.17 37.62 57.75
C CYS C 102 6.28 37.95 58.93
N ASP C 103 5.43 38.97 58.78
CA ASP C 103 4.52 39.35 59.87
C ASP C 103 3.66 38.16 60.31
N GLY C 104 3.27 37.31 59.36
CA GLY C 104 2.41 36.19 59.70
C GLY C 104 3.09 35.18 60.60
N ILE C 105 4.33 34.81 60.26
CA ILE C 105 5.05 33.82 61.06
C ILE C 105 5.57 34.44 62.36
N LEU C 106 6.02 35.70 62.30
CA LEU C 106 6.48 36.36 63.51
C LEU C 106 5.35 36.54 64.52
N LYS C 107 4.17 36.94 64.05
CA LYS C 107 3.00 37.03 64.91
C LYS C 107 2.73 35.68 65.58
N LEU C 108 2.93 34.59 64.85
CA LEU C 108 2.70 33.26 65.41
C LEU C 108 3.82 32.87 66.37
N LEU C 109 5.06 33.26 66.06
CA LEU C 109 6.18 32.92 66.93
C LEU C 109 6.11 33.67 68.25
N ASP C 110 5.79 34.97 68.22
CA ASP C 110 5.83 35.78 69.43
C ASP C 110 4.66 35.43 70.35
N SER C 111 3.50 35.12 69.79
CA SER C 111 2.28 34.98 70.59
C SER C 111 1.95 33.54 70.97
N ARG C 112 2.60 32.55 70.37
CA ARG C 112 2.18 31.17 70.59
C ARG C 112 3.35 30.20 70.67
N LEU C 113 4.21 30.20 69.66
CA LEU C 113 5.23 29.15 69.57
C LEU C 113 6.36 29.36 70.57
N ILE C 114 6.90 30.57 70.65
CA ILE C 114 8.00 30.85 71.58
C ILE C 114 7.51 30.71 73.01
N PRO C 115 6.40 31.36 73.39
CA PRO C 115 5.91 31.21 74.78
C PRO C 115 5.69 29.77 75.20
N ALA C 116 5.33 28.88 74.28
CA ALA C 116 5.01 27.50 74.63
C ALA C 116 6.19 26.56 74.57
N ALA C 117 7.33 26.99 74.04
CA ALA C 117 8.49 26.12 73.90
C ALA C 117 9.01 25.74 75.27
N ALA C 118 8.98 24.44 75.57
CA ALA C 118 9.31 23.95 76.91
C ALA C 118 10.69 23.30 77.01
N SER C 119 11.29 22.89 75.90
CA SER C 119 12.60 22.26 75.89
C SER C 119 13.60 23.17 75.20
N GLY C 120 14.88 22.97 75.56
CA GLY C 120 15.93 23.70 74.88
C GLY C 120 15.92 23.49 73.38
N ASP C 121 15.56 22.27 72.95
CA ASP C 121 15.42 21.99 71.53
C ASP C 121 14.47 22.97 70.86
N SER C 122 13.23 23.04 71.36
CA SER C 122 12.24 23.89 70.72
C SER C 122 12.56 25.37 70.90
N LYS C 123 13.14 25.74 72.05
CA LYS C 123 13.47 27.14 72.28
C LYS C 123 14.50 27.65 71.28
N VAL C 124 15.49 26.83 70.95
CA VAL C 124 16.51 27.24 69.97
C VAL C 124 15.97 27.18 68.55
N PHE C 125 14.94 26.36 68.30
CA PHE C 125 14.35 26.30 66.97
C PHE C 125 13.54 27.54 66.65
N TYR C 126 12.64 27.93 67.57
CA TYR C 126 11.71 29.03 67.26
C TYR C 126 12.40 30.38 67.31
N LEU C 127 13.20 30.65 68.35
CA LEU C 127 14.00 31.87 68.39
C LEU C 127 14.85 31.99 67.13
N LYS C 128 15.50 30.89 66.72
CA LYS C 128 16.24 30.92 65.46
C LYS C 128 15.33 31.32 64.30
N MET C 129 14.12 30.74 64.24
CA MET C 129 13.20 31.09 63.16
C MET C 129 12.83 32.57 63.23
N LYS C 130 12.63 33.10 64.44
CA LYS C 130 12.33 34.51 64.59
C LYS C 130 13.45 35.38 64.01
N GLY C 131 14.70 35.03 64.32
CA GLY C 131 15.81 35.75 63.75
C GLY C 131 15.88 35.62 62.24
N ASP C 132 15.61 34.41 61.73
CA ASP C 132 15.61 34.21 60.29
C ASP C 132 14.65 35.19 59.59
N TYR C 133 13.42 35.31 60.10
CA TYR C 133 12.42 36.12 59.42
C TYR C 133 12.55 37.60 59.72
N HIS C 134 13.17 37.97 60.84
CA HIS C 134 13.62 39.36 60.98
C HIS C 134 14.79 39.64 60.06
N ARG C 135 15.64 38.65 59.79
CA ARG C 135 16.73 38.84 58.84
C ARG C 135 16.20 39.06 57.43
N TYR C 136 15.19 38.27 57.02
CA TYR C 136 14.60 38.48 55.69
C TYR C 136 14.03 39.89 55.57
N LEU C 137 13.41 40.40 56.64
CA LEU C 137 12.96 41.79 56.63
C LEU C 137 14.13 42.74 56.42
N ALA C 138 15.26 42.49 57.09
CA ALA C 138 16.43 43.35 56.97
C ALA C 138 17.02 43.30 55.57
N GLU C 139 16.74 42.27 54.79
CA GLU C 139 17.30 42.17 53.44
C GLU C 139 16.79 43.27 52.54
N PHE C 140 15.56 43.76 52.74
CA PHE C 140 14.97 44.75 51.86
C PHE C 140 14.52 46.03 52.55
N LYS C 141 14.22 46.01 53.84
CA LYS C 141 13.81 47.23 54.53
C LYS C 141 14.96 48.25 54.51
N THR C 142 14.60 49.49 54.78
CA THR C 142 15.57 50.59 54.84
C THR C 142 15.29 51.45 56.08
N GLY C 143 16.24 52.32 56.39
CA GLY C 143 16.05 53.28 57.45
C GLY C 143 15.83 52.62 58.79
N GLN C 144 14.94 53.22 59.59
CA GLN C 144 14.70 52.72 60.94
C GLN C 144 14.15 51.31 60.92
N GLU C 145 13.31 50.99 59.93
CA GLU C 145 12.73 49.65 59.85
C GLU C 145 13.81 48.59 59.63
N ARG C 146 14.87 48.94 58.90
CA ARG C 146 15.97 48.00 58.70
C ARG C 146 16.74 47.77 59.98
N LYS C 147 17.11 48.86 60.66
CA LYS C 147 17.85 48.74 61.92
C LYS C 147 17.03 48.03 62.97
N ASP C 148 15.72 48.31 63.03
CA ASP C 148 14.86 47.60 63.97
C ASP C 148 14.82 46.10 63.65
N ALA C 149 14.84 45.75 62.38
CA ALA C 149 14.84 44.34 62.00
C ALA C 149 16.18 43.68 62.30
N ALA C 150 17.28 44.37 62.00
CA ALA C 150 18.60 43.82 62.28
C ALA C 150 18.79 43.57 63.77
N GLU C 151 18.28 44.48 64.61
CA GLU C 151 18.44 44.33 66.05
C GLU C 151 17.58 43.19 66.58
N HIS C 152 16.36 43.04 66.06
CA HIS C 152 15.53 41.91 66.45
C HIS C 152 16.17 40.59 66.06
N THR C 153 16.85 40.56 64.90
CA THR C 153 17.57 39.37 64.49
C THR C 153 18.69 39.06 65.48
N LEU C 154 19.56 40.05 65.72
CA LEU C 154 20.68 39.83 66.64
C LEU C 154 20.18 39.43 68.02
N ALA C 155 19.08 40.02 68.48
CA ALA C 155 18.53 39.65 69.78
C ALA C 155 18.07 38.19 69.79
N ALA C 156 17.33 37.78 68.75
CA ALA C 156 16.81 36.42 68.71
C ALA C 156 17.93 35.41 68.49
N TYR C 157 18.88 35.72 67.61
CA TYR C 157 19.99 34.79 67.38
C TYR C 157 20.87 34.67 68.63
N LYS C 158 21.21 35.80 69.25
CA LYS C 158 22.09 35.75 70.42
C LYS C 158 21.41 35.06 71.60
N SER C 159 20.09 35.26 71.75
CA SER C 159 19.36 34.52 72.77
C SER C 159 19.38 33.03 72.46
N ALA C 160 18.97 32.66 71.24
CA ALA C 160 18.99 31.26 70.84
C ALA C 160 20.38 30.66 71.03
N GLN C 161 21.42 31.45 70.79
CA GLN C 161 22.79 30.96 70.96
C GLN C 161 23.05 30.59 72.41
N ASP C 162 22.65 31.45 73.35
CA ASP C 162 22.90 31.18 74.76
C ASP C 162 22.31 29.85 75.20
N ILE C 163 21.08 29.54 74.75
CA ILE C 163 20.47 28.26 75.09
C ILE C 163 21.17 27.13 74.36
N ALA C 164 21.56 27.36 73.10
CA ALA C 164 22.18 26.30 72.31
C ALA C 164 23.51 25.86 72.90
N ASN C 165 24.36 26.81 73.31
CA ASN C 165 25.64 26.46 73.91
C ASN C 165 25.46 25.73 75.25
N ALA C 166 24.33 25.94 75.91
CA ALA C 166 24.13 25.40 77.25
C ALA C 166 23.40 24.06 77.25
N GLU C 167 22.54 23.81 76.27
CA GLU C 167 21.67 22.64 76.30
C GLU C 167 21.69 21.78 75.05
N LEU C 168 22.39 22.18 73.99
CA LEU C 168 22.43 21.42 72.75
C LEU C 168 23.86 21.04 72.41
N ALA C 169 24.05 19.80 71.96
CA ALA C 169 25.37 19.32 71.61
C ALA C 169 25.93 20.15 70.46
N PRO C 170 27.26 20.32 70.39
CA PRO C 170 27.85 21.10 69.29
C PRO C 170 27.48 20.58 67.91
N THR C 171 27.06 19.33 67.81
CA THR C 171 26.72 18.71 66.53
C THR C 171 25.22 18.71 66.26
N HIS C 172 24.41 19.20 67.18
CA HIS C 172 22.96 19.18 66.98
C HIS C 172 22.62 19.99 65.74
N PRO C 173 21.76 19.47 64.85
CA PRO C 173 21.45 20.23 63.62
C PRO C 173 20.91 21.62 63.89
N ILE C 174 20.06 21.78 64.91
CA ILE C 174 19.49 23.09 65.20
C ILE C 174 20.58 24.08 65.58
N ARG C 175 21.49 23.66 66.46
CA ARG C 175 22.58 24.54 66.87
C ARG C 175 23.46 24.91 65.68
N LEU C 176 23.82 23.93 64.87
CA LEU C 176 24.64 24.22 63.69
C LEU C 176 23.91 25.16 62.73
N GLY C 177 22.62 24.92 62.52
CA GLY C 177 21.85 25.81 61.66
C GLY C 177 21.80 27.23 62.18
N LEU C 178 21.69 27.38 63.50
CA LEU C 178 21.72 28.72 64.09
C LEU C 178 23.05 29.41 63.82
N ALA C 179 24.16 28.68 63.96
CA ALA C 179 25.47 29.28 63.73
C ALA C 179 25.64 29.66 62.27
N LEU C 180 25.18 28.82 61.36
CA LEU C 180 25.26 29.14 59.93
C LEU C 180 24.50 30.42 59.62
N ASN C 181 23.23 30.49 60.04
CA ASN C 181 22.42 31.66 59.74
C ASN C 181 22.93 32.89 60.50
N PHE C 182 23.39 32.71 61.73
CA PHE C 182 23.96 33.83 62.47
C PHE C 182 25.19 34.39 61.75
N SER C 183 26.02 33.51 61.19
CA SER C 183 27.19 33.97 60.44
C SER C 183 26.77 34.69 59.16
N VAL C 184 25.77 34.16 58.44
CA VAL C 184 25.24 34.86 57.27
C VAL C 184 24.73 36.24 57.66
N PHE C 185 24.01 36.32 58.78
CA PHE C 185 23.53 37.62 59.27
C PHE C 185 24.68 38.60 59.43
N TYR C 186 25.80 38.15 60.01
CA TYR C 186 26.94 39.03 60.20
C TYR C 186 27.49 39.52 58.87
N TYR C 187 27.60 38.64 57.88
CA TYR C 187 28.24 38.99 56.62
C TYR C 187 27.37 39.90 55.79
N GLU C 188 26.09 39.55 55.62
CA GLU C 188 25.22 40.25 54.68
C GLU C 188 24.55 41.47 55.31
N ILE C 189 24.02 41.34 56.52
CA ILE C 189 23.24 42.42 57.11
C ILE C 189 24.14 43.43 57.81
N LEU C 190 25.02 42.95 58.68
CA LEU C 190 25.89 43.81 59.46
C LEU C 190 27.22 44.11 58.78
N ASN C 191 27.49 43.49 57.62
CA ASN C 191 28.72 43.72 56.88
C ASN C 191 29.94 43.58 57.78
N SER C 192 29.95 42.52 58.59
CA SER C 192 31.06 42.18 59.48
C SER C 192 31.62 40.84 59.04
N PRO C 193 32.46 40.82 58.00
CA PRO C 193 32.99 39.53 57.52
C PRO C 193 33.82 38.79 58.54
N ASP C 194 34.65 39.50 59.32
CA ASP C 194 35.47 38.84 60.32
C ASP C 194 34.61 38.12 61.35
N ARG C 195 33.61 38.83 61.91
CA ARG C 195 32.73 38.20 62.87
C ARG C 195 31.97 37.03 62.26
N ALA C 196 31.68 37.11 60.95
CA ALA C 196 30.99 36.01 60.29
C ALA C 196 31.89 34.79 60.17
N CYS C 197 33.14 35.00 59.76
CA CYS C 197 34.06 33.87 59.63
C CYS C 197 34.37 33.23 60.97
N ASN C 198 34.58 34.04 62.01
CA ASN C 198 34.93 33.49 63.32
C ASN C 198 33.81 32.63 63.87
N LEU C 199 32.56 33.09 63.71
CA LEU C 199 31.44 32.30 64.23
C LEU C 199 31.25 31.02 63.43
N ALA C 200 31.41 31.10 62.11
CA ALA C 200 31.25 29.90 61.27
C ALA C 200 32.35 28.89 61.57
N LYS C 201 33.58 29.34 61.75
CA LYS C 201 34.67 28.42 62.09
C LYS C 201 34.48 27.86 63.50
N GLN C 202 34.14 28.71 64.46
CA GLN C 202 33.94 28.23 65.83
C GLN C 202 32.89 27.13 65.88
N ALA C 203 31.72 27.39 65.31
CA ALA C 203 30.66 26.37 65.30
C ALA C 203 31.12 25.11 64.61
N PHE C 204 31.97 25.24 63.59
CA PHE C 204 32.48 24.06 62.89
C PHE C 204 33.50 23.31 63.74
N ASP C 205 34.44 24.05 64.36
CA ASP C 205 35.46 23.40 65.16
C ASP C 205 34.86 22.70 66.38
N GLU C 206 33.89 23.34 67.03
CA GLU C 206 33.24 22.70 68.18
C GLU C 206 32.53 21.43 67.76
N ALA C 207 32.11 21.33 66.49
CA ALA C 207 31.40 20.15 66.01
C ALA C 207 32.37 19.01 65.71
N ILE C 208 33.41 19.28 64.92
CA ILE C 208 34.38 18.24 64.59
C ILE C 208 35.03 17.65 65.84
N ALA C 209 35.05 18.40 66.94
CA ALA C 209 35.67 17.89 68.16
C ALA C 209 34.91 16.69 68.71
N GLU C 210 33.58 16.72 68.66
CA GLU C 210 32.74 15.62 69.10
C GLU C 210 32.09 14.88 67.94
N LEU C 211 32.56 15.09 66.71
CA LEU C 211 31.94 14.47 65.55
C LEU C 211 32.14 12.96 65.57
N ASP C 212 33.39 12.51 65.78
CA ASP C 212 33.67 11.08 65.73
C ASP C 212 32.85 10.29 66.73
N THR C 213 32.32 10.94 67.77
CA THR C 213 31.39 10.29 68.71
C THR C 213 29.98 10.38 68.12
N LEU C 214 29.77 9.63 67.04
CA LEU C 214 28.54 9.66 66.28
C LEU C 214 28.02 8.24 66.07
N GLY C 215 26.78 8.15 65.57
CA GLY C 215 26.22 6.88 65.17
C GLY C 215 26.62 6.50 63.76
N GLU C 216 25.63 6.21 62.90
CA GLU C 216 25.91 5.99 61.49
C GLU C 216 24.96 6.79 60.63
N GLU C 217 23.72 6.95 61.08
CA GLU C 217 22.68 7.64 60.32
C GLU C 217 22.13 8.85 61.06
N SER C 218 22.78 9.31 62.11
CA SER C 218 22.36 10.49 62.85
C SER C 218 23.05 11.76 62.39
N TYR C 219 24.35 11.68 62.08
CA TYR C 219 25.10 12.84 61.63
C TYR C 219 25.00 13.06 60.12
N LYS C 220 23.99 12.45 59.49
CA LYS C 220 23.63 12.84 58.13
C LYS C 220 23.20 14.30 58.08
N ASP C 221 22.39 14.73 59.05
CA ASP C 221 21.91 16.10 59.09
C ASP C 221 22.99 17.05 59.56
N SER C 222 23.85 16.61 60.50
CA SER C 222 24.91 17.46 60.98
C SER C 222 25.97 17.68 59.92
N THR C 223 26.38 16.62 59.21
CA THR C 223 27.37 16.77 58.17
C THR C 223 26.90 17.72 57.08
N LEU C 224 25.60 17.73 56.78
CA LEU C 224 25.08 18.63 55.77
C LEU C 224 25.30 20.09 56.17
N ILE C 225 24.92 20.44 57.40
CA ILE C 225 25.08 21.82 57.86
C ILE C 225 26.55 22.19 57.93
N MET C 226 27.39 21.26 58.39
CA MET C 226 28.81 21.56 58.54
C MET C 226 29.48 21.81 57.20
N GLN C 227 29.04 21.12 56.14
CA GLN C 227 29.59 21.39 54.82
C GLN C 227 29.25 22.79 54.35
N LEU C 228 28.02 23.24 54.63
CA LEU C 228 27.64 24.61 54.29
C LEU C 228 28.51 25.62 55.03
N LEU C 229 28.77 25.38 56.31
CA LEU C 229 29.67 26.26 57.05
C LEU C 229 31.03 26.36 56.37
N ARG C 230 31.58 25.23 55.93
CA ARG C 230 32.85 25.26 55.22
C ARG C 230 32.74 26.03 53.90
N ASP C 231 31.72 25.72 53.11
CA ASP C 231 31.55 26.41 51.83
C ASP C 231 31.51 27.92 52.01
N ASN C 232 30.74 28.39 52.98
CA ASN C 232 30.69 29.82 53.26
C ASN C 232 32.05 30.34 53.70
N LEU C 233 32.75 29.59 54.54
CA LEU C 233 34.10 29.99 54.95
C LEU C 233 35.04 30.04 53.75
N THR C 234 34.97 29.03 52.87
CA THR C 234 35.80 29.04 51.68
C THR C 234 35.58 30.30 50.85
N LEU C 235 34.32 30.71 50.69
CA LEU C 235 34.03 31.92 49.92
C LEU C 235 34.45 33.17 50.68
N TRP C 236 34.24 33.18 52.00
CA TRP C 236 34.56 34.37 52.78
C TRP C 236 36.07 34.53 52.97
N THR C 237 36.83 33.44 52.95
CA THR C 237 38.26 33.52 53.23
C THR C 237 39.04 34.06 52.04
N SER C 238 38.65 33.69 50.82
CA SER C 238 39.21 34.27 49.60
C SER C 238 38.40 35.48 49.13
N ASP C 239 38.08 36.37 50.06
CA ASP C 239 37.21 37.53 49.80
C ASP C 239 35.76 37.10 49.61
N GLU D 1 25.94 34.15 46.54
CA GLU D 1 25.90 32.68 46.47
C GLU D 1 26.33 32.07 47.79
N LEU D 2 25.85 32.65 48.89
CA LEU D 2 26.05 32.07 50.21
C LEU D 2 24.90 31.11 50.53
N PHE D 3 25.11 30.30 51.56
CA PHE D 3 24.10 29.33 51.97
C PHE D 3 23.64 29.54 53.41
N ALA D 5 20.75 28.00 56.40
CA ALA D 5 20.35 26.66 56.81
C ALA D 5 19.12 26.20 56.02
N PRO D 6 19.03 24.89 55.75
CA PRO D 6 17.84 24.34 55.10
C PRO D 6 16.61 24.38 56.01
N GLY E 6 5.74 -17.20 21.72
CA GLY E 6 6.92 -17.00 20.88
C GLY E 6 6.76 -15.86 19.90
N ARG E 7 5.65 -15.87 19.15
CA ARG E 7 5.43 -14.84 18.14
C ARG E 7 5.38 -13.45 18.76
N GLU E 8 4.58 -13.27 19.81
CA GLU E 8 4.43 -11.95 20.40
C GLU E 8 5.72 -11.47 21.04
N GLU E 9 6.49 -12.38 21.64
CA GLU E 9 7.73 -11.98 22.30
C GLU E 9 8.75 -11.49 21.27
N PHE E 10 8.86 -12.17 20.13
CA PHE E 10 9.84 -11.79 19.13
C PHE E 10 9.42 -10.54 18.36
N VAL E 11 8.11 -10.27 18.26
CA VAL E 11 7.67 -9.02 17.68
C VAL E 11 8.10 -7.85 18.55
N TYR E 12 7.93 -7.97 19.86
CA TYR E 12 8.35 -6.90 20.76
C TYR E 12 9.86 -6.69 20.67
N MET E 13 10.63 -7.77 20.73
CA MET E 13 12.08 -7.65 20.59
C MET E 13 12.45 -6.92 19.31
N ALA E 14 11.75 -7.22 18.21
CA ALA E 14 12.02 -6.53 16.95
C ALA E 14 11.77 -5.03 17.09
N LYS E 15 10.70 -4.65 17.80
CA LYS E 15 10.43 -3.23 18.00
C LYS E 15 11.52 -2.56 18.84
N LEU E 16 11.97 -3.25 19.90
CA LEU E 16 13.07 -2.70 20.69
C LEU E 16 14.33 -2.55 19.85
N ALA E 17 14.63 -3.54 19.01
CA ALA E 17 15.81 -3.47 18.16
C ALA E 17 15.71 -2.30 17.18
N GLU E 18 14.50 -2.01 16.69
CA GLU E 18 14.32 -0.88 15.79
C GLU E 18 14.61 0.44 16.48
N GLN E 19 14.10 0.61 17.70
CA GLN E 19 14.36 1.84 18.44
C GLN E 19 15.83 1.96 18.81
N ALA E 20 16.47 0.83 19.14
CA ALA E 20 17.90 0.84 19.41
C ALA E 20 18.73 1.00 18.15
N GLU E 21 18.11 0.94 16.97
CA GLU E 21 18.83 1.01 15.70
C GLU E 21 19.84 -0.13 15.56
N ARG E 22 19.55 -1.26 16.20
CA ARG E 22 20.35 -2.48 16.06
C ARG E 22 19.61 -3.39 15.09
N TYR E 23 19.78 -3.11 13.80
CA TYR E 23 18.92 -3.70 12.77
C TYR E 23 19.30 -5.14 12.44
N GLU E 24 20.58 -5.50 12.56
CA GLU E 24 20.95 -6.91 12.38
C GLU E 24 20.19 -7.79 13.36
N GLU E 25 20.05 -7.33 14.60
CA GLU E 25 19.29 -8.09 15.60
C GLU E 25 17.79 -8.02 15.32
N MET E 26 17.32 -6.93 14.73
CA MET E 26 15.92 -6.86 14.33
C MET E 26 15.61 -7.92 13.28
N VAL E 27 16.54 -8.13 12.34
CA VAL E 27 16.38 -9.19 11.35
C VAL E 27 16.23 -10.54 12.03
N GLU E 28 17.12 -10.83 12.98
CA GLU E 28 17.06 -12.11 13.68
C GLU E 28 15.70 -12.30 14.35
N PHE E 29 15.21 -11.26 15.03
CA PHE E 29 13.92 -11.37 15.71
C PHE E 29 12.79 -11.62 14.72
N MET E 30 12.79 -10.91 13.59
CA MET E 30 11.72 -11.09 12.61
C MET E 30 11.86 -12.43 11.90
N GLU E 31 13.08 -12.92 11.68
CA GLU E 31 13.25 -14.27 11.18
C GLU E 31 12.58 -15.27 12.10
N LYS E 32 12.68 -15.06 13.41
CA LYS E 32 12.04 -15.96 14.37
C LYS E 32 10.53 -15.77 14.40
N VAL E 33 10.06 -14.55 14.11
CA VAL E 33 8.61 -14.34 13.96
C VAL E 33 8.09 -15.15 12.77
N SER E 34 8.77 -15.04 11.63
CA SER E 34 8.34 -15.76 10.44
C SER E 34 8.41 -17.27 10.64
N ALA E 35 9.36 -17.73 11.46
CA ALA E 35 9.46 -19.17 11.75
C ALA E 35 8.31 -19.64 12.64
N ALA E 36 7.85 -18.78 13.56
CA ALA E 36 6.74 -19.14 14.42
C ALA E 36 5.39 -19.06 13.70
N VAL E 37 5.33 -18.43 12.54
CA VAL E 37 4.10 -18.30 11.78
C VAL E 37 4.17 -19.23 10.58
N ASP E 38 3.89 -20.52 10.81
CA ASP E 38 3.96 -21.52 9.75
C ASP E 38 2.67 -21.51 8.94
N GLY E 39 2.79 -21.29 7.64
CA GLY E 39 1.64 -21.31 6.74
C GLY E 39 0.83 -20.04 6.78
N ASP E 40 0.56 -19.53 7.98
CA ASP E 40 -0.21 -18.31 8.14
C ASP E 40 0.60 -17.11 7.64
N GLU E 41 -0.12 -16.06 7.27
CA GLU E 41 0.52 -14.85 6.79
C GLU E 41 0.98 -13.99 7.95
N LEU E 42 2.07 -13.25 7.72
CA LEU E 42 2.47 -12.21 8.65
C LEU E 42 1.44 -11.09 8.62
N THR E 43 1.22 -10.47 9.77
CA THR E 43 0.34 -9.32 9.84
C THR E 43 0.96 -8.15 9.06
N VAL E 44 0.14 -7.13 8.81
CA VAL E 44 0.67 -5.92 8.18
C VAL E 44 1.76 -5.30 9.04
N GLU E 45 1.60 -5.36 10.36
CA GLU E 45 2.63 -4.85 11.26
C GLU E 45 3.89 -5.70 11.17
N GLU E 46 3.76 -7.02 11.29
CA GLU E 46 4.91 -7.91 11.21
C GLU E 46 5.59 -7.80 9.85
N ARG E 47 4.79 -7.82 8.78
CA ARG E 47 5.35 -7.71 7.44
C ARG E 47 6.16 -6.43 7.28
N ASN E 48 5.68 -5.32 7.85
CA ASN E 48 6.41 -4.07 7.71
C ASN E 48 7.66 -4.03 8.59
N LEU E 49 7.61 -4.65 9.77
CA LEU E 49 8.81 -4.72 10.60
C LEU E 49 9.90 -5.53 9.91
N LEU E 50 9.53 -6.62 9.24
CA LEU E 50 10.51 -7.41 8.51
C LEU E 50 11.14 -6.59 7.40
N SER E 51 10.33 -5.80 6.69
CA SER E 51 10.86 -4.99 5.60
C SER E 51 11.79 -3.90 6.10
N VAL E 52 11.42 -3.24 7.20
CA VAL E 52 12.28 -2.21 7.78
C VAL E 52 13.59 -2.81 8.26
N ALA E 53 13.53 -3.98 8.89
CA ALA E 53 14.73 -4.63 9.39
C ALA E 53 15.71 -4.89 8.25
N TYR E 54 15.26 -5.61 7.22
CA TYR E 54 16.15 -5.92 6.10
C TYR E 54 16.50 -4.68 5.30
N LYS E 55 15.59 -3.71 5.19
CA LYS E 55 15.88 -2.50 4.45
C LYS E 55 17.07 -1.75 5.04
N ASN E 56 17.12 -1.63 6.37
CA ASN E 56 18.23 -0.91 7.00
C ASN E 56 19.52 -1.71 6.95
N VAL E 57 19.45 -3.01 7.25
CA VAL E 57 20.64 -3.85 7.16
C VAL E 57 21.28 -3.73 5.78
N ILE E 58 20.47 -3.90 4.73
CA ILE E 58 21.01 -3.82 3.37
C ILE E 58 21.37 -2.38 3.02
N GLY E 59 20.60 -1.42 3.53
CA GLY E 59 20.87 -0.02 3.21
C GLY E 59 22.25 0.43 3.62
N ALA E 60 22.73 -0.05 4.77
CA ALA E 60 24.07 0.32 5.21
C ALA E 60 25.13 -0.24 4.26
N ARG E 61 25.03 -1.52 3.92
CA ARG E 61 26.00 -2.11 3.01
C ARG E 61 25.95 -1.46 1.64
N ARG E 62 24.75 -1.08 1.18
CA ARG E 62 24.64 -0.39 -0.11
C ARG E 62 25.32 0.96 -0.06
N ALA E 63 25.11 1.72 1.03
CA ALA E 63 25.82 2.99 1.19
C ALA E 63 27.33 2.77 1.21
N SER E 64 27.78 1.77 1.97
CA SER E 64 29.21 1.46 2.00
C SER E 64 29.72 1.09 0.62
N TRP E 65 28.99 0.24 -0.09
CA TRP E 65 29.44 -0.20 -1.40
C TRP E 65 29.59 0.98 -2.36
N ARG E 66 28.64 1.91 -2.33
CA ARG E 66 28.71 3.06 -3.23
C ARG E 66 29.95 3.90 -2.96
N ILE E 67 30.19 4.26 -1.70
CA ILE E 67 31.33 5.13 -1.38
C ILE E 67 32.63 4.42 -1.71
N ILE E 68 32.71 3.11 -1.46
CA ILE E 68 33.92 2.36 -1.78
C ILE E 68 34.13 2.31 -3.29
N SER E 69 33.05 2.18 -4.06
CA SER E 69 33.19 2.11 -5.52
C SER E 69 33.69 3.44 -6.09
N SER E 70 33.19 4.56 -5.57
CA SER E 70 33.69 5.85 -6.01
C SER E 70 35.17 6.00 -5.72
N ILE E 71 35.61 5.56 -4.54
CA ILE E 71 37.03 5.64 -4.19
C ILE E 71 37.85 4.74 -5.12
N GLU E 72 37.32 3.57 -5.48
CA GLU E 72 38.06 2.67 -6.36
C GLU E 72 38.30 3.32 -7.71
N GLN E 73 37.28 3.99 -8.26
CA GLN E 73 37.44 4.64 -9.56
C GLN E 73 38.44 5.80 -9.47
N LYS E 74 38.38 6.58 -8.39
CA LYS E 74 39.32 7.68 -8.22
C LYS E 74 40.76 7.16 -8.15
N GLU E 75 40.98 6.05 -7.43
CA GLU E 75 42.32 5.50 -7.31
C GLU E 75 42.77 4.83 -8.59
N GLU E 76 41.83 4.28 -9.37
CA GLU E 76 42.19 3.72 -10.67
C GLU E 76 42.72 4.80 -11.61
N SER E 77 42.10 5.98 -11.58
CA SER E 77 42.53 7.06 -12.46
C SER E 77 43.91 7.58 -12.08
N ARG E 78 44.28 7.48 -10.80
CA ARG E 78 45.58 7.95 -10.34
C ARG E 78 46.69 6.92 -10.50
N GLY E 79 46.33 5.64 -10.66
CA GLY E 79 47.31 4.62 -10.94
C GLY E 79 47.89 3.91 -9.73
N ASN E 80 47.32 4.09 -8.55
CA ASN E 80 47.82 3.44 -7.34
C ASN E 80 47.32 2.00 -7.34
N ASP E 81 48.13 1.10 -7.90
CA ASP E 81 47.72 -0.29 -7.99
C ASP E 81 47.61 -0.94 -6.61
N ASP E 82 48.50 -0.57 -5.70
CA ASP E 82 48.42 -1.11 -4.33
C ASP E 82 47.10 -0.71 -3.68
N HIS E 83 46.71 0.56 -3.83
CA HIS E 83 45.44 1.00 -3.24
C HIS E 83 44.26 0.29 -3.90
N VAL E 84 44.23 0.25 -5.23
CA VAL E 84 43.13 -0.39 -5.92
C VAL E 84 42.99 -1.84 -5.49
N THR E 85 44.12 -2.57 -5.39
CA THR E 85 44.06 -3.95 -4.94
C THR E 85 43.39 -4.06 -3.57
N ALA E 86 43.71 -3.13 -2.67
CA ALA E 86 43.15 -3.20 -1.32
C ALA E 86 41.69 -2.77 -1.31
N ILE E 87 41.34 -1.79 -2.16
CA ILE E 87 39.94 -1.36 -2.25
C ILE E 87 39.07 -2.50 -2.76
N ARG E 88 39.55 -3.21 -3.77
CA ARG E 88 38.75 -4.29 -4.35
C ARG E 88 38.50 -5.40 -3.34
N GLU E 89 39.52 -5.76 -2.56
CA GLU E 89 39.32 -6.77 -1.53
C GLU E 89 38.29 -6.32 -0.51
N TYR E 90 38.30 -5.03 -0.16
CA TYR E 90 37.32 -4.51 0.78
C TYR E 90 35.94 -4.43 0.14
N ARG E 91 35.87 -3.95 -1.11
CA ARG E 91 34.62 -3.96 -1.84
C ARG E 91 34.07 -5.38 -1.95
N SER E 92 34.95 -6.36 -2.20
CA SER E 92 34.52 -7.75 -2.31
C SER E 92 33.97 -8.26 -0.98
N LYS E 93 34.51 -7.79 0.14
CA LYS E 93 33.98 -8.16 1.44
C LYS E 93 32.57 -7.63 1.64
N ILE E 94 32.32 -6.39 1.22
CA ILE E 94 31.00 -5.81 1.34
C ILE E 94 30.01 -6.54 0.44
N GLU E 95 30.45 -6.89 -0.78
CA GLU E 95 29.58 -7.62 -1.70
C GLU E 95 29.20 -8.98 -1.13
N THR E 96 30.11 -9.62 -0.39
CA THR E 96 29.78 -10.89 0.24
C THR E 96 28.65 -10.72 1.24
N GLU E 97 28.70 -9.65 2.04
CA GLU E 97 27.61 -9.38 2.98
C GLU E 97 26.31 -9.10 2.23
N LEU E 98 26.37 -8.23 1.21
CA LEU E 98 25.20 -7.92 0.42
C LEU E 98 24.53 -9.20 -0.10
N SER E 99 25.32 -10.09 -0.70
CA SER E 99 24.76 -11.35 -1.18
C SER E 99 24.17 -12.17 -0.03
N GLY E 100 24.83 -12.20 1.11
CA GLY E 100 24.31 -12.95 2.24
C GLY E 100 23.01 -12.38 2.77
N ILE E 101 22.89 -11.05 2.79
CA ILE E 101 21.65 -10.43 3.26
C ILE E 101 20.52 -10.71 2.28
N CYS E 102 20.74 -10.43 1.00
CA CYS E 102 19.70 -10.67 0.00
C CYS E 102 19.27 -12.13 0.00
N ASP E 103 20.23 -13.05 0.13
CA ASP E 103 19.89 -14.47 0.15
C ASP E 103 18.97 -14.80 1.30
N GLY E 104 19.20 -14.19 2.47
CA GLY E 104 18.38 -14.51 3.63
C GLY E 104 16.91 -14.18 3.41
N ILE E 105 16.63 -12.97 2.93
CA ILE E 105 15.24 -12.56 2.75
C ILE E 105 14.63 -13.24 1.52
N LEU E 106 15.42 -13.41 0.45
CA LEU E 106 14.91 -14.10 -0.73
C LEU E 106 14.54 -15.54 -0.41
N LYS E 107 15.37 -16.20 0.40
CA LYS E 107 15.04 -17.56 0.84
C LYS E 107 13.75 -17.58 1.65
N LEU E 108 13.55 -16.56 2.49
CA LEU E 108 12.32 -16.48 3.27
C LEU E 108 11.12 -16.17 2.38
N LEU E 109 11.31 -15.29 1.39
CA LEU E 109 10.22 -14.97 0.47
C LEU E 109 9.81 -16.19 -0.34
N ASP E 110 10.78 -16.88 -0.95
CA ASP E 110 10.46 -17.97 -1.85
C ASP E 110 9.85 -19.16 -1.12
N SER E 111 10.26 -19.41 0.13
CA SER E 111 9.89 -20.64 0.82
C SER E 111 8.73 -20.47 1.79
N ARG E 112 8.35 -19.24 2.13
CA ARG E 112 7.28 -19.04 3.11
C ARG E 112 6.32 -17.92 2.71
N LEU E 113 6.85 -16.72 2.51
CA LEU E 113 5.98 -15.54 2.40
C LEU E 113 5.19 -15.53 1.11
N ILE E 114 5.86 -15.76 -0.02
CA ILE E 114 5.19 -15.73 -1.32
C ILE E 114 4.20 -16.90 -1.40
N PRO E 115 4.61 -18.13 -1.06
CA PRO E 115 3.65 -19.24 -1.08
C PRO E 115 2.39 -18.99 -0.26
N ALA E 116 2.52 -18.33 0.88
CA ALA E 116 1.41 -18.16 1.81
C ALA E 116 0.56 -16.93 1.54
N ALA E 117 1.03 -16.00 0.72
CA ALA E 117 0.27 -14.79 0.44
C ALA E 117 -1.08 -15.16 -0.18
N ALA E 118 -2.17 -14.76 0.50
CA ALA E 118 -3.50 -15.17 0.10
C ALA E 118 -4.33 -14.08 -0.56
N SER E 119 -3.97 -12.81 -0.38
CA SER E 119 -4.68 -11.70 -0.99
C SER E 119 -3.82 -11.01 -2.03
N GLY E 120 -4.47 -10.26 -2.92
CA GLY E 120 -3.72 -9.46 -3.87
C GLY E 120 -2.84 -8.44 -3.21
N ASP E 121 -3.24 -7.95 -2.03
CA ASP E 121 -2.43 -6.99 -1.29
C ASP E 121 -1.06 -7.58 -0.95
N SER E 122 -1.05 -8.76 -0.32
CA SER E 122 0.21 -9.35 0.12
C SER E 122 1.00 -9.96 -1.04
N LYS E 123 0.31 -10.46 -2.08
CA LYS E 123 1.02 -11.01 -3.23
C LYS E 123 1.88 -9.96 -3.91
N VAL E 124 1.33 -8.76 -4.12
CA VAL E 124 2.10 -7.70 -4.75
C VAL E 124 3.23 -7.26 -3.84
N PHE E 125 2.99 -7.21 -2.52
CA PHE E 125 4.01 -6.77 -1.58
C PHE E 125 5.22 -7.69 -1.62
N TYR E 126 5.00 -8.99 -1.41
CA TYR E 126 6.11 -9.93 -1.33
C TYR E 126 6.79 -10.13 -2.68
N LEU E 127 6.03 -10.08 -3.78
CA LEU E 127 6.66 -10.14 -5.10
C LEU E 127 7.45 -8.87 -5.37
N LYS E 128 6.91 -7.72 -5.00
CA LYS E 128 7.66 -6.47 -5.10
C LYS E 128 8.93 -6.53 -4.25
N MET E 129 8.83 -7.10 -3.05
CA MET E 129 10.01 -7.21 -2.21
C MET E 129 11.05 -8.12 -2.83
N LYS E 130 10.62 -9.26 -3.38
CA LYS E 130 11.53 -10.15 -4.09
C LYS E 130 12.27 -9.39 -5.18
N GLY E 131 11.55 -8.60 -5.96
CA GLY E 131 12.20 -7.80 -6.99
C GLY E 131 13.15 -6.77 -6.41
N ASP E 132 12.79 -6.19 -5.26
CA ASP E 132 13.66 -5.20 -4.64
C ASP E 132 15.04 -5.78 -4.34
N TYR E 133 15.08 -7.00 -3.79
CA TYR E 133 16.35 -7.57 -3.35
C TYR E 133 17.12 -8.26 -4.46
N HIS E 134 16.45 -8.69 -5.53
CA HIS E 134 17.19 -9.04 -6.75
C HIS E 134 17.81 -7.80 -7.37
N ARG E 135 17.11 -6.67 -7.29
CA ARG E 135 17.65 -5.42 -7.83
C ARG E 135 18.90 -5.00 -7.07
N TYR E 136 18.91 -5.18 -5.75
CA TYR E 136 20.09 -4.82 -4.96
C TYR E 136 21.28 -5.69 -5.35
N LEU E 137 21.03 -6.97 -5.64
CA LEU E 137 22.08 -7.82 -6.19
C LEU E 137 22.58 -7.25 -7.52
N ALA E 138 21.65 -6.88 -8.40
CA ALA E 138 22.03 -6.37 -9.72
C ALA E 138 22.84 -5.09 -9.61
N GLU E 139 22.68 -4.34 -8.52
CA GLU E 139 23.40 -3.08 -8.38
C GLU E 139 24.92 -3.29 -8.44
N PHE E 140 25.40 -4.38 -7.84
CA PHE E 140 26.84 -4.62 -7.75
C PHE E 140 27.32 -5.81 -8.57
N LYS E 141 26.43 -6.70 -8.98
CA LYS E 141 26.85 -7.81 -9.83
C LYS E 141 27.15 -7.31 -11.24
N THR E 142 27.93 -8.10 -11.97
CA THR E 142 28.37 -7.74 -13.31
C THR E 142 28.17 -8.92 -14.25
N GLY E 143 28.17 -8.62 -15.54
CA GLY E 143 28.14 -9.67 -16.55
C GLY E 143 26.87 -10.49 -16.48
N GLN E 144 27.02 -11.81 -16.64
CA GLN E 144 25.87 -12.70 -16.66
C GLN E 144 25.17 -12.73 -15.32
N GLU E 145 25.92 -12.61 -14.22
CA GLU E 145 25.30 -12.57 -12.90
C GLU E 145 24.40 -11.36 -12.76
N ARG E 146 24.79 -10.24 -13.37
CA ARG E 146 23.96 -9.04 -13.31
C ARG E 146 22.68 -9.23 -14.14
N LYS E 147 22.80 -9.81 -15.33
CA LYS E 147 21.62 -10.03 -16.17
C LYS E 147 20.68 -11.03 -15.52
N ASP E 148 21.22 -12.09 -14.92
CA ASP E 148 20.35 -13.06 -14.24
C ASP E 148 19.60 -12.41 -13.09
N ALA E 149 20.25 -11.48 -12.38
CA ALA E 149 19.57 -10.75 -11.31
C ALA E 149 18.54 -9.80 -11.89
N ALA E 150 18.92 -9.05 -12.94
CA ALA E 150 17.97 -8.14 -13.57
C ALA E 150 16.74 -8.88 -14.08
N GLU E 151 16.93 -10.11 -14.58
CA GLU E 151 15.80 -10.88 -15.08
C GLU E 151 14.92 -11.36 -13.94
N HIS E 152 15.52 -11.74 -12.80
CA HIS E 152 14.71 -12.08 -11.64
C HIS E 152 13.96 -10.87 -11.09
N THR E 153 14.52 -9.67 -11.25
CA THR E 153 13.82 -8.47 -10.83
C THR E 153 12.62 -8.21 -11.73
N LEU E 154 12.84 -8.17 -13.04
CA LEU E 154 11.75 -7.91 -13.98
C LEU E 154 10.67 -8.98 -13.86
N ALA E 155 11.06 -10.23 -13.63
CA ALA E 155 10.07 -11.30 -13.47
C ALA E 155 9.19 -11.06 -12.25
N ALA E 156 9.79 -10.65 -11.13
CA ALA E 156 9.02 -10.42 -9.92
C ALA E 156 8.19 -9.15 -10.03
N TYR E 157 8.80 -8.06 -10.52
CA TYR E 157 8.06 -6.81 -10.65
C TYR E 157 6.89 -6.95 -11.61
N LYS E 158 7.13 -7.56 -12.78
CA LYS E 158 6.06 -7.67 -13.78
C LYS E 158 4.93 -8.56 -13.29
N SER E 159 5.27 -9.71 -12.70
CA SER E 159 4.22 -10.55 -12.10
C SER E 159 3.44 -9.77 -11.06
N ALA E 160 4.15 -9.04 -10.18
CA ALA E 160 3.48 -8.19 -9.21
C ALA E 160 2.59 -7.17 -9.90
N GLN E 161 3.09 -6.56 -10.98
CA GLN E 161 2.30 -5.56 -11.69
C GLN E 161 0.99 -6.14 -12.18
N ASP E 162 1.03 -7.35 -12.75
CA ASP E 162 -0.20 -7.97 -13.26
C ASP E 162 -1.27 -8.07 -12.18
N ILE E 163 -0.86 -8.44 -10.96
CA ILE E 163 -1.82 -8.54 -9.86
C ILE E 163 -2.23 -7.16 -9.38
N ALA E 164 -1.28 -6.23 -9.34
CA ALA E 164 -1.60 -4.88 -8.88
C ALA E 164 -2.61 -4.21 -9.79
N ASN E 165 -2.39 -4.29 -11.11
CA ASN E 165 -3.32 -3.71 -12.06
C ASN E 165 -4.70 -4.38 -12.01
N ALA E 166 -4.77 -5.62 -11.54
CA ALA E 166 -6.01 -6.37 -11.55
C ALA E 166 -6.78 -6.30 -10.24
N GLU E 167 -6.08 -6.11 -9.10
CA GLU E 167 -6.72 -6.22 -7.80
C GLU E 167 -6.49 -5.04 -6.88
N LEU E 168 -5.63 -4.08 -7.23
CA LEU E 168 -5.32 -2.95 -6.38
C LEU E 168 -5.68 -1.66 -7.08
N ALA E 169 -6.19 -0.69 -6.31
CA ALA E 169 -6.56 0.59 -6.88
C ALA E 169 -5.31 1.32 -7.37
N PRO E 170 -5.46 2.19 -8.39
CA PRO E 170 -4.28 2.94 -8.88
C PRO E 170 -3.62 3.78 -7.81
N THR E 171 -4.33 4.11 -6.73
CA THR E 171 -3.80 4.92 -5.65
C THR E 171 -3.24 4.11 -4.50
N HIS E 172 -3.34 2.78 -4.56
CA HIS E 172 -2.91 1.96 -3.44
C HIS E 172 -1.41 2.15 -3.23
N PRO E 173 -0.96 2.41 -1.99
CA PRO E 173 0.47 2.62 -1.76
C PRO E 173 1.35 1.49 -2.28
N ILE E 174 0.93 0.24 -2.11
CA ILE E 174 1.76 -0.88 -2.56
C ILE E 174 1.90 -0.87 -4.08
N ARG E 175 0.81 -0.58 -4.80
CA ARG E 175 0.89 -0.51 -6.25
C ARG E 175 1.77 0.66 -6.70
N LEU E 176 1.61 1.82 -6.06
CA LEU E 176 2.45 2.96 -6.39
C LEU E 176 3.91 2.70 -6.06
N GLY E 177 4.17 2.10 -4.89
CA GLY E 177 5.55 1.77 -4.54
C GLY E 177 6.19 0.83 -5.55
N LEU E 178 5.42 -0.16 -6.01
CA LEU E 178 5.92 -1.04 -7.06
C LEU E 178 6.29 -0.25 -8.31
N ALA E 179 5.44 0.68 -8.72
CA ALA E 179 5.74 1.49 -9.90
C ALA E 179 7.00 2.33 -9.68
N LEU E 180 7.17 2.88 -8.49
CA LEU E 180 8.35 3.68 -8.20
C LEU E 180 9.62 2.85 -8.35
N ASN E 181 9.66 1.67 -7.71
CA ASN E 181 10.85 0.84 -7.80
C ASN E 181 11.02 0.25 -9.20
N PHE E 182 9.92 -0.15 -9.82
CA PHE E 182 10.00 -0.67 -11.19
C PHE E 182 10.61 0.38 -12.11
N SER E 183 10.21 1.64 -11.96
CA SER E 183 10.78 2.71 -12.79
C SER E 183 12.26 2.90 -12.48
N VAL E 184 12.62 2.95 -11.20
CA VAL E 184 14.02 3.03 -10.82
C VAL E 184 14.81 1.88 -11.44
N PHE E 185 14.24 0.68 -11.41
CA PHE E 185 14.90 -0.48 -12.02
C PHE E 185 15.21 -0.23 -13.48
N TYR E 186 14.29 0.39 -14.21
CA TYR E 186 14.53 0.70 -15.62
C TYR E 186 15.69 1.68 -15.77
N TYR E 187 15.72 2.73 -14.95
CA TYR E 187 16.69 3.80 -15.14
C TYR E 187 18.09 3.38 -14.71
N GLU E 188 18.21 2.68 -13.58
CA GLU E 188 19.52 2.38 -13.02
C GLU E 188 20.10 1.07 -13.53
N ILE E 189 19.29 0.00 -13.57
CA ILE E 189 19.79 -1.32 -13.94
C ILE E 189 19.77 -1.50 -15.46
N LEU E 190 18.62 -1.27 -16.09
CA LEU E 190 18.47 -1.52 -17.52
C LEU E 190 18.84 -0.32 -18.38
N ASN E 191 19.17 0.82 -17.78
CA ASN E 191 19.57 2.01 -18.53
C ASN E 191 18.56 2.34 -19.62
N SER E 192 17.28 2.35 -19.24
CA SER E 192 16.17 2.68 -20.13
C SER E 192 15.44 3.88 -19.55
N PRO E 193 15.97 5.09 -19.74
CA PRO E 193 15.31 6.26 -19.15
C PRO E 193 13.90 6.47 -19.64
N ASP E 194 13.67 6.32 -20.95
CA ASP E 194 12.33 6.55 -21.50
C ASP E 194 11.31 5.60 -20.86
N ARG E 195 11.64 4.32 -20.78
CA ARG E 195 10.74 3.35 -20.15
C ARG E 195 10.56 3.65 -18.67
N ALA E 196 11.59 4.19 -18.01
CA ALA E 196 11.49 4.50 -16.60
C ALA E 196 10.51 5.65 -16.35
N CYS E 197 10.62 6.72 -17.14
CA CYS E 197 9.72 7.85 -16.99
C CYS E 197 8.29 7.47 -17.33
N ASN E 198 8.08 6.84 -18.49
CA ASN E 198 6.73 6.49 -18.91
C ASN E 198 6.02 5.66 -17.84
N LEU E 199 6.73 4.72 -17.21
CA LEU E 199 6.13 3.93 -16.16
C LEU E 199 5.82 4.79 -14.94
N ALA E 200 6.73 5.71 -14.60
CA ALA E 200 6.50 6.60 -13.47
C ALA E 200 5.32 7.52 -13.73
N LYS E 201 5.28 8.16 -14.90
CA LYS E 201 4.19 9.05 -15.23
C LYS E 201 2.87 8.30 -15.32
N GLN E 202 2.89 7.12 -15.94
CA GLN E 202 1.67 6.33 -16.07
C GLN E 202 1.08 6.00 -14.71
N ALA E 203 1.90 5.46 -13.81
CA ALA E 203 1.43 5.16 -12.45
C ALA E 203 0.97 6.43 -11.74
N PHE E 204 1.63 7.55 -12.01
CA PHE E 204 1.28 8.81 -11.34
C PHE E 204 -0.01 9.38 -11.90
N ASP E 205 -0.21 9.29 -13.21
CA ASP E 205 -1.44 9.82 -13.81
C ASP E 205 -2.65 9.00 -13.38
N GLU E 206 -2.57 7.67 -13.52
CA GLU E 206 -3.68 6.82 -13.11
C GLU E 206 -4.05 7.00 -11.64
N ALA E 207 -3.18 7.59 -10.84
CA ALA E 207 -3.44 7.78 -9.42
C ALA E 207 -4.01 9.16 -9.11
N ILE E 208 -3.56 10.21 -9.81
CA ILE E 208 -4.18 11.52 -9.61
C ILE E 208 -5.62 11.50 -10.09
N ALA E 209 -5.95 10.61 -11.03
CA ALA E 209 -7.31 10.55 -11.56
C ALA E 209 -8.32 10.27 -10.46
N GLU E 210 -7.96 9.40 -9.51
CA GLU E 210 -8.83 9.07 -8.39
C GLU E 210 -8.33 9.67 -7.09
N LEU E 211 -7.52 10.73 -7.16
CA LEU E 211 -6.91 11.29 -5.96
C LEU E 211 -7.93 12.04 -5.11
N ASP E 212 -8.99 12.57 -5.73
CA ASP E 212 -10.06 13.19 -4.98
C ASP E 212 -10.90 12.16 -4.23
N THR E 213 -10.91 10.92 -4.71
CA THR E 213 -11.69 9.86 -4.10
C THR E 213 -11.11 9.40 -2.75
N LEU E 214 -9.86 9.74 -2.47
CA LEU E 214 -9.23 9.28 -1.24
C LEU E 214 -9.76 10.04 -0.04
N GLY E 215 -9.67 9.39 1.13
CA GLY E 215 -10.02 10.02 2.37
C GLY E 215 -8.97 11.04 2.78
N GLU E 216 -8.58 11.02 4.05
CA GLU E 216 -7.46 11.81 4.53
C GLU E 216 -6.29 10.96 4.99
N GLU E 217 -6.54 9.86 5.71
CA GLU E 217 -5.47 8.96 6.09
C GLU E 217 -4.93 8.20 4.87
N SER E 218 -5.78 7.92 3.90
CA SER E 218 -5.33 7.26 2.68
C SER E 218 -4.77 8.26 1.67
N TYR E 219 -5.22 9.51 1.72
CA TYR E 219 -4.69 10.54 0.84
C TYR E 219 -3.24 10.87 1.16
N LYS E 220 -2.84 10.71 2.43
CA LYS E 220 -1.47 11.03 2.80
C LYS E 220 -0.51 9.91 2.43
N ASP E 221 -0.94 8.65 2.58
CA ASP E 221 -0.08 7.53 2.21
C ASP E 221 0.20 7.53 0.70
N SER E 222 -0.82 7.79 -0.11
CA SER E 222 -0.63 7.81 -1.55
C SER E 222 0.15 9.04 -2.00
N THR E 223 -0.16 10.21 -1.43
CA THR E 223 0.54 11.43 -1.81
C THR E 223 2.03 11.32 -1.53
N LEU E 224 2.41 10.58 -0.49
CA LEU E 224 3.83 10.41 -0.18
C LEU E 224 4.56 9.71 -1.31
N ILE E 225 4.03 8.58 -1.78
CA ILE E 225 4.69 7.84 -2.84
C ILE E 225 4.69 8.66 -4.13
N MET E 226 3.59 9.37 -4.41
CA MET E 226 3.51 10.14 -5.64
C MET E 226 4.56 11.24 -5.68
N GLN E 227 4.81 11.89 -4.54
CA GLN E 227 5.82 12.94 -4.51
C GLN E 227 7.20 12.39 -4.86
N LEU E 228 7.47 11.14 -4.48
CA LEU E 228 8.73 10.51 -4.88
C LEU E 228 8.75 10.25 -6.38
N LEU E 229 7.63 9.78 -6.94
CA LEU E 229 7.53 9.63 -8.39
C LEU E 229 7.85 10.94 -9.09
N ARG E 230 7.29 12.04 -8.60
CA ARG E 230 7.51 13.33 -9.23
C ARG E 230 8.96 13.78 -9.10
N ASP E 231 9.56 13.59 -7.91
CA ASP E 231 10.95 13.99 -7.73
C ASP E 231 11.86 13.25 -8.69
N ASN E 232 11.60 11.95 -8.91
CA ASN E 232 12.37 11.21 -9.90
C ASN E 232 12.10 11.73 -11.30
N LEU E 233 10.83 12.03 -11.62
CA LEU E 233 10.50 12.55 -12.94
C LEU E 233 11.08 13.95 -13.15
N THR E 234 11.22 14.73 -12.08
CA THR E 234 11.86 16.04 -12.20
C THR E 234 13.33 15.89 -12.54
N LEU E 235 14.01 14.90 -11.94
CA LEU E 235 15.42 14.68 -12.23
C LEU E 235 15.61 14.01 -13.59
N TRP E 236 14.74 13.06 -13.93
CA TRP E 236 14.84 12.36 -15.20
C TRP E 236 14.39 13.25 -16.36
N THR E 237 14.76 14.53 -16.31
CA THR E 237 14.37 15.49 -17.34
C THR E 237 15.63 16.06 -18.00
N GLU F 1 20.12 11.35 -4.95
CA GLU F 1 18.98 12.05 -5.51
C GLU F 1 17.80 11.12 -5.74
N LEU F 2 18.04 10.02 -6.47
CA LEU F 2 16.96 9.12 -6.80
C LEU F 2 16.39 8.46 -5.55
N PHE F 3 15.07 8.34 -5.50
CA PHE F 3 14.38 7.75 -4.36
C PHE F 3 13.61 6.50 -4.77
N ALA F 5 11.01 3.21 -3.05
CA ALA F 5 9.88 3.16 -2.14
C ALA F 5 10.33 3.10 -0.67
N PRO F 6 9.55 3.72 0.23
CA PRO F 6 9.87 3.64 1.66
C PRO F 6 9.48 2.29 2.26
N MET G 3 58.80 -6.47 0.69
CA MET G 3 58.43 -6.00 2.02
C MET G 3 56.92 -6.08 2.22
N ALA G 4 56.51 -6.55 3.40
CA ALA G 4 55.12 -6.88 3.64
C ALA G 4 54.27 -5.62 3.89
N SER G 5 52.96 -5.79 3.79
CA SER G 5 52.02 -4.71 4.04
C SER G 5 51.90 -4.49 5.55
N GLY G 6 52.26 -3.29 6.00
CA GLY G 6 52.27 -3.01 7.42
C GLY G 6 51.54 -1.75 7.84
N ARG G 7 52.29 -0.80 8.41
CA ARG G 7 51.68 0.34 9.08
C ARG G 7 50.84 1.16 8.11
N GLU G 8 51.46 1.67 7.05
CA GLU G 8 50.75 2.57 6.15
C GLU G 8 49.59 1.89 5.44
N GLU G 9 49.67 0.57 5.26
CA GLU G 9 48.61 -0.13 4.54
C GLU G 9 47.37 -0.30 5.40
N PHE G 10 47.58 -0.53 6.70
CA PHE G 10 46.43 -0.62 7.63
C PHE G 10 45.80 0.74 7.86
N VAL G 11 46.62 1.81 7.89
CA VAL G 11 46.07 3.15 7.98
C VAL G 11 45.10 3.41 6.84
N TYR G 12 45.46 2.99 5.63
CA TYR G 12 44.58 3.19 4.48
C TYR G 12 43.29 2.42 4.65
N MET G 13 43.38 1.14 5.06
CA MET G 13 42.17 0.37 5.34
C MET G 13 41.30 1.08 6.36
N ALA G 14 41.91 1.64 7.42
CA ALA G 14 41.13 2.37 8.40
C ALA G 14 40.40 3.53 7.76
N LYS G 15 41.06 4.26 6.85
CA LYS G 15 40.40 5.36 6.17
C LYS G 15 39.23 4.88 5.33
N LEU G 16 39.41 3.77 4.61
CA LEU G 16 38.31 3.22 3.83
C LEU G 16 37.15 2.81 4.72
N ALA G 17 37.46 2.22 5.88
CA ALA G 17 36.39 1.82 6.80
C ALA G 17 35.67 3.04 7.36
N GLU G 18 36.37 4.17 7.50
CA GLU G 18 35.71 5.39 7.94
C GLU G 18 34.73 5.89 6.89
N GLN G 19 35.18 6.00 5.64
CA GLN G 19 34.29 6.40 4.55
C GLN G 19 33.07 5.49 4.48
N ALA G 20 33.29 4.17 4.60
CA ALA G 20 32.18 3.22 4.55
C ALA G 20 31.35 3.22 5.82
N GLU G 21 31.75 3.97 6.85
CA GLU G 21 31.07 3.99 8.13
C GLU G 21 30.95 2.60 8.73
N ARG G 22 31.97 1.77 8.51
CA ARG G 22 32.08 0.44 9.12
C ARG G 22 33.12 0.57 10.22
N TYR G 23 32.68 1.11 11.36
CA TYR G 23 33.63 1.57 12.37
C TYR G 23 34.22 0.43 13.20
N GLU G 24 33.45 -0.65 13.44
CA GLU G 24 34.03 -1.81 14.12
C GLU G 24 35.25 -2.31 13.36
N GLU G 25 35.18 -2.33 12.02
CA GLU G 25 36.34 -2.72 11.23
C GLU G 25 37.42 -1.64 11.25
N MET G 26 37.02 -0.38 11.38
CA MET G 26 38.02 0.68 11.52
C MET G 26 38.83 0.50 12.80
N VAL G 27 38.18 0.03 13.86
CA VAL G 27 38.90 -0.27 15.11
C VAL G 27 39.92 -1.37 14.87
N GLU G 28 39.52 -2.43 14.16
CA GLU G 28 40.43 -3.54 13.92
C GLU G 28 41.65 -3.09 13.12
N PHE G 29 41.45 -2.23 12.11
CA PHE G 29 42.57 -1.76 11.31
C PHE G 29 43.51 -0.90 12.14
N MET G 30 42.97 -0.07 13.04
CA MET G 30 43.83 0.75 13.89
C MET G 30 44.50 -0.08 14.98
N GLU G 31 43.82 -1.12 15.47
CA GLU G 31 44.47 -2.06 16.38
C GLU G 31 45.71 -2.66 15.71
N LYS G 32 45.63 -2.95 14.41
CA LYS G 32 46.79 -3.51 13.71
C LYS G 32 47.85 -2.46 13.44
N VAL G 33 47.45 -1.20 13.22
CA VAL G 33 48.42 -0.12 13.13
C VAL G 33 49.20 0.00 14.44
N SER G 34 48.48 -0.04 15.56
CA SER G 34 49.12 0.09 16.86
C SER G 34 50.05 -1.09 17.14
N ALA G 35 49.66 -2.29 16.70
CA ALA G 35 50.52 -3.46 16.90
C ALA G 35 51.80 -3.35 16.07
N ALA G 36 51.70 -2.80 14.86
CA ALA G 36 52.87 -2.64 14.02
C ALA G 36 53.83 -1.57 14.52
N VAL G 37 53.39 -0.72 15.45
CA VAL G 37 54.22 0.35 15.97
C VAL G 37 54.56 0.04 17.43
N ASP G 38 55.53 -0.84 17.65
CA ASP G 38 55.92 -1.25 18.99
C ASP G 38 56.89 -0.24 19.58
N GLY G 39 56.53 0.33 20.72
CA GLY G 39 57.39 1.31 21.38
C GLY G 39 57.33 2.71 20.81
N ASP G 40 57.40 2.83 19.49
CA ASP G 40 57.30 4.13 18.86
C ASP G 40 55.87 4.66 19.00
N GLU G 41 55.71 5.96 18.79
CA GLU G 41 54.43 6.62 18.97
C GLU G 41 53.62 6.59 17.68
N LEU G 42 52.30 6.53 17.84
CA LEU G 42 51.40 6.78 16.72
C LEU G 42 51.50 8.23 16.30
N THR G 43 51.38 8.47 15.00
CA THR G 43 51.35 9.84 14.50
C THR G 43 50.07 10.53 14.94
N VAL G 44 50.04 11.85 14.77
CA VAL G 44 48.81 12.61 15.07
C VAL G 44 47.66 12.06 14.25
N GLU G 45 47.89 11.78 12.97
CA GLU G 45 46.85 11.22 12.12
C GLU G 45 46.39 9.86 12.65
N GLU G 46 47.33 8.94 12.83
CA GLU G 46 46.97 7.61 13.33
C GLU G 46 46.26 7.70 14.67
N ARG G 47 46.79 8.51 15.58
CA ARG G 47 46.18 8.64 16.90
C ARG G 47 44.74 9.13 16.80
N ASN G 48 44.48 10.10 15.92
CA ASN G 48 43.12 10.60 15.75
C ASN G 48 42.22 9.56 15.10
N LEU G 49 42.74 8.81 14.13
CA LEU G 49 41.95 7.78 13.48
C LEU G 49 41.53 6.70 14.46
N LEU G 50 42.40 6.34 15.40
CA LEU G 50 42.03 5.39 16.43
C LEU G 50 40.89 5.94 17.29
N SER G 51 40.92 7.25 17.58
CA SER G 51 39.92 7.83 18.46
C SER G 51 38.55 7.84 17.79
N VAL G 52 38.48 8.31 16.54
CA VAL G 52 37.20 8.33 15.84
C VAL G 52 36.64 6.92 15.71
N ALA G 53 37.51 5.94 15.47
CA ALA G 53 37.06 4.56 15.35
C ALA G 53 36.33 4.11 16.61
N TYR G 54 36.99 4.25 17.77
CA TYR G 54 36.35 3.89 19.03
C TYR G 54 35.25 4.88 19.41
N LYS G 55 35.37 6.14 18.97
CA LYS G 55 34.35 7.13 19.31
C LYS G 55 33.02 6.83 18.64
N ASN G 56 33.03 6.23 17.45
CA ASN G 56 31.79 5.89 16.76
C ASN G 56 31.24 4.53 17.15
N VAL G 57 32.11 3.58 17.52
CA VAL G 57 31.64 2.27 17.95
C VAL G 57 30.90 2.38 19.29
N ILE G 58 31.55 2.98 20.29
CA ILE G 58 30.91 3.16 21.60
C ILE G 58 29.73 4.12 21.49
N GLY G 59 29.86 5.17 20.67
CA GLY G 59 28.78 6.13 20.55
C GLY G 59 27.46 5.50 20.16
N ALA G 60 27.49 4.57 19.21
CA ALA G 60 26.26 3.89 18.81
C ALA G 60 25.68 3.09 19.97
N ARG G 61 26.53 2.41 20.73
CA ARG G 61 26.05 1.69 21.91
C ARG G 61 25.66 2.63 23.05
N ARG G 62 26.15 3.87 23.03
CA ARG G 62 25.73 4.85 24.03
C ARG G 62 24.42 5.53 23.66
N ALA G 63 24.07 5.54 22.37
CA ALA G 63 22.75 6.00 21.95
C ALA G 63 21.68 4.93 22.20
N SER G 64 22.00 3.66 21.93
CA SER G 64 21.03 2.59 22.09
C SER G 64 20.64 2.43 23.55
N TRP G 65 21.61 2.18 24.42
CA TRP G 65 21.37 2.07 25.86
C TRP G 65 20.45 3.17 26.37
N ARG G 66 20.71 4.42 25.97
CA ARG G 66 19.90 5.52 26.46
C ARG G 66 18.46 5.40 26.00
N ILE G 67 18.24 5.05 24.74
CA ILE G 67 16.87 4.86 24.25
C ILE G 67 16.22 3.68 24.93
N ILE G 68 16.95 2.57 25.10
CA ILE G 68 16.40 1.40 25.76
C ILE G 68 16.04 1.71 27.21
N SER G 69 16.90 2.47 27.90
CA SER G 69 16.62 2.81 29.29
C SER G 69 15.31 3.60 29.40
N SER G 70 15.12 4.60 28.53
CA SER G 70 13.86 5.35 28.54
C SER G 70 12.68 4.41 28.40
N ILE G 71 12.74 3.50 27.41
CA ILE G 71 11.64 2.57 27.19
C ILE G 71 11.40 1.71 28.42
N GLU G 72 12.48 1.29 29.09
CA GLU G 72 12.33 0.44 30.26
C GLU G 72 11.58 1.15 31.38
N GLN G 73 11.90 2.42 31.62
CA GLN G 73 11.23 3.16 32.69
C GLN G 73 9.78 3.45 32.33
N LYS G 74 9.50 3.74 31.07
CA LYS G 74 8.12 3.94 30.64
C LYS G 74 7.30 2.68 30.85
N GLU G 75 7.88 1.51 30.52
CA GLU G 75 7.16 0.26 30.70
C GLU G 75 7.07 -0.12 32.17
N GLU G 76 8.03 0.31 32.99
CA GLU G 76 7.94 0.07 34.42
CA GLU G 76 7.94 0.08 34.42
C GLU G 76 6.79 0.86 35.04
N SER G 77 6.55 2.08 34.53
CA SER G 77 5.45 2.89 35.03
C SER G 77 4.09 2.36 34.61
N ARG G 78 4.03 1.61 33.51
CA ARG G 78 2.80 1.00 33.04
C ARG G 78 2.59 -0.41 33.58
N GLY G 79 3.53 -0.92 34.38
CA GLY G 79 3.35 -2.18 35.07
C GLY G 79 3.48 -3.42 34.23
N ASN G 80 3.93 -3.31 32.99
CA ASN G 80 4.07 -4.46 32.10
C ASN G 80 5.37 -5.17 32.47
N ASP G 81 5.27 -6.12 33.40
CA ASP G 81 6.46 -6.81 33.89
C ASP G 81 7.10 -7.67 32.81
N ASP G 82 6.30 -8.24 31.90
CA ASP G 82 6.87 -9.06 30.85
C ASP G 82 7.70 -8.23 29.88
N HIS G 83 7.22 -7.03 29.53
CA HIS G 83 8.01 -6.13 28.70
C HIS G 83 9.27 -5.69 29.43
N VAL G 84 9.14 -5.28 30.70
CA VAL G 84 10.30 -4.81 31.45
C VAL G 84 11.36 -5.91 31.53
N THR G 85 10.94 -7.14 31.81
CA THR G 85 11.89 -8.24 31.86
C THR G 85 12.67 -8.35 30.56
N ALA G 86 11.96 -8.24 29.43
CA ALA G 86 12.62 -8.38 28.13
C ALA G 86 13.49 -7.17 27.81
N ILE G 87 13.05 -5.98 28.20
CA ILE G 87 13.88 -4.79 28.00
C ILE G 87 15.14 -4.87 28.85
N ARG G 88 15.01 -5.35 30.09
CA ARG G 88 16.17 -5.44 30.97
C ARG G 88 17.22 -6.39 30.38
N GLU G 89 16.79 -7.53 29.86
CA GLU G 89 17.73 -8.45 29.24
C GLU G 89 18.39 -7.84 28.01
N TYR G 90 17.65 -7.01 27.27
CA TYR G 90 18.23 -6.37 26.10
C TYR G 90 19.22 -5.29 26.51
N ARG G 91 18.87 -4.50 27.54
CA ARG G 91 19.83 -3.53 28.07
C ARG G 91 21.07 -4.23 28.60
N SER G 92 20.89 -5.39 29.23
CA SER G 92 22.04 -6.14 29.74
C SER G 92 22.99 -6.53 28.61
N LYS G 93 22.42 -6.88 27.45
CA LYS G 93 23.26 -7.23 26.30
C LYS G 93 24.05 -6.03 25.80
N ILE G 94 23.40 -4.86 25.75
CA ILE G 94 24.08 -3.65 25.29
C ILE G 94 25.16 -3.23 26.29
N GLU G 95 24.95 -3.48 27.58
CA GLU G 95 25.96 -3.15 28.57
C GLU G 95 27.18 -4.05 28.46
N THR G 96 26.97 -5.32 28.09
CA THR G 96 28.11 -6.22 27.89
C THR G 96 28.95 -5.75 26.71
N GLU G 97 28.32 -5.25 25.65
CA GLU G 97 29.07 -4.71 24.53
C GLU G 97 29.83 -3.45 24.93
N LEU G 98 29.16 -2.55 25.66
CA LEU G 98 29.82 -1.34 26.14
C LEU G 98 31.08 -1.68 26.93
N SER G 99 30.96 -2.63 27.86
CA SER G 99 32.11 -3.03 28.66
C SER G 99 33.23 -3.59 27.78
N GLY G 100 32.88 -4.46 26.82
CA GLY G 100 33.88 -5.05 25.96
C GLY G 100 34.57 -4.04 25.07
N ILE G 101 33.86 -3.00 24.65
CA ILE G 101 34.46 -1.98 23.80
C ILE G 101 35.46 -1.16 24.61
N CYS G 102 35.03 -0.61 25.75
CA CYS G 102 35.94 0.13 26.62
C CYS G 102 37.11 -0.75 27.04
N ASP G 103 36.83 -2.02 27.34
CA ASP G 103 37.89 -2.93 27.75
C ASP G 103 38.96 -3.05 26.66
N GLY G 104 38.55 -2.99 25.40
CA GLY G 104 39.52 -3.08 24.32
C GLY G 104 40.45 -1.89 24.25
N ILE G 105 39.89 -0.68 24.26
CA ILE G 105 40.71 0.52 24.16
C ILE G 105 41.49 0.76 25.45
N LEU G 106 40.90 0.44 26.61
CA LEU G 106 41.63 0.63 27.86
C LEU G 106 42.84 -0.28 27.95
N LYS G 107 42.71 -1.54 27.48
CA LYS G 107 43.87 -2.42 27.44
C LYS G 107 44.94 -1.89 26.51
N LEU G 108 44.53 -1.37 25.35
CA LEU G 108 45.49 -0.81 24.40
C LEU G 108 46.17 0.43 25.00
N LEU G 109 45.42 1.22 25.76
CA LEU G 109 46.00 2.43 26.34
C LEU G 109 46.97 2.08 27.47
N ASP G 110 46.61 1.13 28.33
CA ASP G 110 47.45 0.83 29.48
C ASP G 110 48.72 0.08 29.10
N SER G 111 48.67 -0.73 28.05
CA SER G 111 49.76 -1.64 27.72
C SER G 111 50.66 -1.14 26.60
N ARG G 112 50.26 -0.10 25.86
CA ARG G 112 51.01 0.28 24.68
C ARG G 112 51.04 1.79 24.44
N LEU G 113 49.87 2.43 24.41
CA LEU G 113 49.82 3.83 24.01
C LEU G 113 50.36 4.76 25.10
N ILE G 114 49.93 4.55 26.34
CA ILE G 114 50.37 5.40 27.45
C ILE G 114 51.85 5.16 27.71
N PRO G 115 52.30 3.90 27.83
CA PRO G 115 53.74 3.67 28.03
C PRO G 115 54.62 4.28 26.96
N ALA G 116 54.13 4.40 25.73
CA ALA G 116 54.96 4.89 24.63
C ALA G 116 54.82 6.39 24.40
N ALA G 117 53.92 7.06 25.10
CA ALA G 117 53.74 8.51 24.93
C ALA G 117 54.95 9.24 25.50
N ALA G 118 55.69 9.93 24.63
CA ALA G 118 56.95 10.56 25.02
C ALA G 118 56.85 12.07 25.20
N SER G 119 55.83 12.71 24.65
CA SER G 119 55.68 14.15 24.77
C SER G 119 54.45 14.48 25.61
N GLY G 120 54.44 15.70 26.15
CA GLY G 120 53.27 16.15 26.88
C GLY G 120 52.02 16.16 26.01
N ASP G 121 52.20 16.47 24.73
CA ASP G 121 51.08 16.47 23.79
C ASP G 121 50.36 15.12 23.82
N SER G 122 51.11 14.03 23.62
CA SER G 122 50.49 12.72 23.53
C SER G 122 50.06 12.21 24.90
N LYS G 123 50.88 12.46 25.93
CA LYS G 123 50.53 11.98 27.27
C LYS G 123 49.14 12.45 27.68
N VAL G 124 48.87 13.75 27.56
CA VAL G 124 47.56 14.29 27.92
C VAL G 124 46.48 13.65 27.05
N PHE G 125 46.76 13.46 25.76
CA PHE G 125 45.76 12.90 24.85
C PHE G 125 45.34 11.50 25.29
N TYR G 126 46.31 10.62 25.53
CA TYR G 126 45.98 9.24 25.86
C TYR G 126 45.37 9.13 27.26
N LEU G 127 45.92 9.87 28.23
CA LEU G 127 45.32 9.90 29.56
C LEU G 127 43.89 10.41 29.49
N LYS G 128 43.69 11.53 28.78
CA LYS G 128 42.33 12.04 28.58
C LYS G 128 41.41 10.97 28.01
N MET G 129 41.91 10.20 27.02
CA MET G 129 41.09 9.13 26.45
C MET G 129 40.80 8.06 27.49
N LYS G 130 41.80 7.71 28.31
CA LYS G 130 41.57 6.72 29.37
C LYS G 130 40.48 7.18 30.32
N GLY G 131 40.43 8.48 30.61
CA GLY G 131 39.36 9.00 31.45
C GLY G 131 38.03 9.03 30.72
N ASP G 132 38.06 9.34 29.41
CA ASP G 132 36.83 9.35 28.63
C ASP G 132 36.11 8.01 28.71
N TYR G 133 36.85 6.91 28.54
CA TYR G 133 36.21 5.60 28.46
C TYR G 133 35.87 5.06 29.84
N HIS G 134 36.69 5.34 30.86
CA HIS G 134 36.25 5.05 32.22
C HIS G 134 34.97 5.79 32.55
N ARG G 135 34.82 7.01 32.02
CA ARG G 135 33.57 7.74 32.21
C ARG G 135 32.41 7.04 31.52
N TYR G 136 32.65 6.47 30.33
CA TYR G 136 31.58 5.75 29.64
C TYR G 136 31.14 4.51 30.41
N LEU G 137 32.07 3.86 31.13
CA LEU G 137 31.66 2.77 32.01
C LEU G 137 30.81 3.29 33.17
N ALA G 138 31.22 4.42 33.76
CA ALA G 138 30.48 4.98 34.88
C ALA G 138 29.08 5.41 34.49
N GLU G 139 28.81 5.58 33.19
CA GLU G 139 27.48 6.01 32.76
C GLU G 139 26.43 4.94 33.01
N PHE G 140 26.83 3.66 33.01
CA PHE G 140 25.87 2.57 33.17
C PHE G 140 26.22 1.58 34.28
N LYS G 141 27.48 1.47 34.68
CA LYS G 141 27.82 0.58 35.78
C LYS G 141 27.15 1.05 37.07
N THR G 142 27.01 0.12 38.00
CA THR G 142 26.40 0.39 39.30
C THR G 142 27.29 -0.17 40.41
N GLY G 143 27.00 0.24 41.64
CA GLY G 143 27.66 -0.35 42.78
C GLY G 143 29.15 -0.09 42.80
N GLN G 144 29.91 -1.10 43.22
N GLN G 144 29.91 -1.10 43.22
CA GLN G 144 31.36 -0.93 43.33
CA GLN G 144 31.36 -0.95 43.33
C GLN G 144 32.00 -0.71 41.97
C GLN G 144 32.02 -0.74 41.98
N GLU G 145 31.47 -1.34 40.92
CA GLU G 145 32.04 -1.16 39.59
C GLU G 145 31.90 0.29 39.13
N ARG G 146 30.81 0.95 39.51
CA ARG G 146 30.65 2.36 39.16
C ARG G 146 31.67 3.21 39.90
N LYS G 147 31.81 3.00 41.21
CA LYS G 147 32.78 3.77 41.99
C LYS G 147 34.18 3.62 41.41
N ASP G 148 34.61 2.39 41.15
CA ASP G 148 35.94 2.17 40.58
C ASP G 148 36.09 2.90 39.25
N ALA G 149 35.02 2.91 38.44
CA ALA G 149 35.10 3.61 37.16
C ALA G 149 35.20 5.12 37.37
N ALA G 150 34.40 5.67 38.26
CA ALA G 150 34.48 7.10 38.54
C ALA G 150 35.84 7.47 39.11
N GLU G 151 36.43 6.60 39.93
CA GLU G 151 37.75 6.88 40.49
C GLU G 151 38.83 6.78 39.43
N HIS G 152 38.73 5.80 38.53
CA HIS G 152 39.68 5.72 37.43
C HIS G 152 39.57 6.94 36.52
N THR G 153 38.36 7.45 36.32
CA THR G 153 38.17 8.63 35.48
C THR G 153 38.83 9.84 36.11
N LEU G 154 38.57 10.09 37.39
CA LEU G 154 39.21 11.21 38.08
C LEU G 154 40.72 11.05 38.07
N ALA G 155 41.22 9.84 38.31
CA ALA G 155 42.66 9.61 38.31
C ALA G 155 43.28 9.97 36.97
N ALA G 156 42.65 9.50 35.87
CA ALA G 156 43.20 9.73 34.55
C ALA G 156 43.07 11.19 34.13
N TYR G 157 41.93 11.82 34.45
CA TYR G 157 41.74 13.21 34.10
C TYR G 157 42.68 14.11 34.89
N LYS G 158 42.85 13.84 36.18
CA LYS G 158 43.69 14.70 37.01
C LYS G 158 45.16 14.59 36.61
N SER G 159 45.64 13.37 36.35
CA SER G 159 47.01 13.22 35.90
C SER G 159 47.24 13.89 34.55
N ALA G 160 46.21 13.90 33.69
CA ALA G 160 46.31 14.62 32.43
C ALA G 160 46.34 16.13 32.67
N GLN G 161 45.48 16.61 33.58
CA GLN G 161 45.43 18.04 33.86
C GLN G 161 46.78 18.55 34.39
N ASP G 162 47.44 17.74 35.22
CA ASP G 162 48.76 18.14 35.73
C ASP G 162 49.72 18.42 34.57
N ILE G 163 49.75 17.52 33.58
CA ILE G 163 50.67 17.69 32.46
C ILE G 163 50.20 18.78 31.52
N ALA G 164 48.89 18.87 31.30
CA ALA G 164 48.35 19.89 30.40
C ALA G 164 48.68 21.29 30.90
N ASN G 165 48.44 21.55 32.18
CA ASN G 165 48.70 22.88 32.74
C ASN G 165 50.18 23.22 32.72
N ALA G 166 51.06 22.22 32.71
CA ALA G 166 52.50 22.48 32.78
C ALA G 166 53.16 22.55 31.42
N GLU G 167 52.63 21.88 30.41
CA GLU G 167 53.30 21.75 29.12
C GLU G 167 52.48 22.18 27.92
N LEU G 168 51.19 22.43 28.06
CA LEU G 168 50.32 22.77 26.94
C LEU G 168 49.73 24.16 27.14
N ALA G 169 49.62 24.91 26.04
CA ALA G 169 49.07 26.25 26.11
C ALA G 169 47.61 26.20 26.51
N PRO G 170 47.09 27.27 27.13
CA PRO G 170 45.67 27.26 27.51
C PRO G 170 44.73 27.11 26.34
N THR G 171 45.19 27.36 25.11
CA THR G 171 44.36 27.27 23.92
C THR G 171 44.53 25.97 23.16
N HIS G 172 45.41 25.08 23.62
CA HIS G 172 45.65 23.83 22.92
C HIS G 172 44.36 23.02 22.87
N PRO G 173 43.97 22.49 21.71
CA PRO G 173 42.70 21.74 21.65
C PRO G 173 42.62 20.57 22.62
N ILE G 174 43.74 19.87 22.84
CA ILE G 174 43.72 18.74 23.76
C ILE G 174 43.45 19.20 25.19
N ARG G 175 44.10 20.28 25.61
CA ARG G 175 43.86 20.80 26.96
C ARG G 175 42.42 21.27 27.12
N LEU G 176 41.89 21.99 26.12
CA LEU G 176 40.50 22.43 26.18
C LEU G 176 39.56 21.24 26.17
N GLY G 177 39.84 20.24 25.34
CA GLY G 177 39.01 19.04 25.33
C GLY G 177 39.02 18.32 26.66
N LEU G 178 40.18 18.30 27.32
CA LEU G 178 40.26 17.69 28.64
C LEU G 178 39.41 18.46 29.65
N ALA G 179 39.48 19.79 29.62
CA ALA G 179 38.68 20.59 30.55
C ALA G 179 37.19 20.36 30.32
N LEU G 180 36.78 20.30 29.05
CA LEU G 180 35.37 20.09 28.74
C LEU G 180 34.89 18.76 29.30
N ASN G 181 35.61 17.68 29.02
CA ASN G 181 35.17 16.37 29.48
C ASN G 181 35.30 16.24 30.99
N PHE G 182 36.35 16.83 31.57
CA PHE G 182 36.50 16.80 33.02
C PHE G 182 35.32 17.51 33.68
N SER G 183 34.88 18.64 33.12
CA SER G 183 33.74 19.35 33.68
C SER G 183 32.46 18.53 33.53
N VAL G 184 32.28 17.88 32.38
CA VAL G 184 31.13 16.99 32.20
C VAL G 184 31.16 15.88 33.26
N PHE G 185 32.33 15.27 33.47
CA PHE G 185 32.46 14.22 34.47
C PHE G 185 31.99 14.71 35.84
N TYR G 186 32.35 15.94 36.21
CA TYR G 186 31.93 16.47 37.50
C TYR G 186 30.41 16.54 37.59
N TYR G 187 29.76 17.04 36.54
CA TYR G 187 28.32 17.27 36.62
C TYR G 187 27.54 15.96 36.54
N GLU G 188 27.85 15.11 35.55
CA GLU G 188 27.00 13.95 35.29
C GLU G 188 27.32 12.76 36.17
N ILE G 189 28.60 12.54 36.47
CA ILE G 189 29.00 11.35 37.23
C ILE G 189 29.09 11.65 38.72
N LEU G 190 29.73 12.75 39.10
CA LEU G 190 29.91 13.08 40.51
C LEU G 190 28.84 14.02 41.04
N ASN G 191 27.95 14.52 40.19
CA ASN G 191 26.86 15.41 40.60
C ASN G 191 27.40 16.59 41.40
N SER G 192 28.47 17.19 40.87
CA SER G 192 29.12 18.37 41.47
C SER G 192 29.00 19.51 40.47
N PRO G 193 27.82 20.15 40.38
CA PRO G 193 27.67 21.24 39.40
C PRO G 193 28.60 22.41 39.63
N ASP G 194 28.86 22.77 40.89
CA ASP G 194 29.76 23.88 41.17
C ASP G 194 31.16 23.60 40.64
N ARG G 195 31.70 22.43 40.94
CA ARG G 195 33.02 22.07 40.43
C ARG G 195 33.02 22.01 38.91
N ALA G 196 31.91 21.61 38.30
CA ALA G 196 31.85 21.52 36.85
C ALA G 196 31.86 22.90 36.21
N CYS G 197 31.11 23.85 36.77
CA CYS G 197 31.07 25.20 36.21
C CYS G 197 32.42 25.89 36.35
N ASN G 198 33.03 25.82 37.53
CA ASN G 198 34.29 26.51 37.76
C ASN G 198 35.37 26.02 36.80
N LEU G 199 35.51 24.70 36.67
CA LEU G 199 36.54 24.16 35.78
C LEU G 199 36.30 24.60 34.35
N ALA G 200 35.03 24.56 33.89
CA ALA G 200 34.73 24.96 32.52
C ALA G 200 35.02 26.44 32.29
N LYS G 201 34.62 27.29 33.24
CA LYS G 201 34.87 28.72 33.09
C LYS G 201 36.36 29.02 33.19
N GLN G 202 37.05 28.41 34.16
CA GLN G 202 38.49 28.62 34.30
C GLN G 202 39.21 28.28 33.00
N ALA G 203 38.95 27.09 32.45
CA ALA G 203 39.59 26.70 31.20
C ALA G 203 39.23 27.66 30.07
N PHE G 204 38.00 28.17 30.07
CA PHE G 204 37.57 29.06 29.00
C PHE G 204 38.20 30.45 29.15
N ASP G 205 38.33 30.93 30.39
CA ASP G 205 38.92 32.26 30.60
C ASP G 205 40.42 32.25 30.34
N GLU G 206 41.11 31.18 30.76
CA GLU G 206 42.54 31.09 30.47
C GLU G 206 42.81 30.99 28.98
N ALA G 207 41.82 30.59 28.18
CA ALA G 207 42.01 30.47 26.74
C ALA G 207 41.80 31.80 26.03
N ILE G 208 40.72 32.52 26.39
CA ILE G 208 40.48 33.82 25.77
C ILE G 208 41.60 34.79 26.08
N ALA G 209 42.32 34.58 27.18
CA ALA G 209 43.38 35.49 27.56
C ALA G 209 44.50 35.49 26.52
N GLU G 210 44.88 34.31 26.03
CA GLU G 210 45.94 34.16 25.03
C GLU G 210 45.39 33.73 23.67
N LEU G 211 44.09 33.95 23.44
CA LEU G 211 43.48 33.61 22.16
C LEU G 211 43.99 34.48 21.02
N ASP G 212 44.77 35.53 21.31
CA ASP G 212 45.28 36.40 20.27
C ASP G 212 46.44 35.77 19.50
N THR G 213 47.09 34.75 20.06
CA THR G 213 48.28 34.17 19.49
C THR G 213 48.00 33.15 18.38
N LEU G 214 46.76 32.70 18.24
CA LEU G 214 46.45 31.66 17.27
C LEU G 214 46.36 32.24 15.87
N GLY G 215 46.68 31.40 14.88
CA GLY G 215 46.59 31.79 13.49
C GLY G 215 45.19 31.59 12.94
N GLU G 216 45.07 30.91 11.80
CA GLU G 216 43.78 30.55 11.24
C GLU G 216 43.52 29.05 11.26
N GLU G 217 44.56 28.23 11.12
CA GLU G 217 44.39 26.78 11.26
C GLU G 217 44.25 26.36 12.71
N SER G 218 44.89 27.09 13.64
CA SER G 218 44.81 26.79 15.06
C SER G 218 43.65 27.50 15.75
N TYR G 219 43.21 28.64 15.21
CA TYR G 219 42.09 29.36 15.80
C TYR G 219 40.77 28.63 15.58
N LYS G 220 40.68 27.83 14.52
CA LYS G 220 39.44 27.11 14.24
C LYS G 220 39.26 25.94 15.19
N ASP G 221 40.34 25.20 15.48
CA ASP G 221 40.22 24.02 16.33
C ASP G 221 39.94 24.41 17.77
N SER G 222 40.56 25.49 18.25
CA SER G 222 40.33 25.93 19.64
C SER G 222 38.96 26.56 19.78
N THR G 223 38.54 27.36 18.80
CA THR G 223 37.23 28.01 18.89
C THR G 223 36.10 26.98 18.93
N LEU G 224 36.31 25.81 18.32
CA LEU G 224 35.28 24.77 18.34
C LEU G 224 35.07 24.24 19.75
N ILE G 225 36.15 23.90 20.45
CA ILE G 225 36.02 23.37 21.81
C ILE G 225 35.46 24.43 22.74
N MET G 226 35.90 25.69 22.58
CA MET G 226 35.46 26.74 23.48
C MET G 226 33.98 27.02 23.36
N GLN G 227 33.42 26.90 22.15
CA GLN G 227 31.99 27.11 21.99
C GLN G 227 31.19 26.05 22.74
N LEU G 228 31.70 24.82 22.80
CA LEU G 228 31.06 23.78 23.60
C LEU G 228 31.15 24.11 25.08
N LEU G 229 32.29 24.60 25.54
CA LEU G 229 32.41 25.04 26.93
C LEU G 229 31.36 26.09 27.25
N ARG G 230 31.17 27.06 26.37
CA ARG G 230 30.15 28.08 26.60
C ARG G 230 28.76 27.46 26.64
N ASP G 231 28.42 26.66 25.63
CA ASP G 231 27.10 26.04 25.58
C ASP G 231 26.78 25.32 26.88
N ASN G 232 27.74 24.56 27.42
CA ASN G 232 27.51 23.89 28.70
C ASN G 232 27.33 24.90 29.83
N LEU G 233 28.14 25.96 29.83
CA LEU G 233 28.03 26.96 30.89
C LEU G 233 26.71 27.71 30.81
N THR G 234 26.23 28.01 29.60
CA THR G 234 24.93 28.64 29.46
C THR G 234 23.83 27.76 30.04
N LEU G 235 23.93 26.45 29.83
CA LEU G 235 22.92 25.54 30.36
C LEU G 235 23.07 25.35 31.87
N TRP G 236 24.31 25.27 32.36
CA TRP G 236 24.54 25.08 33.78
C TRP G 236 24.23 26.32 34.60
N THR G 237 24.18 27.50 33.97
CA THR G 237 23.94 28.73 34.69
C THR G 237 22.46 29.04 34.87
N SER G 238 21.61 28.60 33.94
CA SER G 238 20.18 28.88 34.00
C SER G 238 19.55 28.22 35.23
N LEU H 2 23.91 18.00 26.96
CA LEU H 2 25.30 18.33 27.28
C LEU H 2 26.25 17.79 26.23
N PHE H 3 27.34 18.52 25.99
CA PHE H 3 28.28 18.20 24.93
C PHE H 3 29.65 17.86 25.50
N ALA H 5 33.78 16.32 24.32
CA ALA H 5 34.78 16.69 23.33
C ALA H 5 34.65 15.85 22.06
N PRO H 6 34.97 16.45 20.90
CA PRO H 6 34.91 15.70 19.64
C PRO H 6 36.20 14.94 19.34
N GLY I 6 -53.15 -4.58 13.89
CA GLY I 6 -53.43 -3.17 13.73
C GLY I 6 -52.22 -2.35 13.37
N ARG I 7 -51.17 -2.48 14.18
CA ARG I 7 -49.97 -1.68 13.97
C ARG I 7 -49.35 -1.96 12.62
N GLU I 8 -49.05 -3.22 12.33
CA GLU I 8 -48.39 -3.57 11.08
C GLU I 8 -49.24 -3.16 9.88
N GLU I 9 -50.56 -3.38 9.95
CA GLU I 9 -51.42 -3.05 8.83
C GLU I 9 -51.38 -1.55 8.52
N PHE I 10 -51.52 -0.72 9.55
CA PHE I 10 -51.54 0.73 9.34
C PHE I 10 -50.19 1.24 8.86
N VAL I 11 -49.10 0.59 9.26
CA VAL I 11 -47.78 0.97 8.73
C VAL I 11 -47.74 0.73 7.23
N TYR I 12 -48.24 -0.42 6.78
CA TYR I 12 -48.26 -0.71 5.35
C TYR I 12 -49.14 0.29 4.60
N MET I 13 -50.32 0.59 5.15
CA MET I 13 -51.18 1.59 4.52
C MET I 13 -50.48 2.95 4.44
N ALA I 14 -49.67 3.29 5.44
CA ALA I 14 -48.92 4.53 5.40
C ALA I 14 -47.92 4.52 4.25
N LYS I 15 -47.27 3.37 4.03
CA LYS I 15 -46.32 3.27 2.92
C LYS I 15 -47.02 3.39 1.58
N LEU I 16 -48.18 2.76 1.43
CA LEU I 16 -48.94 2.89 0.19
C LEU I 16 -49.33 4.35 -0.06
N ALA I 17 -49.76 5.05 0.99
CA ALA I 17 -50.14 6.45 0.83
C ALA I 17 -48.95 7.31 0.43
N GLU I 18 -47.76 6.97 0.94
CA GLU I 18 -46.56 7.73 0.57
C GLU I 18 -46.26 7.58 -0.92
N GLN I 19 -46.27 6.34 -1.42
CA GLN I 19 -46.00 6.12 -2.84
C GLN I 19 -47.07 6.76 -3.70
N ALA I 20 -48.32 6.74 -3.25
CA ALA I 20 -49.39 7.41 -3.98
C ALA I 20 -49.33 8.93 -3.84
N GLU I 21 -48.46 9.44 -2.97
CA GLU I 21 -48.36 10.87 -2.68
C GLU I 21 -49.70 11.44 -2.18
N ARG I 22 -50.44 10.61 -1.43
CA ARG I 22 -51.65 11.04 -0.77
C ARG I 22 -51.32 11.21 0.71
N TYR I 23 -50.66 12.33 1.01
CA TYR I 23 -50.05 12.51 2.32
C TYR I 23 -51.04 12.84 3.43
N GLU I 24 -52.21 13.38 3.10
CA GLU I 24 -53.23 13.58 4.12
C GLU I 24 -53.68 12.24 4.69
N GLU I 25 -53.79 11.22 3.84
CA GLU I 25 -54.15 9.89 4.32
C GLU I 25 -52.98 9.18 4.97
N MET I 26 -51.75 9.54 4.59
CA MET I 26 -50.58 8.97 5.26
C MET I 26 -50.53 9.43 6.72
N VAL I 27 -50.91 10.68 6.97
CA VAL I 27 -50.98 11.18 8.34
C VAL I 27 -52.01 10.40 9.14
N GLU I 28 -53.20 10.21 8.57
CA GLU I 28 -54.24 9.46 9.25
C GLU I 28 -53.75 8.06 9.64
N PHE I 29 -53.06 7.39 8.72
CA PHE I 29 -52.57 6.04 9.00
C PHE I 29 -51.53 6.05 10.12
N MET I 30 -50.62 7.03 10.11
CA MET I 30 -49.62 7.09 11.17
C MET I 30 -50.22 7.56 12.49
N GLU I 31 -51.27 8.38 12.44
CA GLU I 31 -52.01 8.69 13.66
C GLU I 31 -52.59 7.42 14.28
N LYS I 32 -52.98 6.45 13.45
CA LYS I 32 -53.51 5.19 13.96
C LYS I 32 -52.40 4.25 14.39
N VAL I 33 -51.21 4.35 13.78
CA VAL I 33 -50.07 3.60 14.27
C VAL I 33 -49.70 4.05 15.67
N SER I 34 -49.57 5.36 15.87
CA SER I 34 -49.19 5.88 17.18
C SER I 34 -50.23 5.56 18.24
N ALA I 35 -51.50 5.48 17.85
CA ALA I 35 -52.55 5.11 18.81
C ALA I 35 -52.46 3.64 19.18
N ALA I 36 -52.02 2.79 18.26
CA ALA I 36 -51.86 1.37 18.54
C ALA I 36 -50.59 1.05 19.32
N VAL I 37 -49.70 2.02 19.48
CA VAL I 37 -48.47 1.83 20.22
C VAL I 37 -48.57 2.59 21.54
N ASP I 38 -49.25 1.99 22.52
CA ASP I 38 -49.45 2.63 23.82
C ASP I 38 -48.20 2.48 24.67
N GLY I 39 -47.62 3.59 25.08
CA GLY I 39 -46.46 3.58 25.95
C GLY I 39 -45.15 3.32 25.23
N ASP I 40 -45.13 2.35 24.33
CA ASP I 40 -43.91 2.02 23.60
C ASP I 40 -43.55 3.15 22.65
N GLU I 41 -42.28 3.19 22.25
CA GLU I 41 -41.83 4.16 21.28
C GLU I 41 -42.11 3.68 19.87
N LEU I 42 -42.32 4.63 18.96
CA LEU I 42 -42.34 4.32 17.55
C LEU I 42 -40.95 3.82 17.13
N THR I 43 -40.94 2.90 16.18
CA THR I 43 -39.67 2.46 15.61
C THR I 43 -39.06 3.59 14.79
N VAL I 44 -37.77 3.43 14.45
CA VAL I 44 -37.12 4.40 13.58
C VAL I 44 -37.86 4.49 12.25
N GLU I 45 -38.34 3.35 11.73
CA GLU I 45 -39.12 3.38 10.50
C GLU I 45 -40.43 4.13 10.71
N GLU I 46 -41.18 3.76 11.74
CA GLU I 46 -42.45 4.41 12.01
C GLU I 46 -42.25 5.90 12.30
N ARG I 47 -41.29 6.21 13.17
CA ARG I 47 -40.99 7.61 13.47
C ARG I 47 -40.70 8.40 12.20
N ASN I 48 -39.97 7.80 11.25
CA ASN I 48 -39.63 8.52 10.03
C ASN I 48 -40.83 8.64 9.11
N LEU I 49 -41.70 7.63 9.08
CA LEU I 49 -42.92 7.73 8.27
C LEU I 49 -43.83 8.83 8.79
N LEU I 50 -43.95 8.95 10.11
CA LEU I 50 -44.77 10.01 10.69
C LEU I 50 -44.22 11.38 10.32
N SER I 51 -42.90 11.53 10.29
CA SER I 51 -42.30 12.82 9.96
CA SER I 51 -42.31 12.83 9.97
C SER I 51 -42.49 13.16 8.48
N VAL I 52 -42.32 12.17 7.60
CA VAL I 52 -42.54 12.40 6.18
C VAL I 52 -43.99 12.77 5.92
N ALA I 53 -44.92 12.07 6.56
CA ALA I 53 -46.34 12.37 6.38
C ALA I 53 -46.65 13.82 6.75
N TYR I 54 -46.26 14.22 7.96
CA TYR I 54 -46.56 15.58 8.41
C TYR I 54 -45.71 16.62 7.69
N LYS I 55 -44.49 16.26 7.27
CA LYS I 55 -43.64 17.21 6.55
C LYS I 55 -44.27 17.58 5.21
N ASN I 56 -44.77 16.58 4.47
CA ASN I 56 -45.35 16.85 3.16
C ASN I 56 -46.68 17.59 3.28
N VAL I 57 -47.54 17.16 4.19
CA VAL I 57 -48.81 17.84 4.41
C VAL I 57 -48.57 19.33 4.70
N ILE I 58 -47.76 19.60 5.73
CA ILE I 58 -47.47 20.99 6.08
C ILE I 58 -46.67 21.67 4.97
N GLY I 59 -45.79 20.92 4.31
CA GLY I 59 -44.95 21.51 3.28
C GLY I 59 -45.76 22.18 2.19
N ALA I 60 -46.87 21.55 1.79
CA ALA I 60 -47.73 22.13 0.76
C ALA I 60 -48.36 23.43 1.23
N ARG I 61 -48.99 23.40 2.41
CA ARG I 61 -49.64 24.60 2.93
C ARG I 61 -48.63 25.74 3.11
N ARG I 62 -47.40 25.41 3.54
CA ARG I 62 -46.38 26.45 3.66
C ARG I 62 -46.05 27.06 2.31
N ALA I 63 -45.89 26.22 1.28
CA ALA I 63 -45.67 26.73 -0.06
C ALA I 63 -46.83 27.60 -0.51
N SER I 64 -48.07 27.15 -0.26
CA SER I 64 -49.24 27.93 -0.65
C SER I 64 -49.27 29.26 0.09
N TRP I 65 -49.01 29.24 1.40
CA TRP I 65 -49.02 30.48 2.16
C TRP I 65 -47.98 31.46 1.64
N ARG I 66 -46.80 30.97 1.28
CA ARG I 66 -45.75 31.85 0.77
C ARG I 66 -46.20 32.56 -0.50
N ILE I 67 -46.69 31.80 -1.48
CA ILE I 67 -47.08 32.39 -2.76
C ILE I 67 -48.25 33.35 -2.58
N ILE I 68 -49.21 32.98 -1.74
CA ILE I 68 -50.35 33.86 -1.49
C ILE I 68 -49.90 35.16 -0.82
N SER I 69 -48.94 35.07 0.10
CA SER I 69 -48.44 36.26 0.76
C SER I 69 -47.79 37.21 -0.24
N SER I 70 -46.95 36.68 -1.13
CA SER I 70 -46.34 37.51 -2.16
C SER I 70 -47.42 38.23 -2.97
N ILE I 71 -48.46 37.50 -3.38
CA ILE I 71 -49.52 38.10 -4.18
C ILE I 71 -50.24 39.18 -3.37
N GLU I 72 -50.43 38.96 -2.07
CA GLU I 72 -51.10 39.95 -1.24
C GLU I 72 -50.31 41.24 -1.18
N GLN I 73 -49.00 41.15 -0.99
CA GLN I 73 -48.16 42.35 -0.95
C GLN I 73 -48.20 43.06 -2.30
N LYS I 74 -48.08 42.31 -3.39
CA LYS I 74 -48.11 42.90 -4.72
C LYS I 74 -49.42 43.63 -4.98
N GLU I 75 -50.55 42.99 -4.62
CA GLU I 75 -51.83 43.65 -4.79
C GLU I 75 -52.02 44.81 -3.83
N GLU I 76 -51.34 44.77 -2.67
CA GLU I 76 -51.38 45.92 -1.77
C GLU I 76 -50.67 47.13 -2.38
N SER I 77 -49.57 46.89 -3.09
CA SER I 77 -48.86 47.98 -3.75
C SER I 77 -49.70 48.61 -4.86
N ARG I 78 -50.52 47.81 -5.53
CA ARG I 78 -51.33 48.31 -6.62
C ARG I 78 -52.61 48.99 -6.15
N GLY I 79 -53.02 48.76 -4.90
CA GLY I 79 -54.16 49.46 -4.34
C GLY I 79 -55.51 48.82 -4.59
N ASN I 80 -55.55 47.54 -4.96
CA ASN I 80 -56.82 46.85 -5.21
C ASN I 80 -57.33 46.29 -3.89
N ASP I 81 -58.17 47.08 -3.22
CA ASP I 81 -58.69 46.67 -1.92
C ASP I 81 -59.60 45.46 -2.05
N ASP I 82 -60.36 45.35 -3.15
CA ASP I 82 -61.21 44.19 -3.35
C ASP I 82 -60.39 42.92 -3.50
N HIS I 83 -59.30 42.98 -4.25
CA HIS I 83 -58.42 41.82 -4.38
C HIS I 83 -57.76 41.48 -3.05
N VAL I 84 -57.23 42.50 -2.36
CA VAL I 84 -56.55 42.24 -1.08
C VAL I 84 -57.50 41.61 -0.09
N THR I 85 -58.74 42.10 -0.02
CA THR I 85 -59.72 41.51 0.89
C THR I 85 -59.93 40.04 0.59
N ALA I 86 -60.05 39.69 -0.70
CA ALA I 86 -60.23 38.30 -1.08
C ALA I 86 -58.99 37.46 -0.78
N ILE I 87 -57.80 38.02 -1.03
CA ILE I 87 -56.57 37.29 -0.75
C ILE I 87 -56.44 37.01 0.74
N ARG I 88 -56.73 38.00 1.58
CA ARG I 88 -56.59 37.82 3.02
C ARG I 88 -57.50 36.69 3.53
N GLU I 89 -58.74 36.65 3.04
CA GLU I 89 -59.63 35.56 3.42
C GLU I 89 -59.06 34.22 2.99
N TYR I 90 -58.43 34.17 1.82
CA TYR I 90 -57.82 32.93 1.36
C TYR I 90 -56.59 32.57 2.19
N ARG I 91 -55.73 33.56 2.45
CA ARG I 91 -54.59 33.33 3.34
C ARG I 91 -55.07 32.88 4.72
N SER I 92 -56.13 33.50 5.24
CA SER I 92 -56.67 33.09 6.52
C SER I 92 -57.09 31.61 6.50
N LYS I 93 -57.71 31.18 5.39
CA LYS I 93 -58.11 29.78 5.27
C LYS I 93 -56.89 28.87 5.34
N ILE I 94 -55.81 29.23 4.65
CA ILE I 94 -54.61 28.41 4.66
C ILE I 94 -53.99 28.39 6.06
N GLU I 95 -53.95 29.55 6.72
CA GLU I 95 -53.41 29.61 8.07
C GLU I 95 -54.20 28.72 9.03
N THR I 96 -55.51 28.59 8.81
CA THR I 96 -56.30 27.70 9.64
C THR I 96 -55.86 26.26 9.46
N GLU I 97 -55.55 25.85 8.23
CA GLU I 97 -55.04 24.52 7.98
C GLU I 97 -53.66 24.33 8.62
N LEU I 98 -52.77 25.31 8.43
CA LEU I 98 -51.45 25.25 9.05
C LEU I 98 -51.57 25.05 10.55
N SER I 99 -52.47 25.80 11.19
CA SER I 99 -52.67 25.66 12.63
C SER I 99 -53.22 24.29 12.98
N GLY I 100 -54.19 23.80 12.21
CA GLY I 100 -54.74 22.48 12.49
C GLY I 100 -53.74 21.36 12.30
N ILE I 101 -52.83 21.50 11.33
CA ILE I 101 -51.83 20.47 11.08
C ILE I 101 -50.79 20.47 12.21
N CYS I 102 -50.24 21.64 12.52
CA CYS I 102 -49.28 21.72 13.62
C CYS I 102 -49.90 21.23 14.92
N ASP I 103 -51.16 21.58 15.17
CA ASP I 103 -51.84 21.13 16.39
C ASP I 103 -51.86 19.61 16.47
N GLY I 104 -52.10 18.94 15.34
CA GLY I 104 -52.22 17.49 15.37
C GLY I 104 -50.94 16.80 15.78
N ILE I 105 -49.82 17.23 15.21
CA ILE I 105 -48.54 16.59 15.53
C ILE I 105 -48.00 17.08 16.88
N LEU I 106 -48.24 18.34 17.24
CA LEU I 106 -47.77 18.83 18.54
C LEU I 106 -48.50 18.12 19.68
N LYS I 107 -49.81 17.91 19.55
CA LYS I 107 -50.53 17.14 20.56
C LYS I 107 -49.96 15.73 20.66
N LEU I 108 -49.70 15.10 19.52
CA LEU I 108 -49.13 13.75 19.54
C LEU I 108 -47.75 13.75 20.17
N LEU I 109 -46.98 14.81 19.95
CA LEU I 109 -45.64 14.91 20.54
C LEU I 109 -45.73 15.13 22.04
N ASP I 110 -46.56 16.08 22.48
CA ASP I 110 -46.61 16.42 23.90
C ASP I 110 -47.22 15.31 24.74
N SER I 111 -48.16 14.55 24.19
CA SER I 111 -48.92 13.59 24.98
C SER I 111 -48.37 12.17 24.91
N ARG I 112 -47.62 11.82 23.86
CA ARG I 112 -47.19 10.44 23.68
C ARG I 112 -45.69 10.34 23.36
N LEU I 113 -45.28 10.95 22.26
CA LEU I 113 -43.96 10.68 21.71
C LEU I 113 -42.85 11.18 22.62
N ILE I 114 -42.91 12.44 23.05
CA ILE I 114 -41.87 13.00 23.92
C ILE I 114 -41.87 12.27 25.25
N PRO I 115 -43.03 12.12 25.91
CA PRO I 115 -43.04 11.36 27.18
C PRO I 115 -42.41 9.98 27.08
N ALA I 116 -42.60 9.28 25.97
CA ALA I 116 -42.15 7.91 25.83
C ALA I 116 -40.72 7.78 25.34
N ALA I 117 -40.12 8.84 24.82
CA ALA I 117 -38.77 8.76 24.30
C ALA I 117 -37.81 8.33 25.40
N ALA I 118 -37.15 7.18 25.20
CA ALA I 118 -36.31 6.59 26.24
C ALA I 118 -34.83 6.78 26.00
N SER I 119 -34.40 7.02 24.77
CA SER I 119 -32.99 7.19 24.45
C SER I 119 -32.71 8.63 24.03
N GLY I 120 -31.45 9.05 24.24
CA GLY I 120 -31.06 10.37 23.79
C GLY I 120 -31.28 10.58 22.30
N ASP I 121 -31.19 9.51 21.52
CA ASP I 121 -31.46 9.60 20.09
C ASP I 121 -32.89 10.11 19.85
N SER I 122 -33.88 9.39 20.38
CA SER I 122 -35.27 9.75 20.12
C SER I 122 -35.67 11.03 20.84
N LYS I 123 -35.12 11.28 22.04
CA LYS I 123 -35.44 12.52 22.75
C LYS I 123 -35.11 13.73 21.90
N VAL I 124 -33.89 13.78 21.35
CA VAL I 124 -33.51 14.92 20.50
C VAL I 124 -34.40 14.98 19.27
N PHE I 125 -34.72 13.83 18.69
CA PHE I 125 -35.57 13.79 17.50
C PHE I 125 -36.92 14.45 17.78
N TYR I 126 -37.64 13.95 18.78
CA TYR I 126 -38.99 14.43 19.03
C TYR I 126 -39.01 15.87 19.54
N LEU I 127 -38.02 16.27 20.34
CA LEU I 127 -37.93 17.67 20.76
C LEU I 127 -37.63 18.57 19.58
N LYS I 128 -36.69 18.15 18.71
CA LYS I 128 -36.45 18.90 17.48
C LYS I 128 -37.71 19.04 16.66
N MET I 129 -38.44 17.93 16.49
CA MET I 129 -39.68 17.98 15.71
C MET I 129 -40.71 18.91 16.36
N LYS I 130 -40.72 18.95 17.70
CA LYS I 130 -41.61 19.89 18.39
C LYS I 130 -41.24 21.33 18.06
N GLY I 131 -39.94 21.64 18.10
CA GLY I 131 -39.51 22.97 17.71
C GLY I 131 -39.79 23.28 16.26
N ASP I 132 -39.67 22.27 15.39
CA ASP I 132 -39.94 22.48 13.97
C ASP I 132 -41.36 22.99 13.75
N TYR I 133 -42.35 22.34 14.35
CA TYR I 133 -43.74 22.70 14.09
C TYR I 133 -44.19 23.93 14.86
N HIS I 134 -43.54 24.28 15.97
CA HIS I 134 -43.72 25.60 16.54
C HIS I 134 -43.12 26.66 15.63
N ARG I 135 -41.99 26.34 14.98
CA ARG I 135 -41.37 27.28 14.05
C ARG I 135 -42.28 27.55 12.86
N TYR I 136 -42.98 26.51 12.37
CA TYR I 136 -43.90 26.70 11.27
C TYR I 136 -45.07 27.60 11.68
N LEU I 137 -45.53 27.46 12.93
CA LEU I 137 -46.53 28.39 13.45
C LEU I 137 -45.98 29.82 13.45
N ALA I 138 -44.74 29.99 13.90
CA ALA I 138 -44.15 31.33 13.94
C ALA I 138 -43.99 31.94 12.55
N GLU I 139 -43.91 31.11 11.51
CA GLU I 139 -43.72 31.64 10.16
C GLU I 139 -44.86 32.55 9.73
N PHE I 140 -46.09 32.29 10.20
CA PHE I 140 -47.24 33.07 9.80
C PHE I 140 -47.95 33.79 10.93
N LYS I 141 -47.81 33.34 12.18
CA LYS I 141 -48.38 34.09 13.29
C LYS I 141 -47.70 35.45 13.40
N THR I 142 -48.35 36.36 14.12
CA THR I 142 -47.85 37.72 14.30
C THR I 142 -48.00 38.12 15.76
N GLY I 143 -47.34 39.23 16.11
CA GLY I 143 -47.48 39.79 17.45
C GLY I 143 -47.05 38.81 18.52
N GLN I 144 -47.86 38.73 19.58
CA GLN I 144 -47.51 37.88 20.71
C GLN I 144 -47.71 36.41 20.39
N GLU I 145 -48.69 36.08 19.55
CA GLU I 145 -48.83 34.69 19.09
C GLU I 145 -47.54 34.22 18.43
N ARG I 146 -46.89 35.10 17.67
CA ARG I 146 -45.63 34.75 17.04
C ARG I 146 -44.53 34.58 18.08
N LYS I 147 -44.44 35.50 19.04
CA LYS I 147 -43.43 35.38 20.08
C LYS I 147 -43.67 34.15 20.94
N ASP I 148 -44.93 33.87 21.28
CA ASP I 148 -45.23 32.67 22.06
C ASP I 148 -44.78 31.41 21.31
N ALA I 149 -44.94 31.40 19.98
CA ALA I 149 -44.48 30.26 19.20
C ALA I 149 -42.95 30.22 19.13
N ALA I 150 -42.32 31.38 18.92
CA ALA I 150 -40.86 31.42 18.87
C ALA I 150 -40.24 30.97 20.18
N GLU I 151 -40.93 31.23 21.30
CA GLU I 151 -40.41 30.78 22.59
C GLU I 151 -40.54 29.28 22.74
N HIS I 152 -41.66 28.72 22.27
CA HIS I 152 -41.79 27.26 22.28
C HIS I 152 -40.76 26.60 21.38
N THR I 153 -40.40 27.24 20.28
CA THR I 153 -39.35 26.71 19.42
C THR I 153 -38.00 26.72 20.13
N LEU I 154 -37.60 27.87 20.64
CA LEU I 154 -36.31 27.96 21.33
C LEU I 154 -36.26 27.03 22.53
N ALA I 155 -37.36 26.94 23.28
CA ALA I 155 -37.40 26.03 24.42
C ALA I 155 -37.15 24.60 23.98
N ALA I 156 -37.76 24.17 22.88
CA ALA I 156 -37.60 22.80 22.41
C ALA I 156 -36.21 22.60 21.79
N TYR I 157 -35.78 23.53 20.96
CA TYR I 157 -34.47 23.38 20.32
C TYR I 157 -33.36 23.38 21.36
N LYS I 158 -33.43 24.28 22.34
CA LYS I 158 -32.37 24.36 23.35
C LYS I 158 -32.36 23.11 24.23
N SER I 159 -33.53 22.65 24.68
CA SER I 159 -33.58 21.39 25.42
C SER I 159 -33.02 20.25 24.59
N ALA I 160 -33.39 20.19 23.30
CA ALA I 160 -32.83 19.16 22.43
C ALA I 160 -31.33 19.29 22.29
N GLN I 161 -30.84 20.53 22.21
CA GLN I 161 -29.41 20.76 22.04
C GLN I 161 -28.63 20.28 23.26
N ASP I 162 -29.19 20.47 24.45
CA ASP I 162 -28.51 20.02 25.67
C ASP I 162 -28.31 18.50 25.66
N ILE I 163 -29.28 17.76 25.13
CA ILE I 163 -29.17 16.31 25.07
C ILE I 163 -28.26 15.89 23.92
N ALA I 164 -28.33 16.60 22.79
CA ALA I 164 -27.49 16.26 21.65
C ALA I 164 -26.01 16.43 21.99
N ASN I 165 -25.65 17.57 22.58
CA ASN I 165 -24.26 17.82 22.95
C ASN I 165 -23.76 16.85 24.00
N ALA I 166 -24.67 16.22 24.74
CA ALA I 166 -24.27 15.31 25.82
C ALA I 166 -24.20 13.85 25.36
N GLU I 167 -25.08 13.43 24.45
CA GLU I 167 -25.23 12.03 24.14
C GLU I 167 -25.04 11.67 22.67
N LEU I 168 -24.94 12.64 21.78
CA LEU I 168 -24.86 12.39 20.34
C LEU I 168 -23.53 12.90 19.79
N ALA I 169 -22.99 12.17 18.82
CA ALA I 169 -21.74 12.57 18.19
C ALA I 169 -21.98 13.81 17.32
N PRO I 170 -20.94 14.63 17.10
CA PRO I 170 -21.12 15.82 16.27
C PRO I 170 -21.56 15.52 14.85
N THR I 171 -21.32 14.31 14.36
CA THR I 171 -21.72 13.94 13.00
C THR I 171 -23.09 13.25 12.96
N HIS I 172 -23.72 13.03 14.10
CA HIS I 172 -24.99 12.33 14.11
C HIS I 172 -26.01 13.11 13.28
N PRO I 173 -26.71 12.47 12.33
CA PRO I 173 -27.67 13.21 11.51
C PRO I 173 -28.68 14.00 12.31
N ILE I 174 -29.16 13.45 13.42
CA ILE I 174 -30.16 14.14 14.22
C ILE I 174 -29.58 15.40 14.85
N ARG I 175 -28.34 15.33 15.32
CA ARG I 175 -27.72 16.50 15.95
C ARG I 175 -27.38 17.56 14.91
N LEU I 176 -26.93 17.14 13.72
CA LEU I 176 -26.69 18.10 12.65
C LEU I 176 -27.99 18.71 12.16
N GLY I 177 -29.05 17.91 12.05
CA GLY I 177 -30.33 18.44 11.63
C GLY I 177 -30.88 19.46 12.62
N LEU I 178 -30.72 19.21 13.91
CA LEU I 178 -31.10 20.18 14.92
C LEU I 178 -30.32 21.48 14.74
N ALA I 179 -29.01 21.37 14.55
CA ALA I 179 -28.20 22.56 14.34
C ALA I 179 -28.66 23.34 13.11
N LEU I 180 -28.98 22.62 12.02
CA LEU I 180 -29.44 23.28 10.81
C LEU I 180 -30.74 24.04 11.07
N ASN I 181 -31.75 23.35 11.62
CA ASN I 181 -33.03 24.00 11.86
C ASN I 181 -32.94 25.07 12.93
N PHE I 182 -32.08 24.87 13.94
CA PHE I 182 -31.88 25.89 14.95
C PHE I 182 -31.28 27.15 14.33
N SER I 183 -30.30 26.99 13.43
CA SER I 183 -29.69 28.14 12.80
C SER I 183 -30.67 28.85 11.86
N VAL I 184 -31.51 28.08 11.16
CA VAL I 184 -32.58 28.68 10.36
C VAL I 184 -33.52 29.47 11.26
N PHE I 185 -33.91 28.89 12.39
CA PHE I 185 -34.76 29.58 13.35
C PHE I 185 -34.17 30.93 13.75
N TYR I 186 -32.85 30.96 13.98
CA TYR I 186 -32.20 32.23 14.35
C TYR I 186 -32.31 33.25 13.23
N TYR I 187 -32.03 32.83 11.99
CA TYR I 187 -31.96 33.79 10.89
C TYR I 187 -33.35 34.27 10.49
N GLU I 188 -34.33 33.37 10.47
CA GLU I 188 -35.63 33.66 9.87
C GLU I 188 -36.65 34.17 10.87
N ILE I 189 -36.69 33.60 12.07
CA ILE I 189 -37.68 33.98 13.07
C ILE I 189 -37.16 35.07 13.99
N LEU I 190 -35.96 34.89 14.54
CA LEU I 190 -35.40 35.83 15.52
C LEU I 190 -34.56 36.93 14.88
N ASN I 191 -34.37 36.91 13.57
CA ASN I 191 -33.61 37.94 12.87
C ASN I 191 -32.24 38.15 13.52
N SER I 192 -31.56 37.02 13.78
CA SER I 192 -30.23 37.02 14.39
C SER I 192 -29.28 36.31 13.42
N PRO I 193 -28.84 36.99 12.36
CA PRO I 193 -27.94 36.32 11.40
C PRO I 193 -26.62 35.89 12.02
N ASP I 194 -26.07 36.67 12.95
CA ASP I 194 -24.81 36.30 13.57
C ASP I 194 -24.94 35.01 14.37
N ARG I 195 -25.99 34.91 15.19
CA ARG I 195 -26.22 33.67 15.92
C ARG I 195 -26.44 32.50 14.97
N ALA I 196 -27.14 32.74 13.86
CA ALA I 196 -27.41 31.66 12.91
C ALA I 196 -26.12 31.14 12.29
N CYS I 197 -25.23 32.04 11.89
CA CYS I 197 -23.99 31.61 11.25
C CYS I 197 -23.07 30.91 12.24
N ASN I 198 -22.91 31.48 13.44
CA ASN I 198 -22.02 30.88 14.43
C ASN I 198 -22.44 29.46 14.76
N LEU I 199 -23.74 29.23 14.94
CA LEU I 199 -24.22 27.89 15.28
C LEU I 199 -24.03 26.93 14.10
N ALA I 200 -24.33 27.38 12.88
CA ALA I 200 -24.11 26.53 11.71
C ALA I 200 -22.63 26.26 11.51
N LYS I 201 -21.79 27.29 11.64
CA LYS I 201 -20.35 27.11 11.62
C LYS I 201 -19.92 26.05 12.63
N GLN I 202 -20.23 26.29 13.90
CA GLN I 202 -19.79 25.38 14.96
C GLN I 202 -20.19 23.95 14.66
N ALA I 203 -21.46 23.73 14.34
CA ALA I 203 -21.93 22.38 14.06
C ALA I 203 -21.16 21.78 12.89
N PHE I 204 -20.84 22.59 11.88
CA PHE I 204 -20.13 22.10 10.72
C PHE I 204 -18.68 21.75 11.06
N ASP I 205 -17.98 22.67 11.74
CA ASP I 205 -16.58 22.44 12.03
C ASP I 205 -16.38 21.26 12.96
N GLU I 206 -17.22 21.13 13.98
CA GLU I 206 -17.12 19.98 14.87
C GLU I 206 -17.48 18.67 14.18
N ALA I 207 -18.07 18.73 12.99
CA ALA I 207 -18.45 17.53 12.25
C ALA I 207 -17.36 17.10 11.27
N ILE I 208 -16.86 18.02 10.44
CA ILE I 208 -15.76 17.66 9.55
C ILE I 208 -14.60 17.08 10.34
N ALA I 209 -14.45 17.50 11.59
CA ALA I 209 -13.32 17.10 12.41
C ALA I 209 -13.26 15.58 12.56
N GLU I 210 -14.39 14.96 12.91
CA GLU I 210 -14.44 13.52 13.06
CA GLU I 210 -14.49 13.52 13.08
C GLU I 210 -15.08 12.82 11.86
N LEU I 211 -15.14 13.51 10.72
CA LEU I 211 -15.75 12.94 9.51
C LEU I 211 -15.04 11.66 9.06
N ASP I 212 -13.79 11.46 9.47
CA ASP I 212 -13.04 10.29 9.03
C ASP I 212 -13.45 9.00 9.74
N THR I 213 -14.11 9.10 10.89
CA THR I 213 -14.51 7.91 11.63
C THR I 213 -15.78 7.26 11.09
N LEU I 214 -16.44 7.88 10.12
CA LEU I 214 -17.67 7.33 9.58
C LEU I 214 -17.36 6.31 8.49
N GLY I 215 -18.29 5.38 8.31
CA GLY I 215 -18.17 4.39 7.26
C GLY I 215 -18.56 4.96 5.90
N GLU I 216 -19.47 4.28 5.21
CA GLU I 216 -20.11 4.82 4.02
C GLU I 216 -21.62 4.94 4.17
N GLU I 217 -22.25 4.08 4.96
CA GLU I 217 -23.68 4.20 5.21
C GLU I 217 -24.01 5.33 6.18
N SER I 218 -23.06 5.67 7.05
CA SER I 218 -23.21 6.81 7.95
C SER I 218 -22.59 8.07 7.36
N TYR I 219 -21.57 7.92 6.52
CA TYR I 219 -20.97 9.07 5.85
C TYR I 219 -22.00 9.80 4.98
N LYS I 220 -22.84 9.03 4.28
CA LYS I 220 -23.82 9.65 3.38
C LYS I 220 -24.87 10.43 4.16
N ASP I 221 -25.30 9.90 5.31
CA ASP I 221 -26.31 10.59 6.10
C ASP I 221 -25.79 11.92 6.62
N SER I 222 -24.55 11.93 7.13
CA SER I 222 -24.00 13.14 7.71
C SER I 222 -23.64 14.18 6.64
N THR I 223 -23.02 13.73 5.55
CA THR I 223 -22.58 14.67 4.53
C THR I 223 -23.75 15.42 3.91
N LEU I 224 -24.92 14.80 3.87
CA LEU I 224 -26.09 15.48 3.32
C LEU I 224 -26.46 16.70 4.15
N ILE I 225 -26.58 16.52 5.46
CA ILE I 225 -26.95 17.64 6.33
C ILE I 225 -25.85 18.70 6.30
N MET I 226 -24.58 18.28 6.29
CA MET I 226 -23.49 19.23 6.33
C MET I 226 -23.43 20.09 5.07
N GLN I 227 -23.80 19.53 3.92
CA GLN I 227 -23.84 20.33 2.70
C GLN I 227 -24.91 21.41 2.80
N LEU I 228 -26.04 21.10 3.45
CA LEU I 228 -27.08 22.10 3.64
C LEU I 228 -26.60 23.24 4.54
N LEU I 229 -25.88 22.90 5.62
CA LEU I 229 -25.27 23.93 6.45
C LEU I 229 -24.36 24.82 5.61
N ARG I 230 -23.53 24.20 4.77
CA ARG I 230 -22.64 24.98 3.91
C ARG I 230 -23.43 25.88 2.97
N ASP I 231 -24.49 25.36 2.36
CA ASP I 231 -25.27 26.16 1.42
C ASP I 231 -25.91 27.36 2.10
N ASN I 232 -26.50 27.16 3.28
CA ASN I 232 -27.09 28.28 4.00
C ASN I 232 -26.03 29.31 4.37
N LEU I 233 -24.87 28.85 4.84
CA LEU I 233 -23.81 29.78 5.22
C LEU I 233 -23.34 30.60 4.01
N THR I 234 -23.27 29.97 2.85
CA THR I 234 -22.88 30.69 1.64
C THR I 234 -23.86 31.82 1.34
N LEU I 235 -25.16 31.59 1.60
CA LEU I 235 -26.17 32.58 1.30
C LEU I 235 -26.31 33.62 2.41
N TRP I 236 -26.05 33.23 3.67
CA TRP I 236 -26.33 34.10 4.80
C TRP I 236 -25.36 35.27 4.86
N THR I 237 -24.06 34.98 4.93
CA THR I 237 -23.07 36.02 5.20
C THR I 237 -22.78 36.89 3.98
N SER I 238 -23.31 36.55 2.80
CA SER I 238 -23.44 37.52 1.71
C SER I 238 -24.76 38.29 1.84
N ASP I 239 -25.15 38.59 3.07
CA ASP I 239 -26.43 39.25 3.38
C ASP I 239 -27.59 38.31 3.16
N GLU J 1 -34.28 28.95 -1.58
CA GLU J 1 -33.39 29.89 -0.91
C GLU J 1 -32.68 29.20 0.25
N LEU J 2 -33.33 29.14 1.41
CA LEU J 2 -32.77 28.49 2.59
C LEU J 2 -33.28 27.07 2.72
N PHE J 3 -32.42 26.19 3.24
CA PHE J 3 -32.78 24.79 3.43
C PHE J 3 -32.86 24.45 4.91
N ALA J 5 -33.68 20.92 7.69
CA ALA J 5 -33.38 19.49 7.74
C ALA J 5 -34.43 18.69 6.99
N PRO J 6 -34.02 17.59 6.34
CA PRO J 6 -34.99 16.69 5.72
C PRO J 6 -35.66 15.77 6.72
N MET K 3 -73.06 46.01 -6.07
CA MET K 3 -73.28 44.75 -6.80
C MET K 3 -72.53 43.59 -6.14
N ALA K 4 -73.05 42.39 -6.32
CA ALA K 4 -72.49 41.21 -5.68
C ALA K 4 -71.26 40.72 -6.43
N SER K 5 -70.51 39.85 -5.75
CA SER K 5 -69.34 39.22 -6.37
C SER K 5 -69.81 38.15 -7.35
N GLY K 6 -69.40 38.29 -8.61
CA GLY K 6 -69.91 37.42 -9.66
C GLY K 6 -68.83 36.64 -10.39
N ARG K 7 -68.87 36.67 -11.72
CA ARG K 7 -67.98 35.82 -12.51
C ARG K 7 -66.52 36.26 -12.38
N GLU K 8 -66.27 37.58 -12.38
CA GLU K 8 -64.89 38.05 -12.31
C GLU K 8 -64.27 37.78 -10.95
N GLU K 9 -65.06 37.86 -9.88
CA GLU K 9 -64.52 37.58 -8.55
C GLU K 9 -64.15 36.11 -8.40
N PHE K 10 -64.98 35.21 -8.92
CA PHE K 10 -64.66 33.79 -8.85
C PHE K 10 -63.48 33.43 -9.74
N VAL K 11 -63.35 34.09 -10.90
CA VAL K 11 -62.19 33.86 -11.75
C VAL K 11 -60.91 34.19 -11.00
N TYR K 12 -60.91 35.31 -10.26
CA TYR K 12 -59.73 35.68 -9.49
C TYR K 12 -59.41 34.63 -8.44
N MET K 13 -60.43 34.18 -7.70
CA MET K 13 -60.22 33.11 -6.74
C MET K 13 -59.59 31.90 -7.40
N ALA K 14 -60.12 31.49 -8.56
CA ALA K 14 -59.54 30.37 -9.28
C ALA K 14 -58.07 30.60 -9.57
N LYS K 15 -57.71 31.82 -9.98
CA LYS K 15 -56.31 32.12 -10.26
C LYS K 15 -55.45 31.99 -9.01
N LEU K 16 -55.94 32.50 -7.88
CA LEU K 16 -55.20 32.34 -6.63
C LEU K 16 -55.02 30.87 -6.28
N ALA K 17 -56.08 30.07 -6.45
CA ALA K 17 -55.98 28.64 -6.18
C ALA K 17 -54.94 27.98 -7.06
N GLU K 18 -54.85 28.43 -8.32
CA GLU K 18 -53.82 27.89 -9.22
C GLU K 18 -52.43 28.20 -8.69
N GLN K 19 -52.20 29.46 -8.32
CA GLN K 19 -50.90 29.84 -7.76
C GLN K 19 -50.56 29.01 -6.52
N ALA K 20 -51.55 28.78 -5.66
CA ALA K 20 -51.35 27.98 -4.46
C ALA K 20 -51.31 26.48 -4.75
N GLU K 21 -51.55 26.07 -6.00
CA GLU K 21 -51.61 24.66 -6.36
C GLU K 21 -52.63 23.89 -5.52
N ARG K 22 -53.71 24.58 -5.13
CA ARG K 22 -54.84 23.96 -4.44
C ARG K 22 -55.94 23.78 -5.49
N TYR K 23 -55.79 22.72 -6.29
CA TYR K 23 -56.60 22.58 -7.49
C TYR K 23 -58.02 22.11 -7.20
N GLU K 24 -58.23 21.34 -6.13
CA GLU K 24 -59.59 20.99 -5.75
C GLU K 24 -60.43 22.24 -5.54
N GLU K 25 -59.85 23.26 -4.90
CA GLU K 25 -60.55 24.52 -4.72
C GLU K 25 -60.65 25.30 -6.03
N MET K 26 -59.64 25.17 -6.90
CA MET K 26 -59.73 25.81 -8.21
C MET K 26 -60.95 25.30 -8.98
N VAL K 27 -61.22 23.99 -8.90
CA VAL K 27 -62.39 23.42 -9.56
C VAL K 27 -63.66 24.08 -9.03
N GLU K 28 -63.79 24.17 -7.71
CA GLU K 28 -64.99 24.76 -7.12
C GLU K 28 -65.19 26.19 -7.60
N PHE K 29 -64.12 26.98 -7.61
CA PHE K 29 -64.24 28.36 -8.06
C PHE K 29 -64.68 28.44 -9.51
N MET K 30 -64.16 27.55 -10.37
CA MET K 30 -64.58 27.55 -11.76
C MET K 30 -65.99 26.97 -11.92
N GLU K 31 -66.36 25.99 -11.08
CA GLU K 31 -67.75 25.56 -11.04
C GLU K 31 -68.68 26.74 -10.78
N LYS K 32 -68.28 27.65 -9.89
CA LYS K 32 -69.10 28.81 -9.59
C LYS K 32 -69.09 29.81 -10.75
N VAL K 33 -67.96 29.94 -11.44
CA VAL K 33 -67.93 30.77 -12.64
C VAL K 33 -68.92 30.25 -13.66
N SER K 34 -68.91 28.93 -13.89
CA SER K 34 -69.81 28.35 -14.88
C SER K 34 -71.27 28.52 -14.47
N ALA K 35 -71.56 28.50 -13.16
CA ALA K 35 -72.93 28.67 -12.71
C ALA K 35 -73.39 30.12 -12.88
N ALA K 36 -72.49 31.08 -12.72
CA ALA K 36 -72.84 32.48 -12.89
C ALA K 36 -72.99 32.88 -14.35
N VAL K 37 -72.59 32.02 -15.28
CA VAL K 37 -72.70 32.30 -16.71
C VAL K 37 -73.79 31.43 -17.30
N ASP K 38 -75.05 31.80 -17.08
CA ASP K 38 -76.18 31.02 -17.55
C ASP K 38 -76.37 31.23 -19.05
N GLY K 39 -76.28 30.15 -19.81
CA GLY K 39 -76.47 30.23 -21.26
C GLY K 39 -75.28 30.75 -22.03
N ASP K 40 -74.70 31.85 -21.59
CA ASP K 40 -73.55 32.41 -22.28
C ASP K 40 -72.35 31.47 -22.20
N GLU K 41 -71.37 31.72 -23.05
CA GLU K 41 -70.17 30.88 -23.10
C GLU K 41 -69.13 31.38 -22.12
N LEU K 42 -68.35 30.45 -21.59
CA LEU K 42 -67.14 30.83 -20.87
C LEU K 42 -66.16 31.48 -21.85
N THR K 43 -65.42 32.48 -21.36
CA THR K 43 -64.36 33.06 -22.17
C THR K 43 -63.25 32.03 -22.39
N VAL K 44 -62.38 32.32 -23.36
CA VAL K 44 -61.22 31.46 -23.59
C VAL K 44 -60.42 31.30 -22.30
N GLU K 45 -60.19 32.41 -21.60
CA GLU K 45 -59.47 32.36 -20.33
C GLU K 45 -60.21 31.47 -19.34
N GLU K 46 -61.48 31.77 -19.08
CA GLU K 46 -62.26 30.96 -18.15
C GLU K 46 -62.27 29.50 -18.58
N ARG K 47 -62.52 29.24 -19.87
CA ARG K 47 -62.55 27.87 -20.35
C ARG K 47 -61.24 27.15 -20.07
N ASN K 48 -60.10 27.83 -20.26
CA ASN K 48 -58.82 27.20 -20.01
C ASN K 48 -58.60 26.96 -18.52
N LEU K 49 -58.99 27.92 -17.69
CA LEU K 49 -58.82 27.75 -16.24
C LEU K 49 -59.62 26.56 -15.73
N LEU K 50 -60.84 26.38 -16.25
CA LEU K 50 -61.62 25.21 -15.87
C LEU K 50 -60.90 23.93 -16.25
N SER K 51 -60.25 23.91 -17.41
CA SER K 51 -59.58 22.70 -17.88
C SER K 51 -58.33 22.41 -17.06
N VAL K 52 -57.54 23.45 -16.77
CA VAL K 52 -56.37 23.26 -15.92
C VAL K 52 -56.78 22.72 -14.55
N ALA K 53 -57.86 23.27 -13.98
CA ALA K 53 -58.29 22.84 -12.66
C ALA K 53 -58.61 21.35 -12.64
N TYR K 54 -59.47 20.90 -13.56
CA TYR K 54 -59.85 19.49 -13.59
C TYR K 54 -58.69 18.61 -14.04
N LYS K 55 -57.86 19.11 -14.95
CA LYS K 55 -56.71 18.34 -15.40
C LYS K 55 -55.80 17.96 -14.24
N ASN K 56 -55.54 18.92 -13.34
CA ASN K 56 -54.62 18.67 -12.23
C ASN K 56 -55.27 17.82 -11.16
N VAL K 57 -56.56 18.04 -10.88
CA VAL K 57 -57.26 17.20 -9.92
C VAL K 57 -57.26 15.74 -10.39
N ILE K 58 -57.69 15.52 -11.63
CA ILE K 58 -57.71 14.15 -12.17
C ILE K 58 -56.29 13.64 -12.37
N GLY K 59 -55.36 14.51 -12.77
CA GLY K 59 -54.00 14.07 -13.01
C GLY K 59 -53.34 13.48 -11.77
N ALA K 60 -53.67 14.01 -10.59
CA ALA K 60 -53.09 13.48 -9.37
C ALA K 60 -53.60 12.06 -9.09
N ARG K 61 -54.92 11.86 -9.20
CA ARG K 61 -55.47 10.53 -8.95
C ARG K 61 -55.06 9.53 -10.03
N ARG K 62 -54.81 10.00 -11.26
CA ARG K 62 -54.31 9.10 -12.30
C ARG K 62 -52.89 8.65 -11.98
N ALA K 63 -52.05 9.56 -11.50
CA ALA K 63 -50.70 9.18 -11.08
C ALA K 63 -50.75 8.24 -9.89
N SER K 64 -51.62 8.52 -8.92
CA SER K 64 -51.73 7.65 -7.75
C SER K 64 -52.24 6.27 -8.15
N TRP K 65 -53.23 6.22 -9.04
CA TRP K 65 -53.80 4.93 -9.43
C TRP K 65 -52.76 4.07 -10.14
N ARG K 66 -51.94 4.67 -11.01
CA ARG K 66 -50.94 3.90 -11.73
CA ARG K 66 -50.94 3.90 -11.73
C ARG K 66 -49.94 3.28 -10.77
N ILE K 67 -49.40 4.07 -9.85
CA ILE K 67 -48.42 3.56 -8.90
C ILE K 67 -49.02 2.44 -8.07
N ILE K 68 -50.23 2.65 -7.54
CA ILE K 68 -50.89 1.64 -6.73
C ILE K 68 -51.09 0.36 -7.54
N SER K 69 -51.48 0.49 -8.82
CA SER K 69 -51.68 -0.68 -9.65
C SER K 69 -50.39 -1.48 -9.79
N SER K 70 -49.27 -0.79 -10.04
CA SER K 70 -47.99 -1.48 -10.15
C SER K 70 -47.68 -2.24 -8.86
N ILE K 71 -47.88 -1.60 -7.71
CA ILE K 71 -47.60 -2.25 -6.43
C ILE K 71 -48.48 -3.47 -6.25
N GLU K 72 -49.73 -3.39 -6.69
CA GLU K 72 -50.65 -4.52 -6.53
C GLU K 72 -50.17 -5.73 -7.33
N GLN K 73 -49.70 -5.50 -8.56
CA GLN K 73 -49.25 -6.61 -9.39
C GLN K 73 -47.95 -7.21 -8.86
N LYS K 74 -47.03 -6.35 -8.37
CA LYS K 74 -45.81 -6.85 -7.78
C LYS K 74 -46.10 -7.67 -6.53
N GLU K 75 -47.04 -7.21 -5.70
CA GLU K 75 -47.39 -7.95 -4.49
C GLU K 75 -48.21 -9.19 -4.82
N GLU K 76 -48.92 -9.19 -5.95
CA GLU K 76 -49.64 -10.38 -6.38
C GLU K 76 -48.68 -11.47 -6.83
N SER K 77 -47.59 -11.08 -7.50
CA SER K 77 -46.61 -12.07 -7.95
C SER K 77 -45.86 -12.69 -6.79
N ARG K 78 -45.75 -11.98 -5.66
CA ARG K 78 -45.07 -12.49 -4.48
C ARG K 78 -45.98 -13.29 -3.57
N GLY K 79 -47.30 -13.24 -3.79
CA GLY K 79 -48.24 -14.06 -3.05
C GLY K 79 -48.68 -13.53 -1.71
N ASN K 80 -48.40 -12.25 -1.41
CA ASN K 80 -48.81 -11.66 -0.14
C ASN K 80 -50.29 -11.28 -0.25
N ASP K 81 -51.16 -12.24 0.06
CA ASP K 81 -52.60 -12.02 -0.10
C ASP K 81 -53.10 -10.91 0.82
N ASP K 82 -52.56 -10.82 2.03
CA ASP K 82 -52.98 -9.76 2.94
C ASP K 82 -52.64 -8.39 2.39
N HIS K 83 -51.45 -8.23 1.82
CA HIS K 83 -51.08 -6.95 1.22
C HIS K 83 -51.95 -6.64 0.01
N VAL K 84 -52.15 -7.62 -0.86
CA VAL K 84 -52.97 -7.39 -2.06
C VAL K 84 -54.36 -6.92 -1.68
N THR K 85 -54.97 -7.57 -0.69
CA THR K 85 -56.30 -7.16 -0.24
C THR K 85 -56.30 -5.69 0.19
N ALA K 86 -55.30 -5.28 0.96
CA ALA K 86 -55.22 -3.89 1.41
C ALA K 86 -54.96 -2.95 0.24
N ILE K 87 -54.11 -3.35 -0.70
CA ILE K 87 -53.86 -2.52 -1.87
C ILE K 87 -55.13 -2.37 -2.70
N ARG K 88 -55.86 -3.47 -2.90
CA ARG K 88 -57.06 -3.44 -3.72
C ARG K 88 -58.09 -2.46 -3.15
N GLU K 89 -58.30 -2.51 -1.84
CA GLU K 89 -59.25 -1.57 -1.22
C GLU K 89 -58.78 -0.13 -1.38
N TYR K 90 -57.47 0.10 -1.35
CA TYR K 90 -56.96 1.45 -1.55
C TYR K 90 -57.13 1.89 -3.00
N ARG K 91 -56.89 0.98 -3.95
CA ARG K 91 -57.14 1.30 -5.35
C ARG K 91 -58.63 1.56 -5.59
N SER K 92 -59.49 0.78 -4.94
CA SER K 92 -60.92 1.00 -5.10
C SER K 92 -61.33 2.39 -4.60
N LYS K 93 -60.67 2.87 -3.55
CA LYS K 93 -60.96 4.21 -3.04
C LYS K 93 -60.51 5.27 -4.04
N ILE K 94 -59.37 5.05 -4.69
CA ILE K 94 -58.90 6.00 -5.70
C ILE K 94 -59.81 5.97 -6.92
N GLU K 95 -60.28 4.78 -7.31
CA GLU K 95 -61.19 4.69 -8.45
C GLU K 95 -62.51 5.41 -8.18
N THR K 96 -62.97 5.41 -6.93
CA THR K 96 -64.19 6.14 -6.59
C THR K 96 -63.97 7.64 -6.76
N GLU K 97 -62.80 8.15 -6.36
CA GLU K 97 -62.50 9.56 -6.57
C GLU K 97 -62.39 9.87 -8.06
N LEU K 98 -61.69 9.02 -8.82
CA LEU K 98 -61.59 9.21 -10.26
C LEU K 98 -62.98 9.32 -10.88
N SER K 99 -63.86 8.38 -10.55
CA SER K 99 -65.23 8.42 -11.08
C SER K 99 -65.91 9.72 -10.70
N GLY K 100 -65.81 10.12 -9.43
CA GLY K 100 -66.47 11.33 -8.99
C GLY K 100 -65.97 12.58 -9.71
N ILE K 101 -64.66 12.66 -9.92
CA ILE K 101 -64.09 13.82 -10.62
C ILE K 101 -64.61 13.87 -12.05
N CYS K 102 -64.43 12.79 -12.81
CA CYS K 102 -64.93 12.74 -14.18
C CYS K 102 -66.43 13.04 -14.21
N ASP K 103 -67.18 12.47 -13.25
CA ASP K 103 -68.61 12.71 -13.18
C ASP K 103 -68.91 14.20 -13.04
N GLY K 104 -68.08 14.91 -12.28
CA GLY K 104 -68.33 16.33 -12.07
C GLY K 104 -68.20 17.15 -13.34
N ILE K 105 -67.11 16.95 -14.08
CA ILE K 105 -66.89 17.72 -15.30
C ILE K 105 -67.79 17.23 -16.43
N LEU K 106 -68.11 15.94 -16.48
CA LEU K 106 -68.98 15.44 -17.55
C LEU K 106 -70.40 15.97 -17.40
N LYS K 107 -70.91 16.07 -16.16
CA LYS K 107 -72.22 16.65 -15.95
C LYS K 107 -72.24 18.11 -16.33
N LEU K 108 -71.17 18.84 -16.01
CA LEU K 108 -71.09 20.25 -16.40
C LEU K 108 -71.01 20.39 -17.91
N LEU K 109 -70.26 19.50 -18.57
CA LEU K 109 -70.16 19.55 -20.03
C LEU K 109 -71.49 19.22 -20.69
N ASP K 110 -72.19 18.19 -20.19
CA ASP K 110 -73.41 17.74 -20.85
C ASP K 110 -74.56 18.72 -20.65
N SER K 111 -74.61 19.40 -19.49
CA SER K 111 -75.77 20.20 -19.13
C SER K 111 -75.60 21.69 -19.34
N ARG K 112 -74.38 22.17 -19.60
CA ARG K 112 -74.16 23.60 -19.76
C ARG K 112 -73.20 23.93 -20.89
N LEU K 113 -71.97 23.42 -20.80
CA LEU K 113 -70.90 23.90 -21.67
C LEU K 113 -71.14 23.49 -23.13
N ILE K 114 -71.49 22.22 -23.36
CA ILE K 114 -71.72 21.76 -24.72
C ILE K 114 -72.98 22.43 -25.27
N PRO K 115 -74.10 22.39 -24.57
CA PRO K 115 -75.30 23.08 -25.08
C PRO K 115 -75.07 24.53 -25.43
N ALA K 116 -74.22 25.24 -24.70
CA ALA K 116 -74.00 26.66 -24.89
C ALA K 116 -72.88 26.98 -25.86
N ALA K 117 -72.16 25.98 -26.37
CA ALA K 117 -71.06 26.23 -27.29
C ALA K 117 -71.61 26.71 -28.63
N ALA K 118 -71.25 27.93 -29.02
CA ALA K 118 -71.84 28.57 -30.18
C ALA K 118 -70.93 28.58 -31.40
N SER K 119 -69.63 28.46 -31.23
CA SER K 119 -68.69 28.48 -32.33
C SER K 119 -68.04 27.11 -32.49
N GLY K 120 -67.55 26.84 -33.70
CA GLY K 120 -66.82 25.61 -33.94
C GLY K 120 -65.63 25.47 -33.01
N ASP K 121 -64.96 26.59 -32.73
CA ASP K 121 -63.84 26.58 -31.79
C ASP K 121 -64.25 25.93 -30.48
N SER K 122 -65.33 26.45 -29.86
CA SER K 122 -65.74 25.96 -28.55
C SER K 122 -66.32 24.55 -28.64
N LYS K 123 -67.08 24.27 -29.70
CA LYS K 123 -67.72 22.96 -29.82
C LYS K 123 -66.68 21.84 -29.83
N VAL K 124 -65.61 22.01 -30.62
CA VAL K 124 -64.54 21.01 -30.64
C VAL K 124 -63.87 20.93 -29.27
N PHE K 125 -63.64 22.08 -28.64
CA PHE K 125 -62.95 22.10 -27.35
C PHE K 125 -63.71 21.29 -26.32
N TYR K 126 -65.01 21.56 -26.16
CA TYR K 126 -65.78 20.89 -25.12
C TYR K 126 -66.03 19.43 -25.46
N LEU K 127 -66.32 19.12 -26.73
CA LEU K 127 -66.48 17.73 -27.13
C LEU K 127 -65.18 16.96 -26.91
N LYS K 128 -64.05 17.53 -27.30
CA LYS K 128 -62.76 16.90 -27.01
C LYS K 128 -62.64 16.61 -25.52
N MET K 129 -62.98 17.59 -24.67
CA MET K 129 -62.87 17.38 -23.23
C MET K 129 -63.78 16.25 -22.77
N LYS K 130 -65.01 16.21 -23.29
CA LYS K 130 -65.91 15.09 -22.95
C LYS K 130 -65.26 13.76 -23.29
N GLY K 131 -64.54 13.69 -24.41
CA GLY K 131 -63.83 12.46 -24.74
C GLY K 131 -62.64 12.22 -23.84
N ASP K 132 -61.90 13.28 -23.51
CA ASP K 132 -60.75 13.15 -22.62
C ASP K 132 -61.14 12.47 -21.32
N TYR K 133 -62.23 12.93 -20.70
CA TYR K 133 -62.60 12.41 -19.38
C TYR K 133 -63.29 11.06 -19.47
N HIS K 134 -64.07 10.80 -20.52
CA HIS K 134 -64.53 9.44 -20.76
C HIS K 134 -63.33 8.50 -20.95
N ARG K 135 -62.27 8.98 -21.59
CA ARG K 135 -61.07 8.18 -21.75
C ARG K 135 -60.41 7.91 -20.40
N TYR K 136 -60.43 8.88 -19.50
CA TYR K 136 -59.85 8.66 -18.18
C TYR K 136 -60.63 7.61 -17.39
N LEU K 137 -61.95 7.51 -17.61
CA LEU K 137 -62.70 6.42 -17.01
C LEU K 137 -62.29 5.09 -17.61
N ALA K 138 -62.15 5.03 -18.94
CA ALA K 138 -61.77 3.79 -19.61
C ALA K 138 -60.41 3.28 -19.14
N GLU K 139 -59.56 4.15 -18.59
CA GLU K 139 -58.23 3.73 -18.17
C GLU K 139 -58.29 2.72 -17.02
N PHE K 140 -59.31 2.80 -16.17
CA PHE K 140 -59.39 1.94 -15.00
C PHE K 140 -60.68 1.12 -14.89
N LYS K 141 -61.76 1.55 -15.54
CA LYS K 141 -62.99 0.78 -15.52
C LYS K 141 -62.78 -0.57 -16.21
N THR K 142 -63.68 -1.51 -15.92
CA THR K 142 -63.64 -2.84 -16.51
C THR K 142 -65.04 -3.22 -16.98
N GLY K 143 -65.09 -4.34 -17.71
CA GLY K 143 -66.38 -4.93 -18.07
C GLY K 143 -67.24 -4.01 -18.90
N GLN K 144 -68.53 -3.97 -18.56
N GLN K 144 -68.52 -3.96 -18.56
CA GLN K 144 -69.47 -3.16 -19.33
CA GLN K 144 -69.46 -3.15 -19.34
C GLN K 144 -69.17 -1.68 -19.19
C GLN K 144 -69.19 -1.67 -19.18
N GLU K 145 -68.79 -1.23 -17.99
CA GLU K 145 -68.50 0.18 -17.78
C GLU K 145 -67.32 0.62 -18.65
N ARG K 146 -66.28 -0.21 -18.77
CA ARG K 146 -65.16 0.13 -19.63
C ARG K 146 -65.62 0.33 -21.07
N LYS K 147 -66.39 -0.63 -21.59
CA LYS K 147 -66.88 -0.53 -22.97
C LYS K 147 -67.68 0.74 -23.18
N ASP K 148 -68.67 0.98 -22.31
CA ASP K 148 -69.47 2.20 -22.43
C ASP K 148 -68.58 3.44 -22.42
N ALA K 149 -67.53 3.43 -21.60
CA ALA K 149 -66.62 4.56 -21.56
C ALA K 149 -65.87 4.71 -22.88
N ALA K 150 -65.34 3.60 -23.41
CA ALA K 150 -64.65 3.66 -24.69
C ALA K 150 -65.60 4.10 -25.80
N GLU K 151 -66.87 3.71 -25.74
CA GLU K 151 -67.82 4.12 -26.76
C GLU K 151 -68.18 5.60 -26.64
N HIS K 152 -68.24 6.11 -25.41
CA HIS K 152 -68.47 7.54 -25.22
C HIS K 152 -67.28 8.35 -25.69
N THR K 153 -66.06 7.82 -25.53
CA THR K 153 -64.87 8.53 -25.98
C THR K 153 -64.84 8.63 -27.50
N LEU K 154 -65.05 7.51 -28.19
CA LEU K 154 -65.06 7.54 -29.65
C LEU K 154 -66.20 8.41 -30.17
N ALA K 155 -67.37 8.34 -29.52
CA ALA K 155 -68.50 9.16 -29.94
C ALA K 155 -68.17 10.65 -29.85
N ALA K 156 -67.53 11.06 -28.75
CA ALA K 156 -67.21 12.47 -28.56
C ALA K 156 -66.04 12.90 -29.45
N TYR K 157 -64.98 12.09 -29.50
CA TYR K 157 -63.84 12.45 -30.34
C TYR K 157 -64.24 12.55 -31.80
N LYS K 158 -65.02 11.58 -32.30
CA LYS K 158 -65.39 11.59 -33.72
C LYS K 158 -66.27 12.79 -34.03
N SER K 159 -67.27 13.06 -33.18
CA SER K 159 -68.10 14.25 -33.40
C SER K 159 -67.26 15.51 -33.40
N ALA K 160 -66.29 15.61 -32.50
CA ALA K 160 -65.39 16.76 -32.50
C ALA K 160 -64.58 16.82 -33.79
N GLN K 161 -64.11 15.67 -34.25
CA GLN K 161 -63.31 15.64 -35.48
C GLN K 161 -64.10 16.17 -36.66
N ASP K 162 -65.37 15.79 -36.77
CA ASP K 162 -66.20 16.29 -37.87
C ASP K 162 -66.22 17.81 -37.91
N ILE K 163 -66.42 18.43 -36.75
CA ILE K 163 -66.46 19.89 -36.70
C ILE K 163 -65.07 20.48 -36.92
N ALA K 164 -64.04 19.85 -36.35
CA ALA K 164 -62.68 20.36 -36.48
C ALA K 164 -62.25 20.38 -37.94
N ASN K 165 -62.46 19.27 -38.66
CA ASN K 165 -62.07 19.21 -40.06
C ASN K 165 -62.82 20.24 -40.89
N ALA K 166 -64.04 20.60 -40.50
CA ALA K 166 -64.88 21.47 -41.31
C ALA K 166 -64.69 22.95 -40.99
N GLU K 167 -64.31 23.29 -39.76
CA GLU K 167 -64.31 24.68 -39.33
C GLU K 167 -63.00 25.17 -38.71
N LEU K 168 -62.03 24.29 -38.49
CA LEU K 168 -60.77 24.68 -37.87
C LEU K 168 -59.61 24.35 -38.80
N ALA K 169 -58.66 25.27 -38.89
CA ALA K 169 -57.50 25.05 -39.73
C ALA K 169 -56.69 23.87 -39.21
N PRO K 170 -56.01 23.14 -40.10
CA PRO K 170 -55.21 21.98 -39.65
C PRO K 170 -54.11 22.35 -38.66
N THR K 171 -53.76 23.63 -38.51
CA THR K 171 -52.77 24.07 -37.55
C THR K 171 -53.37 24.58 -36.26
N HIS K 172 -54.70 24.63 -36.16
CA HIS K 172 -55.34 25.16 -34.96
C HIS K 172 -54.99 24.28 -33.76
N PRO K 173 -54.58 24.86 -32.64
CA PRO K 173 -54.20 24.01 -31.48
C PRO K 173 -55.30 23.06 -31.04
N ILE K 174 -56.56 23.50 -31.05
CA ILE K 174 -57.65 22.63 -30.59
C ILE K 174 -57.79 21.42 -31.50
N ARG K 175 -57.64 21.62 -32.81
CA ARG K 175 -57.71 20.50 -33.74
C ARG K 175 -56.54 19.55 -33.55
N LEU K 176 -55.32 20.11 -33.45
CA LEU K 176 -54.16 19.27 -33.22
C LEU K 176 -54.25 18.53 -31.89
N GLY K 177 -54.71 19.21 -30.85
CA GLY K 177 -54.88 18.54 -29.57
C GLY K 177 -55.89 17.41 -29.63
N LEU K 178 -56.97 17.61 -30.39
CA LEU K 178 -57.96 16.55 -30.55
C LEU K 178 -57.35 15.34 -31.24
N ALA K 179 -56.61 15.56 -32.33
CA ALA K 179 -55.98 14.45 -33.04
C ALA K 179 -55.02 13.69 -32.13
N LEU K 180 -54.23 14.42 -31.33
CA LEU K 180 -53.29 13.77 -30.42
C LEU K 180 -54.01 12.82 -29.47
N ASN K 181 -54.98 13.36 -28.71
CA ASN K 181 -55.68 12.53 -27.74
C ASN K 181 -56.45 11.41 -28.43
N PHE K 182 -57.02 11.69 -29.60
CA PHE K 182 -57.72 10.65 -30.34
C PHE K 182 -56.77 9.51 -30.70
N SER K 183 -55.56 9.85 -31.16
CA SER K 183 -54.57 8.82 -31.48
C SER K 183 -54.16 8.05 -30.24
N VAL K 184 -53.95 8.74 -29.11
CA VAL K 184 -53.65 8.06 -27.86
C VAL K 184 -54.78 7.11 -27.50
N PHE K 185 -56.02 7.56 -27.65
CA PHE K 185 -57.18 6.70 -27.38
C PHE K 185 -57.11 5.41 -28.19
N TYR K 186 -56.75 5.51 -29.48
CA TYR K 186 -56.65 4.32 -30.30
C TYR K 186 -55.59 3.36 -29.77
N TYR K 187 -54.43 3.88 -29.38
CA TYR K 187 -53.32 3.02 -29.00
C TYR K 187 -53.55 2.38 -27.64
N GLU K 188 -54.01 3.16 -26.66
CA GLU K 188 -54.04 2.69 -25.28
C GLU K 188 -55.36 2.03 -24.90
N ILE K 189 -56.48 2.57 -25.37
CA ILE K 189 -57.79 2.04 -24.97
C ILE K 189 -58.29 0.98 -25.96
N LEU K 190 -58.18 1.26 -27.26
CA LEU K 190 -58.68 0.33 -28.27
C LEU K 190 -57.59 -0.61 -28.80
N ASN K 191 -56.34 -0.43 -28.39
CA ASN K 191 -55.24 -1.28 -28.80
C ASN K 191 -55.20 -1.42 -30.33
N SER K 192 -55.35 -0.29 -31.01
CA SER K 192 -55.30 -0.22 -32.47
C SER K 192 -54.11 0.65 -32.87
N PRO K 193 -52.88 0.13 -32.75
CA PRO K 193 -51.71 0.95 -33.06
C PRO K 193 -51.71 1.51 -34.47
N ASP K 194 -52.15 0.71 -35.45
CA ASP K 194 -52.20 1.19 -36.83
C ASP K 194 -53.04 2.45 -36.95
N ARG K 195 -54.28 2.40 -36.46
CA ARG K 195 -55.15 3.58 -36.54
C ARG K 195 -54.58 4.74 -35.75
N ALA K 196 -53.89 4.46 -34.63
CA ALA K 196 -53.31 5.53 -33.83
C ALA K 196 -52.19 6.22 -34.58
N CYS K 197 -51.37 5.46 -35.31
CA CYS K 197 -50.27 6.06 -36.07
C CYS K 197 -50.78 6.87 -37.25
N ASN K 198 -51.69 6.28 -38.03
CA ASN K 198 -52.20 6.97 -39.22
C ASN K 198 -52.84 8.30 -38.85
N LEU K 199 -53.66 8.31 -37.80
CA LEU K 199 -54.33 9.55 -37.41
C LEU K 199 -53.33 10.61 -36.98
N ALA K 200 -52.33 10.22 -36.19
CA ALA K 200 -51.32 11.17 -35.74
C ALA K 200 -50.52 11.71 -36.92
N LYS K 201 -50.08 10.82 -37.81
CA LYS K 201 -49.33 11.26 -38.99
C LYS K 201 -50.18 12.17 -39.85
N GLN K 202 -51.45 11.80 -40.08
CA GLN K 202 -52.33 12.62 -40.90
C GLN K 202 -52.47 14.02 -40.32
N ALA K 203 -52.80 14.11 -39.03
CA ALA K 203 -52.95 15.41 -38.40
C ALA K 203 -51.66 16.22 -38.45
N PHE K 204 -50.51 15.54 -38.37
CA PHE K 204 -49.24 16.24 -38.40
C PHE K 204 -48.88 16.71 -39.81
N ASP K 205 -49.13 15.86 -40.82
CA ASP K 205 -48.80 16.23 -42.19
C ASP K 205 -49.69 17.37 -42.67
N GLU K 206 -51.00 17.28 -42.43
CA GLU K 206 -51.90 18.33 -42.87
C GLU K 206 -51.55 19.68 -42.27
N ALA K 207 -50.83 19.69 -41.14
CA ALA K 207 -50.51 20.93 -40.44
C ALA K 207 -49.19 21.53 -40.90
N ILE K 208 -48.17 20.69 -41.12
CA ILE K 208 -46.91 21.20 -41.68
C ILE K 208 -47.15 21.77 -43.08
N ALA K 209 -48.17 21.27 -43.77
CA ALA K 209 -48.42 21.73 -45.14
C ALA K 209 -48.68 23.23 -45.18
N GLU K 210 -49.46 23.75 -44.23
CA GLU K 210 -49.86 25.15 -44.21
C GLU K 210 -49.28 25.91 -43.03
N LEU K 211 -48.15 25.45 -42.49
CA LEU K 211 -47.57 26.13 -41.33
C LEU K 211 -46.89 27.44 -41.69
N ASP K 212 -46.96 27.87 -42.96
CA ASP K 212 -46.49 29.18 -43.35
C ASP K 212 -47.52 30.28 -43.09
N THR K 213 -48.77 29.92 -42.83
CA THR K 213 -49.82 30.91 -42.61
C THR K 213 -49.88 31.41 -41.17
N LEU K 214 -49.12 30.82 -40.25
CA LEU K 214 -49.14 31.23 -38.86
C LEU K 214 -48.11 32.33 -38.60
N GLY K 215 -48.16 32.89 -37.39
CA GLY K 215 -47.22 33.92 -36.97
C GLY K 215 -46.26 33.44 -35.90
N GLU K 216 -46.33 34.03 -34.71
CA GLU K 216 -45.46 33.64 -33.62
C GLU K 216 -46.26 33.32 -32.35
N GLU K 217 -47.37 34.04 -32.12
CA GLU K 217 -48.12 33.86 -30.89
C GLU K 217 -48.97 32.60 -30.93
N SER K 218 -49.52 32.24 -32.10
CA SER K 218 -50.20 30.96 -32.26
C SER K 218 -49.26 29.86 -32.71
N TYR K 219 -48.11 30.23 -33.29
CA TYR K 219 -47.09 29.25 -33.65
C TYR K 219 -46.61 28.48 -32.42
N LYS K 220 -46.59 29.12 -31.25
CA LYS K 220 -46.07 28.48 -30.06
C LYS K 220 -47.00 27.36 -29.58
N ASP K 221 -48.31 27.60 -29.66
CA ASP K 221 -49.27 26.58 -29.21
C ASP K 221 -49.36 25.44 -30.20
N SER K 222 -49.28 25.73 -31.49
CA SER K 222 -49.34 24.68 -32.50
C SER K 222 -48.07 23.83 -32.48
N THR K 223 -46.91 24.48 -32.42
CA THR K 223 -45.65 23.73 -32.47
C THR K 223 -45.50 22.81 -31.26
N LEU K 224 -46.07 23.21 -30.11
CA LEU K 224 -46.00 22.36 -28.94
C LEU K 224 -46.75 21.05 -29.17
N ILE K 225 -48.00 21.15 -29.64
CA ILE K 225 -48.79 19.94 -29.88
C ILE K 225 -48.10 19.06 -30.92
N MET K 226 -47.60 19.67 -31.99
CA MET K 226 -46.96 18.90 -33.05
C MET K 226 -45.80 18.07 -32.50
N GLN K 227 -44.95 18.69 -31.66
CA GLN K 227 -43.82 17.96 -31.11
C GLN K 227 -44.28 16.71 -30.37
N LEU K 228 -45.42 16.78 -29.70
CA LEU K 228 -45.97 15.61 -29.03
C LEU K 228 -46.40 14.56 -30.05
N LEU K 229 -47.05 14.99 -31.13
CA LEU K 229 -47.40 14.05 -32.21
C LEU K 229 -46.17 13.29 -32.67
N ARG K 230 -45.07 14.01 -32.91
CA ARG K 230 -43.84 13.35 -33.35
C ARG K 230 -43.33 12.38 -32.29
N ASP K 231 -43.20 12.85 -31.04
CA ASP K 231 -42.68 11.99 -29.98
C ASP K 231 -43.46 10.69 -29.90
N ASN K 232 -44.79 10.77 -29.93
CA ASN K 232 -45.60 9.56 -29.91
C ASN K 232 -45.36 8.69 -31.14
N LEU K 233 -45.24 9.33 -32.31
CA LEU K 233 -45.03 8.57 -33.55
C LEU K 233 -43.67 7.86 -33.53
N THR K 234 -42.63 8.53 -33.01
CA THR K 234 -41.33 7.87 -32.90
C THR K 234 -41.42 6.63 -32.03
N LEU K 235 -42.15 6.72 -30.91
CA LEU K 235 -42.28 5.57 -30.03
C LEU K 235 -43.17 4.50 -30.65
N TRP K 236 -44.25 4.91 -31.32
CA TRP K 236 -45.18 3.94 -31.90
C TRP K 236 -44.61 3.25 -33.12
N THR K 237 -43.66 3.89 -33.83
CA THR K 237 -43.11 3.30 -35.05
C THR K 237 -42.07 2.23 -34.75
N SER K 238 -41.30 2.38 -33.67
CA SER K 238 -40.40 1.34 -33.17
C SER K 238 -41.09 0.45 -32.15
N ASP K 239 -42.34 0.04 -32.45
CA ASP K 239 -43.16 -0.73 -31.52
C ASP K 239 -43.59 0.12 -30.33
N GLU L 1 -44.79 6.30 -21.12
CA GLU L 1 -44.42 7.67 -21.51
C GLU L 1 -45.08 8.04 -22.83
N LEU L 2 -46.42 8.05 -22.83
CA LEU L 2 -47.21 8.49 -23.97
C LEU L 2 -47.86 9.81 -23.62
N PHE L 3 -47.58 10.83 -24.44
CA PHE L 3 -48.03 12.19 -24.12
C PHE L 3 -49.40 12.51 -24.72
N ALA L 5 -52.52 15.73 -24.76
CA ALA L 5 -52.44 17.17 -25.00
C ALA L 5 -52.55 17.98 -23.70
N PRO L 6 -51.96 19.19 -23.69
CA PRO L 6 -52.08 20.09 -22.53
C PRO L 6 -53.39 20.88 -22.56
N ALA M 4 -8.57 -5.83 -45.47
CA ALA M 4 -8.85 -4.40 -45.58
C ALA M 4 -9.73 -3.96 -44.41
N SER M 5 -9.20 -4.11 -43.20
CA SER M 5 -9.92 -3.81 -41.96
C SER M 5 -9.88 -2.32 -41.65
N GLY M 6 -9.64 -1.97 -40.39
CA GLY M 6 -9.57 -0.58 -39.99
C GLY M 6 -10.57 -0.23 -38.91
N ARG M 7 -10.26 0.81 -38.13
CA ARG M 7 -11.16 1.23 -37.06
C ARG M 7 -12.49 1.71 -37.63
N GLU M 8 -12.45 2.59 -38.63
CA GLU M 8 -13.68 3.14 -39.19
C GLU M 8 -14.52 2.06 -39.86
N GLU M 9 -13.88 1.14 -40.59
CA GLU M 9 -14.62 0.09 -41.27
C GLU M 9 -15.39 -0.77 -40.28
N PHE M 10 -14.75 -1.16 -39.17
CA PHE M 10 -15.40 -2.03 -38.20
C PHE M 10 -16.50 -1.30 -37.44
N VAL M 11 -16.36 0.00 -37.23
CA VAL M 11 -17.45 0.76 -36.63
C VAL M 11 -18.69 0.69 -37.52
N TYR M 12 -18.50 0.86 -38.83
CA TYR M 12 -19.62 0.77 -39.76
C TYR M 12 -20.24 -0.62 -39.73
N MET M 13 -19.40 -1.66 -39.72
CA MET M 13 -19.93 -3.02 -39.64
C MET M 13 -20.74 -3.22 -38.36
N ALA M 14 -20.27 -2.64 -37.25
CA ALA M 14 -21.02 -2.73 -36.00
C ALA M 14 -22.39 -2.08 -36.14
N LYS M 15 -22.45 -0.94 -36.84
CA LYS M 15 -23.74 -0.28 -37.04
C LYS M 15 -24.67 -1.12 -37.92
N LEU M 16 -24.12 -1.78 -38.94
CA LEU M 16 -24.93 -2.66 -39.77
C LEU M 16 -25.47 -3.83 -38.96
N ALA M 17 -24.60 -4.47 -38.17
CA ALA M 17 -25.04 -5.58 -37.33
C ALA M 17 -26.16 -5.15 -36.40
N GLU M 18 -26.10 -3.91 -35.91
CA GLU M 18 -27.14 -3.41 -35.01
C GLU M 18 -28.48 -3.32 -35.74
N GLN M 19 -28.50 -2.63 -36.88
CA GLN M 19 -29.72 -2.56 -37.67
C GLN M 19 -30.27 -3.95 -37.97
N ALA M 20 -29.38 -4.91 -38.27
CA ALA M 20 -29.79 -6.27 -38.57
C ALA M 20 -30.16 -7.07 -37.32
N GLU M 21 -29.99 -6.49 -36.13
CA GLU M 21 -30.24 -7.19 -34.87
C GLU M 21 -29.47 -8.52 -34.82
N ARG M 22 -28.26 -8.50 -35.38
CA ARG M 22 -27.32 -9.61 -35.29
C ARG M 22 -26.24 -9.20 -34.30
N TYR M 23 -26.58 -9.30 -33.01
CA TYR M 23 -25.76 -8.66 -31.98
C TYR M 23 -24.50 -9.45 -31.65
N GLU M 24 -24.51 -10.78 -31.85
CA GLU M 24 -23.28 -11.53 -31.66
C GLU M 24 -22.19 -11.05 -32.62
N GLU M 25 -22.59 -10.69 -33.84
CA GLU M 25 -21.64 -10.13 -34.80
C GLU M 25 -21.30 -8.68 -34.49
N MET M 26 -22.22 -7.95 -33.85
CA MET M 26 -21.91 -6.59 -33.42
C MET M 26 -20.84 -6.60 -32.34
N VAL M 27 -20.87 -7.61 -31.47
CA VAL M 27 -19.81 -7.75 -30.47
C VAL M 27 -18.47 -7.96 -31.14
N GLU M 28 -18.41 -8.89 -32.09
CA GLU M 28 -17.15 -9.17 -32.79
C GLU M 28 -16.59 -7.93 -33.46
N PHE M 29 -17.46 -7.14 -34.09
CA PHE M 29 -16.99 -5.94 -34.77
C PHE M 29 -16.45 -4.91 -33.78
N MET M 30 -17.10 -4.77 -32.63
CA MET M 30 -16.62 -3.82 -31.62
C MET M 30 -15.40 -4.35 -30.89
N GLU M 31 -15.29 -5.67 -30.71
CA GLU M 31 -14.04 -6.23 -30.22
C GLU M 31 -12.88 -5.83 -31.12
N LYS M 32 -13.10 -5.84 -32.45
CA LYS M 32 -12.05 -5.45 -33.37
C LYS M 32 -11.81 -3.95 -33.34
N VAL M 33 -12.85 -3.14 -33.11
CA VAL M 33 -12.65 -1.71 -32.96
C VAL M 33 -11.76 -1.43 -31.75
N SER M 34 -12.06 -2.08 -30.62
CA SER M 34 -11.27 -1.88 -29.41
C SER M 34 -9.83 -2.34 -29.60
N ALA M 35 -9.62 -3.40 -30.41
CA ALA M 35 -8.27 -3.87 -30.66
C ALA M 35 -7.48 -2.89 -31.50
N ALA M 36 -8.14 -2.18 -32.42
CA ALA M 36 -7.47 -1.19 -33.26
C ALA M 36 -7.16 0.10 -32.53
N VAL M 37 -7.73 0.31 -31.33
CA VAL M 37 -7.51 1.53 -30.55
C VAL M 37 -6.61 1.21 -29.37
N ASP M 38 -5.31 1.09 -29.62
CA ASP M 38 -4.35 0.78 -28.58
C ASP M 38 -4.04 2.04 -27.76
N GLY M 39 -4.21 1.94 -26.45
CA GLY M 39 -3.91 3.05 -25.56
C GLY M 39 -4.94 4.15 -25.57
N ASP M 40 -5.32 4.60 -26.76
CA ASP M 40 -6.32 5.66 -26.88
C ASP M 40 -7.68 5.16 -26.37
N GLU M 41 -8.53 6.12 -26.02
CA GLU M 41 -9.87 5.78 -25.55
C GLU M 41 -10.81 5.59 -26.74
N LEU M 42 -11.83 4.76 -26.52
CA LEU M 42 -12.93 4.69 -27.48
C LEU M 42 -13.71 6.00 -27.43
N THR M 43 -14.23 6.40 -28.60
CA THR M 43 -15.09 7.57 -28.64
C THR M 43 -16.39 7.28 -27.89
N VAL M 44 -17.17 8.35 -27.66
CA VAL M 44 -18.48 8.17 -27.05
C VAL M 44 -19.35 7.28 -27.93
N GLU M 45 -19.26 7.45 -29.25
CA GLU M 45 -20.02 6.61 -30.17
C GLU M 45 -19.57 5.16 -30.09
N GLU M 46 -18.25 4.93 -30.19
CA GLU M 46 -17.73 3.57 -30.12
C GLU M 46 -18.05 2.94 -28.77
N ARG M 47 -17.82 3.69 -27.70
CA ARG M 47 -18.10 3.17 -26.35
C ARG M 47 -19.55 2.74 -26.23
N ASN M 48 -20.48 3.55 -26.74
CA ASN M 48 -21.89 3.20 -26.63
C ASN M 48 -22.25 2.00 -27.52
N LEU M 49 -21.68 1.95 -28.73
CA LEU M 49 -21.93 0.81 -29.60
C LEU M 49 -21.47 -0.49 -28.94
N LEU M 50 -20.33 -0.44 -28.24
CA LEU M 50 -19.86 -1.63 -27.53
C LEU M 50 -20.82 -2.04 -26.42
N SER M 51 -21.48 -1.08 -25.79
CA SER M 51 -22.37 -1.41 -24.68
C SER M 51 -23.66 -2.04 -25.19
N VAL M 52 -24.28 -1.46 -26.21
CA VAL M 52 -25.51 -2.02 -26.76
C VAL M 52 -25.27 -3.44 -27.27
N ALA M 53 -24.13 -3.66 -27.93
CA ALA M 53 -23.81 -4.99 -28.44
C ALA M 53 -23.84 -6.02 -27.33
N TYR M 54 -22.99 -5.82 -26.30
CA TYR M 54 -22.93 -6.77 -25.20
C TYR M 54 -24.25 -6.80 -24.43
N LYS M 55 -24.89 -5.63 -24.26
CA LYS M 55 -26.16 -5.58 -23.55
C LYS M 55 -27.20 -6.50 -24.20
N ASN M 56 -27.28 -6.49 -25.53
CA ASN M 56 -28.29 -7.31 -26.19
C ASN M 56 -27.89 -8.78 -26.20
N VAL M 57 -26.62 -9.09 -26.44
CA VAL M 57 -26.17 -10.47 -26.39
C VAL M 57 -26.49 -11.08 -25.03
N ILE M 58 -26.00 -10.45 -23.96
CA ILE M 58 -26.25 -10.95 -22.60
C ILE M 58 -27.74 -10.90 -22.28
N GLY M 59 -28.42 -9.85 -22.72
CA GLY M 59 -29.84 -9.72 -22.42
C GLY M 59 -30.65 -10.91 -22.87
N ALA M 60 -30.32 -11.46 -24.04
CA ALA M 60 -31.04 -12.62 -24.55
C ALA M 60 -30.82 -13.84 -23.65
N ARG M 61 -29.55 -14.14 -23.35
CA ARG M 61 -29.25 -15.30 -22.52
C ARG M 61 -29.85 -15.16 -21.12
N ARG M 62 -29.86 -13.93 -20.57
CA ARG M 62 -30.50 -13.71 -19.28
C ARG M 62 -31.99 -14.02 -19.35
N ALA M 63 -32.67 -13.48 -20.36
CA ALA M 63 -34.08 -13.83 -20.56
C ALA M 63 -34.26 -15.33 -20.68
N SER M 64 -33.40 -15.99 -21.47
CA SER M 64 -33.50 -17.44 -21.61
C SER M 64 -33.26 -18.14 -20.29
N TRP M 65 -32.24 -17.71 -19.54
CA TRP M 65 -31.93 -18.37 -18.27
C TRP M 65 -33.11 -18.27 -17.30
N ARG M 66 -33.71 -17.08 -17.20
CA ARG M 66 -34.82 -16.90 -16.26
C ARG M 66 -35.96 -17.86 -16.57
N ILE M 67 -36.39 -17.91 -17.84
CA ILE M 67 -37.54 -18.74 -18.19
C ILE M 67 -37.24 -20.22 -17.96
N ILE M 68 -36.03 -20.66 -18.31
CA ILE M 68 -35.65 -22.06 -18.08
C ILE M 68 -35.67 -22.37 -16.59
N SER M 69 -35.16 -21.46 -15.76
CA SER M 69 -35.13 -21.68 -14.32
C SER M 69 -36.53 -21.86 -13.76
N SER M 70 -37.46 -20.98 -14.16
CA SER M 70 -38.84 -21.12 -13.71
C SER M 70 -39.42 -22.47 -14.10
N ILE M 71 -39.14 -22.93 -15.33
CA ILE M 71 -39.63 -24.23 -15.77
C ILE M 71 -38.99 -25.35 -14.94
N GLU M 72 -37.70 -25.22 -14.63
CA GLU M 72 -37.03 -26.24 -13.84
C GLU M 72 -37.71 -26.42 -12.48
N GLN M 73 -37.93 -25.31 -11.76
CA GLN M 73 -38.53 -25.40 -10.43
C GLN M 73 -39.93 -26.00 -10.50
N LYS M 74 -40.72 -25.61 -11.50
CA LYS M 74 -42.04 -26.18 -11.67
C LYS M 74 -41.96 -27.66 -11.97
N GLU M 75 -41.08 -28.05 -12.91
CA GLU M 75 -40.91 -29.46 -13.21
C GLU M 75 -40.39 -30.24 -12.01
N GLU M 76 -39.61 -29.60 -11.15
CA GLU M 76 -39.18 -30.26 -9.92
C GLU M 76 -40.36 -30.60 -9.03
N SER M 77 -41.39 -29.76 -9.03
CA SER M 77 -42.54 -29.98 -8.18
C SER M 77 -43.48 -31.07 -8.71
N ARG M 78 -43.40 -31.41 -9.99
CA ARG M 78 -44.20 -32.50 -10.54
C ARG M 78 -43.42 -33.80 -10.68
N GLY M 79 -42.11 -33.80 -10.45
CA GLY M 79 -41.34 -35.02 -10.38
C GLY M 79 -40.91 -35.62 -11.70
N ASN M 80 -40.97 -34.86 -12.78
CA ASN M 80 -40.53 -35.34 -14.09
C ASN M 80 -39.00 -35.45 -14.05
N ASP M 81 -38.52 -36.55 -13.48
CA ASP M 81 -37.08 -36.72 -13.30
C ASP M 81 -36.35 -36.65 -14.64
N ASP M 82 -36.93 -37.24 -15.68
CA ASP M 82 -36.30 -37.16 -17.00
C ASP M 82 -36.26 -35.72 -17.50
N HIS M 83 -37.33 -34.96 -17.28
CA HIS M 83 -37.34 -33.57 -17.72
C HIS M 83 -36.36 -32.72 -16.91
N VAL M 84 -36.33 -32.90 -15.59
CA VAL M 84 -35.44 -32.10 -14.75
C VAL M 84 -33.99 -32.28 -15.18
N THR M 85 -33.59 -33.52 -15.47
CA THR M 85 -32.23 -33.75 -15.93
C THR M 85 -31.97 -33.02 -17.25
N ALA M 86 -32.94 -33.04 -18.16
CA ALA M 86 -32.77 -32.37 -19.44
C ALA M 86 -32.76 -30.85 -19.26
N ILE M 87 -33.59 -30.33 -18.36
CA ILE M 87 -33.62 -28.89 -18.13
C ILE M 87 -32.31 -28.42 -17.51
N ARG M 88 -31.80 -29.14 -16.52
CA ARG M 88 -30.55 -28.74 -15.88
C ARG M 88 -29.43 -28.65 -16.90
N GLU M 89 -29.32 -29.66 -17.78
CA GLU M 89 -28.29 -29.62 -18.81
C GLU M 89 -28.49 -28.43 -19.73
N TYR M 90 -29.73 -28.12 -20.08
CA TYR M 90 -30.00 -26.98 -20.96
C TYR M 90 -29.66 -25.67 -20.26
N ARG M 91 -30.08 -25.52 -19.00
CA ARG M 91 -29.70 -24.33 -18.24
C ARG M 91 -28.18 -24.22 -18.13
N SER M 92 -27.50 -25.35 -17.90
CA SER M 92 -26.04 -25.31 -17.80
C SER M 92 -25.41 -24.81 -19.09
N LYS M 93 -25.99 -25.18 -20.24
CA LYS M 93 -25.47 -24.68 -21.51
C LYS M 93 -25.64 -23.17 -21.62
N ILE M 94 -26.79 -22.65 -21.20
CA ILE M 94 -27.02 -21.21 -21.23
C ILE M 94 -26.07 -20.51 -20.26
N GLU M 95 -25.82 -21.11 -19.10
CA GLU M 95 -24.92 -20.50 -18.14
C GLU M 95 -23.50 -20.41 -18.70
N THR M 96 -23.06 -21.46 -19.41
CA THR M 96 -21.74 -21.41 -20.04
C THR M 96 -21.66 -20.24 -21.03
N GLU M 97 -22.74 -19.97 -21.74
CA GLU M 97 -22.76 -18.83 -22.65
C GLU M 97 -22.72 -17.52 -21.88
N LEU M 98 -23.54 -17.40 -20.83
CA LEU M 98 -23.49 -16.21 -19.98
C LEU M 98 -22.09 -15.97 -19.46
N SER M 99 -21.44 -17.01 -18.93
CA SER M 99 -20.08 -16.86 -18.42
C SER M 99 -19.13 -16.40 -19.53
N GLY M 100 -19.23 -17.01 -20.71
CA GLY M 100 -18.34 -16.63 -21.79
C GLY M 100 -18.54 -15.21 -22.25
N ILE M 101 -19.78 -14.74 -22.27
CA ILE M 101 -20.05 -13.37 -22.69
C ILE M 101 -19.47 -12.38 -21.69
N CYS M 102 -19.76 -12.59 -20.40
CA CYS M 102 -19.20 -11.71 -19.37
C CYS M 102 -17.68 -11.74 -19.38
N ASP M 103 -17.10 -12.92 -19.55
CA ASP M 103 -15.64 -13.02 -19.60
C ASP M 103 -15.06 -12.12 -20.68
N GLY M 104 -15.72 -12.07 -21.85
CA GLY M 104 -15.17 -11.30 -22.96
C GLY M 104 -15.14 -9.81 -22.67
N ILE M 105 -16.25 -9.26 -22.18
CA ILE M 105 -16.30 -7.83 -21.92
C ILE M 105 -15.52 -7.48 -20.66
N LEU M 106 -15.48 -8.38 -19.68
CA LEU M 106 -14.71 -8.10 -18.47
C LEU M 106 -13.21 -8.07 -18.76
N LYS M 107 -12.72 -9.00 -19.58
CA LYS M 107 -11.31 -8.97 -19.95
C LYS M 107 -10.98 -7.70 -20.73
N LEU M 108 -11.84 -7.33 -21.67
CA LEU M 108 -11.62 -6.09 -22.41
C LEU M 108 -11.61 -4.89 -21.48
N LEU M 109 -12.48 -4.88 -20.47
CA LEU M 109 -12.54 -3.77 -19.54
C LEU M 109 -11.29 -3.72 -18.66
N ASP M 110 -10.87 -4.86 -18.13
CA ASP M 110 -9.76 -4.87 -17.18
C ASP M 110 -8.43 -4.56 -17.87
N SER M 111 -8.25 -5.03 -19.10
CA SER M 111 -6.94 -4.96 -19.76
C SER M 111 -6.75 -3.76 -20.66
N ARG M 112 -7.83 -3.06 -21.05
CA ARG M 112 -7.69 -1.97 -22.00
C ARG M 112 -8.54 -0.76 -21.66
N LEU M 113 -9.85 -0.95 -21.48
CA LEU M 113 -10.76 0.19 -21.38
C LEU M 113 -10.58 0.93 -20.06
N ILE M 114 -10.56 0.21 -18.94
CA ILE M 114 -10.40 0.84 -17.64
C ILE M 114 -9.01 1.46 -17.54
N PRO M 115 -7.94 0.73 -17.87
CA PRO M 115 -6.60 1.35 -17.83
C PRO M 115 -6.49 2.63 -18.65
N ALA M 116 -7.14 2.69 -19.80
CA ALA M 116 -7.01 3.81 -20.71
C ALA M 116 -7.98 4.94 -20.43
N ALA M 117 -8.94 4.74 -19.53
CA ALA M 117 -9.89 5.80 -19.21
C ALA M 117 -9.16 6.96 -18.54
N ALA M 118 -9.22 8.14 -19.16
CA ALA M 118 -8.45 9.29 -18.69
C ALA M 118 -9.28 10.32 -17.94
N SER M 119 -10.60 10.37 -18.17
CA SER M 119 -11.47 11.33 -17.53
C SER M 119 -12.38 10.62 -16.54
N GLY M 120 -12.89 11.40 -15.57
CA GLY M 120 -13.88 10.86 -14.67
C GLY M 120 -15.13 10.37 -15.40
N ASP M 121 -15.47 11.03 -16.50
CA ASP M 121 -16.60 10.57 -17.31
C ASP M 121 -16.41 9.11 -17.73
N SER M 122 -15.28 8.81 -18.36
CA SER M 122 -15.05 7.46 -18.87
C SER M 122 -14.84 6.46 -17.74
N LYS M 123 -14.15 6.87 -16.67
CA LYS M 123 -13.84 5.94 -15.59
C LYS M 123 -15.11 5.40 -14.95
N VAL M 124 -16.07 6.28 -14.66
CA VAL M 124 -17.34 5.83 -14.07
C VAL M 124 -18.07 4.90 -15.03
N PHE M 125 -18.07 5.25 -16.32
CA PHE M 125 -18.77 4.42 -17.31
C PHE M 125 -18.21 3.00 -17.32
N TYR M 126 -16.90 2.87 -17.48
CA TYR M 126 -16.31 1.54 -17.62
C TYR M 126 -16.32 0.78 -16.30
N LEU M 127 -16.08 1.47 -15.19
CA LEU M 127 -16.17 0.82 -13.89
C LEU M 127 -17.60 0.36 -13.62
N LYS M 128 -18.58 1.20 -13.98
CA LYS M 128 -19.98 0.79 -13.87
C LYS M 128 -20.24 -0.45 -14.71
N MET M 129 -19.75 -0.46 -15.96
CA MET M 129 -19.97 -1.63 -16.82
C MET M 129 -19.36 -2.88 -16.21
N LYS M 130 -18.16 -2.76 -15.62
CA LYS M 130 -17.53 -3.89 -14.97
C LYS M 130 -18.44 -4.46 -13.89
N GLY M 131 -18.99 -3.58 -13.04
CA GLY M 131 -19.91 -4.05 -12.02
C GLY M 131 -21.17 -4.66 -12.59
N ASP M 132 -21.66 -4.11 -13.71
CA ASP M 132 -22.85 -4.66 -14.33
C ASP M 132 -22.66 -6.12 -14.72
N TYR M 133 -21.51 -6.44 -15.32
CA TYR M 133 -21.29 -7.80 -15.82
C TYR M 133 -20.82 -8.76 -14.74
N HIS M 134 -20.20 -8.27 -13.66
CA HIS M 134 -20.06 -9.09 -12.48
C HIS M 134 -21.42 -9.37 -11.84
N ARG M 135 -22.32 -8.39 -11.89
CA ARG M 135 -23.66 -8.58 -11.35
C ARG M 135 -24.44 -9.61 -12.16
N TYR M 136 -24.30 -9.61 -13.48
CA TYR M 136 -24.96 -10.63 -14.29
C TYR M 136 -24.47 -12.02 -13.94
N LEU M 137 -23.15 -12.15 -13.69
CA LEU M 137 -22.63 -13.42 -13.20
C LEU M 137 -23.28 -13.81 -11.88
N ALA M 138 -23.34 -12.87 -10.94
CA ALA M 138 -23.97 -13.14 -9.64
C ALA M 138 -25.42 -13.57 -9.79
N GLU M 139 -26.08 -13.19 -10.88
CA GLU M 139 -27.50 -13.51 -11.04
C GLU M 139 -27.73 -15.02 -11.12
N PHE M 140 -26.77 -15.77 -11.69
CA PHE M 140 -26.96 -17.20 -11.88
C PHE M 140 -25.90 -18.07 -11.20
N LYS M 141 -24.77 -17.51 -10.79
CA LYS M 141 -23.78 -18.29 -10.08
C LYS M 141 -24.30 -18.66 -8.69
N THR M 142 -23.62 -19.62 -8.07
CA THR M 142 -23.96 -20.07 -6.72
C THR M 142 -22.69 -20.31 -5.92
N GLY M 143 -22.85 -20.39 -4.60
CA GLY M 143 -21.71 -20.71 -3.75
C GLY M 143 -20.65 -19.64 -3.79
N GLN M 144 -19.39 -20.07 -3.86
CA GLN M 144 -18.28 -19.13 -3.86
C GLN M 144 -18.26 -18.27 -5.12
N GLU M 145 -18.53 -18.88 -6.27
CA GLU M 145 -18.54 -18.10 -7.51
C GLU M 145 -19.54 -16.95 -7.45
N ARG M 146 -20.64 -17.13 -6.72
CA ARG M 146 -21.58 -16.03 -6.53
C ARG M 146 -21.02 -14.97 -5.59
N LYS M 147 -20.43 -15.40 -4.47
CA LYS M 147 -19.83 -14.44 -3.54
C LYS M 147 -18.71 -13.65 -4.21
N ASP M 148 -17.83 -14.33 -4.94
CA ASP M 148 -16.73 -13.63 -5.61
C ASP M 148 -17.28 -12.62 -6.63
N ALA M 149 -18.36 -12.98 -7.31
CA ALA M 149 -18.98 -12.04 -8.25
C ALA M 149 -19.61 -10.86 -7.51
N ALA M 150 -20.31 -11.13 -6.41
CA ALA M 150 -20.90 -10.04 -5.64
C ALA M 150 -19.82 -9.11 -5.09
N GLU M 151 -18.68 -9.65 -4.68
CA GLU M 151 -17.59 -8.81 -4.19
C GLU M 151 -17.04 -7.93 -5.31
N HIS M 152 -16.82 -8.51 -6.49
CA HIS M 152 -16.30 -7.72 -7.61
C HIS M 152 -17.29 -6.65 -8.05
N THR M 153 -18.59 -6.96 -7.99
CA THR M 153 -19.60 -5.96 -8.32
C THR M 153 -19.53 -4.79 -7.35
N LEU M 154 -19.59 -5.08 -6.04
CA LEU M 154 -19.50 -4.02 -5.04
C LEU M 154 -18.21 -3.22 -5.22
N ALA M 155 -17.08 -3.91 -5.37
CA ALA M 155 -15.81 -3.21 -5.58
C ALA M 155 -15.91 -2.23 -6.74
N ALA M 156 -16.38 -2.72 -7.90
CA ALA M 156 -16.46 -1.86 -9.08
C ALA M 156 -17.45 -0.73 -8.87
N TYR M 157 -18.65 -1.05 -8.37
CA TYR M 157 -19.64 0.00 -8.12
C TYR M 157 -19.15 0.99 -7.07
N LYS M 158 -18.54 0.49 -6.00
CA LYS M 158 -18.02 1.37 -4.96
C LYS M 158 -17.06 2.41 -5.56
N SER M 159 -16.02 1.94 -6.25
CA SER M 159 -15.08 2.84 -6.89
C SER M 159 -15.80 3.83 -7.79
N ALA M 160 -16.59 3.32 -8.74
CA ALA M 160 -17.28 4.18 -9.68
C ALA M 160 -18.11 5.25 -8.97
N GLN M 161 -18.77 4.88 -7.87
CA GLN M 161 -19.58 5.85 -7.14
C GLN M 161 -18.71 6.98 -6.59
N ASP M 162 -17.53 6.64 -6.06
CA ASP M 162 -16.65 7.66 -5.50
C ASP M 162 -16.26 8.69 -6.54
N ILE M 163 -15.78 8.23 -7.70
CA ILE M 163 -15.43 9.17 -8.77
C ILE M 163 -16.66 9.95 -9.21
N ALA M 164 -17.80 9.27 -9.31
CA ALA M 164 -19.01 9.93 -9.77
C ALA M 164 -19.41 11.06 -8.83
N ASN M 165 -19.39 10.80 -7.52
CA ASN M 165 -19.73 11.83 -6.56
C ASN M 165 -18.75 13.00 -6.63
N ALA M 166 -17.51 12.74 -7.00
CA ALA M 166 -16.48 13.76 -6.98
C ALA M 166 -16.37 14.54 -8.28
N GLU M 167 -16.63 13.89 -9.42
CA GLU M 167 -16.33 14.50 -10.72
C GLU M 167 -17.51 14.57 -11.68
N LEU M 168 -18.69 14.07 -11.30
CA LEU M 168 -19.86 14.10 -12.17
C LEU M 168 -21.02 14.80 -11.47
N ALA M 169 -21.78 15.57 -12.23
CA ALA M 169 -22.92 16.29 -11.67
C ALA M 169 -23.96 15.27 -11.18
N PRO M 170 -24.76 15.64 -10.17
CA PRO M 170 -25.79 14.70 -9.69
C PRO M 170 -26.76 14.29 -10.77
N THR M 171 -26.91 15.07 -11.83
CA THR M 171 -27.86 14.79 -12.90
C THR M 171 -27.24 14.07 -14.08
N HIS M 172 -25.94 13.80 -14.05
CA HIS M 172 -25.29 13.15 -15.18
C HIS M 172 -25.91 11.78 -15.41
N PRO M 173 -26.26 11.43 -16.64
CA PRO M 173 -26.88 10.11 -16.87
C PRO M 173 -26.03 8.95 -16.38
N ILE M 174 -24.70 9.02 -16.53
CA ILE M 174 -23.84 7.93 -16.09
C ILE M 174 -23.92 7.76 -14.59
N ARG M 175 -23.82 8.86 -13.84
CA ARG M 175 -23.92 8.78 -12.39
C ARG M 175 -25.29 8.24 -11.98
N LEU M 176 -26.36 8.75 -12.59
CA LEU M 176 -27.69 8.25 -12.27
C LEU M 176 -27.83 6.77 -12.63
N GLY M 177 -27.34 6.39 -13.81
CA GLY M 177 -27.38 4.98 -14.19
C GLY M 177 -26.64 4.10 -13.20
N LEU M 178 -25.48 4.55 -12.74
CA LEU M 178 -24.73 3.78 -11.74
C LEU M 178 -25.56 3.59 -10.48
N ALA M 179 -26.17 4.67 -9.97
CA ALA M 179 -26.97 4.55 -8.76
C ALA M 179 -28.12 3.57 -8.96
N LEU M 180 -28.78 3.63 -10.10
CA LEU M 180 -29.89 2.71 -10.38
C LEU M 180 -29.40 1.26 -10.34
N ASN M 181 -28.30 0.97 -11.04
CA ASN M 181 -27.78 -0.40 -11.05
C ASN M 181 -27.21 -0.77 -9.68
N PHE M 182 -26.53 0.16 -9.02
CA PHE M 182 -26.00 -0.11 -7.69
C PHE M 182 -27.13 -0.46 -6.72
N SER M 183 -28.24 0.28 -6.79
CA SER M 183 -29.37 -0.01 -5.92
C SER M 183 -29.95 -1.39 -6.23
N VAL M 184 -30.12 -1.70 -7.52
CA VAL M 184 -30.60 -3.02 -7.91
C VAL M 184 -29.69 -4.11 -7.36
N PHE M 185 -28.38 -3.88 -7.41
CA PHE M 185 -27.43 -4.85 -6.86
C PHE M 185 -27.73 -5.11 -5.39
N TYR M 186 -27.97 -4.06 -4.61
CA TYR M 186 -28.26 -4.24 -3.19
C TYR M 186 -29.52 -5.07 -2.99
N TYR M 187 -30.57 -4.81 -3.77
CA TYR M 187 -31.85 -5.43 -3.50
C TYR M 187 -31.86 -6.90 -3.93
N GLU M 188 -31.32 -7.20 -5.11
CA GLU M 188 -31.46 -8.53 -5.70
C GLU M 188 -30.32 -9.45 -5.34
N ILE M 189 -29.08 -8.97 -5.36
CA ILE M 189 -27.92 -9.82 -5.10
C ILE M 189 -27.62 -9.93 -3.60
N LEU M 190 -27.55 -8.79 -2.90
CA LEU M 190 -27.18 -8.78 -1.50
C LEU M 190 -28.39 -8.84 -0.56
N ASN M 191 -29.60 -8.74 -1.09
CA ASN M 191 -30.81 -8.81 -0.28
C ASN M 191 -30.76 -7.78 0.86
N SER M 192 -30.42 -6.54 0.49
CA SER M 192 -30.33 -5.41 1.43
C SER M 192 -31.33 -4.36 0.96
N PRO M 193 -32.62 -4.57 1.19
CA PRO M 193 -33.61 -3.60 0.68
C PRO M 193 -33.44 -2.20 1.22
N ASP M 194 -33.12 -2.05 2.52
CA ASP M 194 -32.91 -0.72 3.08
C ASP M 194 -31.77 -0.01 2.37
N ARG M 195 -30.62 -0.68 2.23
CA ARG M 195 -29.49 -0.04 1.55
CA ARG M 195 -29.49 -0.06 1.55
C ARG M 195 -29.83 0.30 0.10
N ALA M 196 -30.70 -0.49 -0.54
CA ALA M 196 -31.10 -0.19 -1.91
C ALA M 196 -31.98 1.05 -1.96
N CYS M 197 -33.00 1.10 -1.10
CA CYS M 197 -33.92 2.24 -1.11
C CYS M 197 -33.16 3.55 -0.84
N ASN M 198 -32.31 3.55 0.18
CA ASN M 198 -31.62 4.79 0.55
C ASN M 198 -30.74 5.29 -0.57
N LEU M 199 -30.01 4.40 -1.24
CA LEU M 199 -29.14 4.82 -2.33
C LEU M 199 -29.96 5.37 -3.50
N ALA M 200 -31.05 4.71 -3.85
CA ALA M 200 -31.90 5.19 -4.94
C ALA M 200 -32.51 6.54 -4.60
N LYS M 201 -33.05 6.67 -3.38
CA LYS M 201 -33.58 7.96 -2.94
C LYS M 201 -32.50 9.03 -2.97
N GLN M 202 -31.35 8.73 -2.37
CA GLN M 202 -30.26 9.70 -2.31
C GLN M 202 -29.88 10.17 -3.72
N ALA M 203 -29.66 9.23 -4.64
CA ALA M 203 -29.29 9.61 -6.00
C ALA M 203 -30.40 10.38 -6.69
N PHE M 204 -31.66 10.07 -6.37
CA PHE M 204 -32.78 10.79 -6.99
C PHE M 204 -32.91 12.20 -6.41
N ASP M 205 -32.73 12.34 -5.09
CA ASP M 205 -32.83 13.65 -4.47
C ASP M 205 -31.69 14.56 -4.90
N GLU M 206 -30.46 14.03 -4.91
CA GLU M 206 -29.32 14.85 -5.34
C GLU M 206 -29.51 15.37 -6.75
N ALA M 207 -30.29 14.67 -7.57
CA ALA M 207 -30.48 15.08 -8.95
C ALA M 207 -31.60 16.11 -9.10
N ILE M 208 -32.70 15.93 -8.38
CA ILE M 208 -33.80 16.89 -8.46
C ILE M 208 -33.35 18.24 -7.89
N ALA M 209 -32.39 18.24 -6.98
CA ALA M 209 -31.93 19.49 -6.37
C ALA M 209 -31.38 20.45 -7.42
N GLU M 210 -30.55 19.94 -8.33
CA GLU M 210 -29.92 20.75 -9.37
C GLU M 210 -30.41 20.37 -10.77
N LEU M 211 -31.66 19.92 -10.87
CA LEU M 211 -32.25 19.57 -12.15
C LEU M 211 -32.57 20.79 -12.99
N ASP M 212 -32.42 22.00 -12.44
CA ASP M 212 -32.78 23.20 -13.18
C ASP M 212 -31.76 23.53 -14.25
N THR M 213 -30.50 23.16 -14.05
CA THR M 213 -29.42 23.57 -14.94
C THR M 213 -29.42 22.83 -16.27
N LEU M 214 -30.25 21.80 -16.42
CA LEU M 214 -30.26 21.02 -17.65
C LEU M 214 -31.02 21.74 -18.75
N GLY M 215 -30.63 21.48 -20.00
CA GLY M 215 -31.30 22.05 -21.14
C GLY M 215 -32.51 21.23 -21.55
N GLU M 216 -32.61 20.90 -22.83
CA GLU M 216 -33.66 20.02 -23.34
C GLU M 216 -33.15 18.65 -23.73
N GLU M 217 -31.98 18.58 -24.36
CA GLU M 217 -31.40 17.28 -24.72
C GLU M 217 -30.85 16.56 -23.50
N SER M 218 -30.35 17.31 -22.51
CA SER M 218 -29.81 16.71 -21.29
C SER M 218 -30.87 16.50 -20.22
N TYR M 219 -31.97 17.26 -20.27
CA TYR M 219 -33.06 17.02 -19.33
C TYR M 219 -33.80 15.73 -19.67
N LYS M 220 -33.87 15.37 -20.96
CA LYS M 220 -34.54 14.13 -21.34
C LYS M 220 -33.75 12.92 -20.87
N ASP M 221 -32.42 12.97 -20.95
CA ASP M 221 -31.61 11.83 -20.55
C ASP M 221 -31.67 11.62 -19.04
N SER M 222 -31.54 12.69 -18.26
CA SER M 222 -31.54 12.56 -16.81
C SER M 222 -32.91 12.14 -16.28
N THR M 223 -33.98 12.72 -16.83
CA THR M 223 -35.31 12.40 -16.34
C THR M 223 -35.69 10.95 -16.62
N LEU M 224 -35.14 10.37 -17.69
CA LEU M 224 -35.43 8.97 -18.00
C LEU M 224 -34.89 8.05 -16.93
N ILE M 225 -33.62 8.22 -16.55
CA ILE M 225 -33.04 7.38 -15.51
C ILE M 225 -33.74 7.61 -14.18
N MET M 226 -34.08 8.87 -13.88
CA MET M 226 -34.71 9.19 -12.61
C MET M 226 -36.07 8.53 -12.48
N GLN M 227 -36.82 8.42 -13.58
CA GLN M 227 -38.11 7.76 -13.53
C GLN M 227 -37.96 6.29 -13.14
N LEU M 228 -36.94 5.62 -13.68
CA LEU M 228 -36.70 4.23 -13.30
C LEU M 228 -36.36 4.10 -11.82
N LEU M 229 -35.54 5.02 -11.30
CA LEU M 229 -35.27 5.04 -9.87
C LEU M 229 -36.57 5.10 -9.08
N ARG M 230 -37.47 6.01 -9.46
CA ARG M 230 -38.75 6.13 -8.76
C ARG M 230 -39.56 4.85 -8.90
N ASP M 231 -39.64 4.30 -10.12
CA ASP M 231 -40.41 3.08 -10.34
C ASP M 231 -39.92 1.96 -9.43
N ASN M 232 -38.60 1.80 -9.30
CA ASN M 232 -38.08 0.79 -8.39
C ASN M 232 -38.42 1.10 -6.94
N LEU M 233 -38.30 2.38 -6.55
CA LEU M 233 -38.59 2.76 -5.18
C LEU M 233 -40.03 2.45 -4.81
N THR M 234 -40.98 2.75 -5.70
CA THR M 234 -42.37 2.46 -5.41
C THR M 234 -42.57 0.97 -5.10
N LEU M 235 -41.85 0.10 -5.82
CA LEU M 235 -42.00 -1.33 -5.60
C LEU M 235 -41.24 -1.78 -4.36
N TRP M 236 -40.03 -1.26 -4.14
CA TRP M 236 -39.25 -1.67 -2.98
C TRP M 236 -39.89 -1.19 -1.68
N THR M 237 -40.46 0.02 -1.67
CA THR M 237 -40.96 0.58 -0.42
C THR M 237 -42.21 -0.16 0.07
N SER M 238 -43.00 -0.72 -0.85
CA SER M 238 -44.12 -1.58 -0.49
C SER M 238 -43.70 -3.03 -0.31
N ASP M 239 -42.41 -3.27 -0.07
CA ASP M 239 -41.77 -4.60 0.02
C ASP M 239 -41.09 -4.97 -1.28
N GLU N 1 -40.97 -6.21 -13.75
CA GLU N 1 -40.78 -5.88 -12.34
C GLU N 1 -39.84 -4.69 -12.16
N LEU N 2 -38.56 -4.96 -11.90
CA LEU N 2 -37.57 -3.94 -11.64
C LEU N 2 -36.81 -3.57 -12.91
N PHE N 3 -36.25 -2.36 -12.91
CA PHE N 3 -35.53 -1.85 -14.06
C PHE N 3 -34.09 -1.48 -13.71
N ALA N 5 -30.44 0.12 -15.61
CA ALA N 5 -30.26 1.26 -16.51
C ALA N 5 -30.15 0.82 -17.97
N PRO N 6 -30.71 1.64 -18.88
CA PRO N 6 -30.56 1.35 -20.31
C PRO N 6 -29.20 1.78 -20.85
N GLY O 6 -36.74 -41.52 -27.79
CA GLY O 6 -36.04 -40.51 -28.54
C GLY O 6 -36.94 -39.37 -29.00
N ARG O 7 -38.08 -39.71 -29.59
CA ARG O 7 -38.96 -38.68 -30.13
C ARG O 7 -39.54 -37.81 -29.02
N GLU O 8 -39.99 -38.42 -27.92
CA GLU O 8 -40.62 -37.65 -26.86
C GLU O 8 -39.65 -36.67 -26.24
N GLU O 9 -38.40 -37.09 -26.00
CA GLU O 9 -37.42 -36.22 -25.39
C GLU O 9 -37.09 -35.03 -26.29
N PHE O 10 -36.95 -35.27 -27.59
CA PHE O 10 -36.60 -34.17 -28.49
C PHE O 10 -37.76 -33.21 -28.69
N VAL O 11 -39.00 -33.69 -28.54
CA VAL O 11 -40.14 -32.78 -28.54
C VAL O 11 -40.07 -31.85 -27.33
N TYR O 12 -39.74 -32.41 -26.16
CA TYR O 12 -39.64 -31.58 -24.95
C TYR O 12 -38.54 -30.55 -25.08
N MET O 13 -37.35 -30.98 -25.54
CA MET O 13 -36.27 -30.03 -25.76
C MET O 13 -36.69 -28.92 -26.72
N ALA O 14 -37.46 -29.28 -27.75
CA ALA O 14 -37.93 -28.27 -28.70
C ALA O 14 -38.85 -27.26 -28.01
N LYS O 15 -39.66 -27.73 -27.05
CA LYS O 15 -40.52 -26.81 -26.32
C LYS O 15 -39.72 -25.90 -25.40
N LEU O 16 -38.67 -26.43 -24.77
CA LEU O 16 -37.81 -25.59 -23.95
C LEU O 16 -37.13 -24.52 -24.79
N ALA O 17 -36.60 -24.91 -25.95
CA ALA O 17 -35.94 -23.94 -26.82
C ALA O 17 -36.91 -22.84 -27.23
N GLU O 18 -38.15 -23.21 -27.55
CA GLU O 18 -39.15 -22.21 -27.89
C GLU O 18 -39.33 -21.20 -26.77
N GLN O 19 -39.51 -21.69 -25.54
CA GLN O 19 -39.63 -20.80 -24.39
C GLN O 19 -38.39 -19.91 -24.26
N ALA O 20 -37.21 -20.50 -24.46
CA ALA O 20 -35.97 -19.73 -24.38
C ALA O 20 -35.73 -18.85 -25.59
N GLU O 21 -36.57 -18.95 -26.61
CA GLU O 21 -36.40 -18.18 -27.86
C GLU O 21 -35.06 -18.47 -28.51
N ARG O 22 -34.55 -19.69 -28.32
CA ARG O 22 -33.35 -20.17 -29.00
C ARG O 22 -33.83 -21.07 -30.13
N TYR O 23 -34.20 -20.43 -31.24
CA TYR O 23 -34.93 -21.12 -32.30
C TYR O 23 -34.02 -21.99 -33.17
N GLU O 24 -32.77 -21.55 -33.41
CA GLU O 24 -31.83 -22.42 -34.12
C GLU O 24 -31.75 -23.77 -33.45
N GLU O 25 -31.67 -23.80 -32.11
CA GLU O 25 -31.67 -25.07 -31.40
C GLU O 25 -33.01 -25.77 -31.49
N MET O 26 -34.10 -25.00 -31.56
CA MET O 26 -35.42 -25.61 -31.75
C MET O 26 -35.50 -26.32 -33.10
N VAL O 27 -34.85 -25.77 -34.12
CA VAL O 27 -34.80 -26.43 -35.42
C VAL O 27 -34.07 -27.76 -35.31
N GLU O 28 -32.93 -27.77 -34.61
CA GLU O 28 -32.18 -29.02 -34.44
C GLU O 28 -33.02 -30.07 -33.74
N PHE O 29 -33.71 -29.69 -32.67
CA PHE O 29 -34.51 -30.65 -31.92
C PHE O 29 -35.63 -31.22 -32.78
N MET O 30 -36.26 -30.38 -33.62
CA MET O 30 -37.33 -30.88 -34.49
C MET O 30 -36.78 -31.69 -35.66
N GLU O 31 -35.61 -31.33 -36.17
CA GLU O 31 -34.95 -32.17 -37.17
C GLU O 31 -34.74 -33.59 -36.63
N LYS O 32 -34.37 -33.70 -35.36
CA LYS O 32 -34.17 -35.01 -34.76
C LYS O 32 -35.49 -35.71 -34.45
N VAL O 33 -36.56 -34.96 -34.20
CA VAL O 33 -37.88 -35.57 -34.09
C VAL O 33 -38.30 -36.17 -35.43
N SER O 34 -38.10 -35.42 -36.52
CA SER O 34 -38.47 -35.92 -37.83
C SER O 34 -37.66 -37.15 -38.21
N ALA O 35 -36.38 -37.19 -37.82
CA ALA O 35 -35.55 -38.35 -38.12
C ALA O 35 -36.00 -39.58 -37.33
N ALA O 36 -36.49 -39.39 -36.10
CA ALA O 36 -36.98 -40.51 -35.32
C ALA O 36 -38.33 -41.02 -35.82
N VAL O 37 -39.03 -40.22 -36.63
CA VAL O 37 -40.33 -40.61 -37.17
C VAL O 37 -40.16 -40.98 -38.63
N ASP O 38 -39.70 -42.20 -38.89
CA ASP O 38 -39.47 -42.66 -40.25
C ASP O 38 -40.78 -43.16 -40.84
N GLY O 39 -41.16 -42.60 -41.98
CA GLY O 39 -42.39 -43.02 -42.67
C GLY O 39 -43.67 -42.51 -42.06
N ASP O 40 -43.80 -42.57 -40.74
CA ASP O 40 -44.99 -42.09 -40.07
C ASP O 40 -45.09 -40.57 -40.19
N GLU O 41 -46.29 -40.06 -39.97
CA GLU O 41 -46.51 -38.62 -40.01
C GLU O 41 -46.16 -38.00 -38.66
N LEU O 42 -45.70 -36.75 -38.71
CA LEU O 42 -45.56 -35.97 -37.49
C LEU O 42 -46.95 -35.65 -36.95
N THR O 43 -47.08 -35.64 -35.62
CA THR O 43 -48.34 -35.24 -35.02
C THR O 43 -48.61 -33.77 -35.35
N VAL O 44 -49.86 -33.36 -35.12
CA VAL O 44 -50.20 -31.95 -35.32
C VAL O 44 -49.34 -31.07 -34.43
N GLU O 45 -49.10 -31.51 -33.19
CA GLU O 45 -48.22 -30.76 -32.29
C GLU O 45 -46.82 -30.67 -32.86
N GLU O 46 -46.24 -31.81 -33.22
CA GLU O 46 -44.89 -31.81 -33.78
C GLU O 46 -44.82 -31.02 -35.07
N ARG O 47 -45.80 -31.21 -35.95
CA ARG O 47 -45.83 -30.48 -37.22
C ARG O 47 -45.83 -28.97 -36.98
N ASN O 48 -46.59 -28.50 -35.99
CA ASN O 48 -46.64 -27.07 -35.70
C ASN O 48 -45.35 -26.60 -35.04
N LEU O 49 -44.74 -27.44 -34.19
CA LEU O 49 -43.48 -27.06 -33.58
C LEU O 49 -42.38 -26.90 -34.63
N LEU O 50 -42.32 -27.83 -35.59
CA LEU O 50 -41.35 -27.72 -36.66
C LEU O 50 -41.53 -26.42 -37.44
N SER O 51 -42.78 -26.05 -37.72
CA SER O 51 -43.02 -24.85 -38.52
C SER O 51 -42.64 -23.60 -37.74
N VAL O 52 -43.04 -23.52 -36.47
CA VAL O 52 -42.63 -22.39 -35.64
C VAL O 52 -41.11 -22.26 -35.61
N ALA O 53 -40.42 -23.38 -35.45
CA ALA O 53 -38.96 -23.34 -35.37
C ALA O 53 -38.35 -22.73 -36.63
N TYR O 54 -38.73 -23.26 -37.80
CA TYR O 54 -38.19 -22.73 -39.04
C TYR O 54 -38.74 -21.35 -39.37
N LYS O 55 -40.00 -21.08 -38.97
CA LYS O 55 -40.57 -19.76 -39.20
C LYS O 55 -39.76 -18.68 -38.49
N ASN O 56 -39.36 -18.94 -37.25
CA ASN O 56 -38.63 -17.92 -36.49
C ASN O 56 -37.19 -17.79 -36.97
N VAL O 57 -36.53 -18.91 -37.25
CA VAL O 57 -35.15 -18.84 -37.75
C VAL O 57 -35.08 -18.06 -39.05
N ILE O 58 -35.92 -18.44 -40.03
CA ILE O 58 -35.91 -17.75 -41.31
C ILE O 58 -36.43 -16.32 -41.14
N GLY O 59 -37.39 -16.11 -40.24
CA GLY O 59 -37.93 -14.77 -40.06
C GLY O 59 -36.86 -13.76 -39.70
N ALA O 60 -35.98 -14.12 -38.76
CA ALA O 60 -34.94 -13.19 -38.32
C ALA O 60 -34.02 -12.81 -39.47
N ARG O 61 -33.62 -13.79 -40.30
CA ARG O 61 -32.72 -13.48 -41.41
C ARG O 61 -33.44 -12.65 -42.46
N ARG O 62 -34.72 -12.94 -42.72
CA ARG O 62 -35.49 -12.12 -43.65
C ARG O 62 -35.55 -10.68 -43.17
N ALA O 63 -35.88 -10.48 -41.89
CA ALA O 63 -35.86 -9.13 -41.32
C ALA O 63 -34.48 -8.50 -41.49
N SER O 64 -33.42 -9.24 -41.14
CA SER O 64 -32.07 -8.72 -41.34
C SER O 64 -31.81 -8.40 -42.80
N TRP O 65 -32.23 -9.28 -43.71
CA TRP O 65 -31.96 -9.06 -45.12
C TRP O 65 -32.68 -7.81 -45.63
N ARG O 66 -33.93 -7.61 -45.20
CA ARG O 66 -34.67 -6.43 -45.65
C ARG O 66 -33.97 -5.14 -45.24
N ILE O 67 -33.61 -5.02 -43.96
CA ILE O 67 -33.03 -3.77 -43.47
C ILE O 67 -31.68 -3.52 -44.12
N ILE O 68 -30.89 -4.58 -44.31
CA ILE O 68 -29.59 -4.42 -44.97
C ILE O 68 -29.78 -3.99 -46.42
N SER O 69 -30.82 -4.51 -47.09
CA SER O 69 -31.06 -4.13 -48.48
C SER O 69 -31.42 -2.64 -48.58
N SER O 70 -32.26 -2.15 -47.68
CA SER O 70 -32.60 -0.72 -47.66
C SER O 70 -31.34 0.12 -47.48
N ILE O 71 -30.46 -0.28 -46.56
CA ILE O 71 -29.23 0.48 -46.32
C ILE O 71 -28.34 0.44 -47.56
N GLU O 72 -28.30 -0.70 -48.25
CA GLU O 72 -27.48 -0.80 -49.45
C GLU O 72 -27.94 0.19 -50.51
N GLN O 73 -29.26 0.25 -50.75
CA GLN O 73 -29.78 1.19 -51.74
C GLN O 73 -29.50 2.63 -51.33
N LYS O 74 -29.74 2.96 -50.07
CA LYS O 74 -29.48 4.32 -49.60
C LYS O 74 -28.02 4.70 -49.82
N GLU O 75 -27.09 3.82 -49.48
CA GLU O 75 -25.68 4.12 -49.67
C GLU O 75 -25.31 4.17 -51.14
N GLU O 76 -25.97 3.37 -51.98
CA GLU O 76 -25.74 3.46 -53.42
C GLU O 76 -26.15 4.82 -53.95
N SER O 77 -27.25 5.38 -53.43
CA SER O 77 -27.67 6.71 -53.84
C SER O 77 -26.63 7.76 -53.45
N ARG O 78 -25.98 7.59 -52.30
CA ARG O 78 -25.02 8.57 -51.81
C ARG O 78 -23.66 8.48 -52.49
N GLY O 79 -23.38 7.38 -53.19
CA GLY O 79 -22.13 7.24 -53.91
C GLY O 79 -20.98 6.69 -53.11
N ASN O 80 -21.22 6.19 -51.91
CA ASN O 80 -20.17 5.62 -51.06
C ASN O 80 -19.93 4.19 -51.52
N ASP O 81 -19.05 4.02 -52.50
CA ASP O 81 -18.75 2.69 -53.01
C ASP O 81 -18.18 1.80 -51.92
N ASP O 82 -17.31 2.35 -51.07
CA ASP O 82 -16.73 1.55 -49.99
C ASP O 82 -17.81 1.00 -49.07
N HIS O 83 -18.76 1.85 -48.67
CA HIS O 83 -19.85 1.38 -47.83
C HIS O 83 -20.67 0.31 -48.55
N VAL O 84 -20.98 0.54 -49.82
CA VAL O 84 -21.77 -0.45 -50.57
C VAL O 84 -21.05 -1.78 -50.64
N THR O 85 -19.74 -1.75 -50.89
CA THR O 85 -18.96 -2.98 -50.92
C THR O 85 -19.07 -3.73 -49.59
N ALA O 86 -18.96 -3.02 -48.48
CA ALA O 86 -19.08 -3.66 -47.17
C ALA O 86 -20.49 -4.21 -46.95
N ILE O 87 -21.51 -3.47 -47.39
CA ILE O 87 -22.88 -3.91 -47.21
C ILE O 87 -23.16 -5.16 -48.05
N ARG O 88 -22.64 -5.19 -49.28
CA ARG O 88 -22.88 -6.35 -50.15
C ARG O 88 -22.28 -7.61 -49.55
N GLU O 89 -21.07 -7.52 -48.98
CA GLU O 89 -20.48 -8.67 -48.33
C GLU O 89 -21.33 -9.12 -47.14
N TYR O 90 -21.89 -8.16 -46.41
CA TYR O 90 -22.72 -8.50 -45.25
C TYR O 90 -24.05 -9.10 -45.69
N ARG O 91 -24.66 -8.52 -46.74
CA ARG O 91 -25.87 -9.12 -47.28
C ARG O 91 -25.60 -10.52 -47.81
N SER O 92 -24.48 -10.70 -48.52
CA SER O 92 -24.15 -12.01 -49.04
C SER O 92 -24.06 -13.05 -47.92
N LYS O 93 -23.53 -12.64 -46.77
CA LYS O 93 -23.44 -13.56 -45.64
C LYS O 93 -24.82 -13.95 -45.14
N ILE O 94 -25.76 -13.02 -45.14
CA ILE O 94 -27.12 -13.32 -44.69
C ILE O 94 -27.83 -14.18 -45.72
N GLU O 95 -27.62 -13.91 -47.02
CA GLU O 95 -28.24 -14.74 -48.04
C GLU O 95 -27.75 -16.18 -47.98
N THR O 96 -26.48 -16.39 -47.62
CA THR O 96 -25.99 -17.75 -47.45
C THR O 96 -26.75 -18.48 -46.36
N GLU O 97 -27.00 -17.81 -45.23
CA GLU O 97 -27.77 -18.42 -44.15
C GLU O 97 -29.20 -18.72 -44.60
N LEU O 98 -29.84 -17.74 -45.26
CA LEU O 98 -31.18 -17.96 -45.78
C LEU O 98 -31.23 -19.21 -46.64
N SER O 99 -30.26 -19.35 -47.55
CA SER O 99 -30.22 -20.54 -48.40
C SER O 99 -30.09 -21.81 -47.57
N GLY O 100 -29.18 -21.81 -46.59
CA GLY O 100 -29.00 -22.99 -45.77
C GLY O 100 -30.23 -23.35 -44.97
N ILE O 101 -30.94 -22.35 -44.46
CA ILE O 101 -32.14 -22.61 -43.68
C ILE O 101 -33.23 -23.21 -44.56
N CYS O 102 -33.58 -22.52 -45.65
CA CYS O 102 -34.55 -23.06 -46.59
C CYS O 102 -34.12 -24.45 -47.05
N ASP O 103 -32.84 -24.63 -47.36
CA ASP O 103 -32.35 -25.91 -47.84
C ASP O 103 -32.67 -27.03 -46.86
N GLY O 104 -32.59 -26.74 -45.56
CA GLY O 104 -32.82 -27.78 -44.58
C GLY O 104 -34.26 -28.23 -44.49
N ILE O 105 -35.19 -27.28 -44.54
CA ILE O 105 -36.61 -27.63 -44.43
C ILE O 105 -37.14 -28.17 -45.75
N LEU O 106 -36.63 -27.68 -46.87
CA LEU O 106 -37.09 -28.19 -48.17
C LEU O 106 -36.65 -29.64 -48.38
N LYS O 107 -35.43 -29.98 -47.97
CA LYS O 107 -34.99 -31.36 -48.10
C LYS O 107 -35.78 -32.28 -47.17
N LEU O 108 -36.14 -31.79 -45.98
CA LEU O 108 -37.00 -32.58 -45.10
C LEU O 108 -38.39 -32.74 -45.70
N LEU O 109 -38.93 -31.68 -46.29
CA LEU O 109 -40.26 -31.76 -46.90
C LEU O 109 -40.26 -32.72 -48.09
N ASP O 110 -39.27 -32.60 -48.96
CA ASP O 110 -39.26 -33.39 -50.20
C ASP O 110 -39.02 -34.87 -49.91
N SER O 111 -38.18 -35.18 -48.92
CA SER O 111 -37.71 -36.55 -48.72
C SER O 111 -38.47 -37.31 -47.65
N ARG O 112 -39.35 -36.67 -46.88
CA ARG O 112 -39.98 -37.37 -45.78
C ARG O 112 -41.40 -36.90 -45.49
N LEU O 113 -41.60 -35.58 -45.38
CA LEU O 113 -42.89 -35.09 -44.91
C LEU O 113 -43.95 -35.15 -46.01
N ILE O 114 -43.62 -34.67 -47.21
CA ILE O 114 -44.58 -34.69 -48.32
C ILE O 114 -44.88 -36.14 -48.70
N PRO O 115 -43.86 -36.98 -48.94
CA PRO O 115 -44.15 -38.39 -49.26
C PRO O 115 -45.03 -39.09 -48.23
N ALA O 116 -44.91 -38.75 -46.95
CA ALA O 116 -45.62 -39.46 -45.90
C ALA O 116 -46.98 -38.87 -45.58
N ALA O 117 -47.32 -37.70 -46.14
CA ALA O 117 -48.62 -37.09 -45.87
C ALA O 117 -49.73 -37.97 -46.44
N ALA O 118 -50.62 -38.44 -45.57
CA ALA O 118 -51.65 -39.39 -45.96
C ALA O 118 -53.03 -38.77 -46.11
N SER O 119 -53.30 -37.65 -45.44
CA SER O 119 -54.59 -36.99 -45.51
C SER O 119 -54.47 -35.69 -46.31
N GLY O 120 -55.61 -35.22 -46.82
CA GLY O 120 -55.63 -33.94 -47.48
C GLY O 120 -55.20 -32.81 -46.58
N ASP O 121 -55.48 -32.93 -45.28
CA ASP O 121 -55.07 -31.91 -44.31
C ASP O 121 -53.56 -31.73 -44.34
N SER O 122 -52.81 -32.81 -44.15
CA SER O 122 -51.36 -32.70 -44.07
C SER O 122 -50.73 -32.44 -45.44
N LYS O 123 -51.30 -32.97 -46.51
CA LYS O 123 -50.75 -32.73 -47.84
C LYS O 123 -50.72 -31.24 -48.16
N VAL O 124 -51.84 -30.55 -47.93
CA VAL O 124 -51.89 -29.11 -48.20
C VAL O 124 -50.92 -28.37 -47.28
N PHE O 125 -50.83 -28.78 -46.03
CA PHE O 125 -49.95 -28.12 -45.08
C PHE O 125 -48.50 -28.16 -45.55
N TYR O 126 -47.99 -29.37 -45.83
CA TYR O 126 -46.59 -29.51 -46.21
C TYR O 126 -46.32 -28.91 -47.60
N LEU O 127 -47.24 -29.11 -48.54
CA LEU O 127 -47.08 -28.49 -49.85
C LEU O 127 -47.10 -26.98 -49.75
N LYS O 128 -48.03 -26.43 -48.96
CA LYS O 128 -48.04 -24.99 -48.71
C LYS O 128 -46.73 -24.53 -48.08
N MET O 129 -46.16 -25.33 -47.18
CA MET O 129 -44.88 -24.96 -46.58
C MET O 129 -43.76 -24.99 -47.61
N LYS O 130 -43.74 -26.01 -48.47
CA LYS O 130 -42.75 -26.08 -49.53
C LYS O 130 -42.76 -24.80 -50.37
N GLY O 131 -43.96 -24.33 -50.73
CA GLY O 131 -44.04 -23.09 -51.48
C GLY O 131 -43.54 -21.91 -50.68
N ASP O 132 -43.84 -21.88 -49.38
CA ASP O 132 -43.39 -20.77 -48.54
C ASP O 132 -41.87 -20.62 -48.59
N TYR O 133 -41.14 -21.72 -48.46
CA TYR O 133 -39.68 -21.64 -48.39
C TYR O 133 -39.03 -21.54 -49.76
N HIS O 134 -39.72 -21.94 -50.83
CA HIS O 134 -39.28 -21.54 -52.16
C HIS O 134 -39.55 -20.06 -52.40
N ARG O 135 -40.64 -19.54 -51.84
CA ARG O 135 -40.92 -18.11 -51.93
C ARG O 135 -39.87 -17.29 -51.20
N TYR O 136 -39.47 -17.73 -49.99
CA TYR O 136 -38.41 -17.02 -49.28
C TYR O 136 -37.13 -16.99 -50.09
N LEU O 137 -36.81 -18.09 -50.78
CA LEU O 137 -35.68 -18.07 -51.70
C LEU O 137 -35.89 -17.03 -52.80
N ALA O 138 -37.09 -16.97 -53.37
CA ALA O 138 -37.38 -16.04 -54.45
C ALA O 138 -37.29 -14.58 -53.99
N GLU O 139 -37.38 -14.32 -52.69
CA GLU O 139 -37.32 -12.95 -52.21
C GLU O 139 -35.94 -12.33 -52.45
N PHE O 140 -34.87 -13.13 -52.41
CA PHE O 140 -33.52 -12.59 -52.51
C PHE O 140 -32.69 -13.17 -53.65
N LYS O 141 -33.03 -14.35 -54.16
CA LYS O 141 -32.29 -14.91 -55.28
C LYS O 141 -32.47 -14.06 -56.53
N THR O 142 -31.54 -14.20 -57.47
CA THR O 142 -31.58 -13.48 -58.73
C THR O 142 -31.32 -14.44 -59.89
N GLY O 143 -31.61 -13.97 -61.09
CA GLY O 143 -31.28 -14.72 -62.29
C GLY O 143 -32.08 -16.01 -62.40
N GLN O 144 -31.37 -17.08 -62.80
N GLN O 144 -31.37 -17.08 -62.80
CA GLN O 144 -32.04 -18.37 -62.99
CA GLN O 144 -32.04 -18.37 -62.99
C GLN O 144 -32.49 -18.96 -61.66
C GLN O 144 -32.53 -18.93 -61.65
N GLU O 145 -31.75 -18.72 -60.58
CA GLU O 145 -32.15 -19.25 -59.28
C GLU O 145 -33.45 -18.63 -58.79
N ARG O 146 -33.68 -17.35 -59.10
CA ARG O 146 -34.94 -16.72 -58.73
C ARG O 146 -36.10 -17.33 -59.50
N LYS O 147 -35.94 -17.45 -60.82
CA LYS O 147 -37.01 -18.02 -61.64
C LYS O 147 -37.30 -19.45 -61.24
N ASP O 148 -36.27 -20.24 -60.99
CA ASP O 148 -36.48 -21.62 -60.58
C ASP O 148 -37.17 -21.69 -59.22
N ALA O 149 -36.92 -20.71 -58.35
CA ALA O 149 -37.58 -20.69 -57.05
C ALA O 149 -39.04 -20.28 -57.19
N ALA O 150 -39.31 -19.22 -57.94
CA ALA O 150 -40.68 -18.79 -58.18
C ALA O 150 -41.52 -19.91 -58.78
N GLU O 151 -40.95 -20.65 -59.75
CA GLU O 151 -41.69 -21.72 -60.40
C GLU O 151 -42.00 -22.85 -59.42
N HIS O 152 -41.06 -23.19 -58.54
CA HIS O 152 -41.33 -24.21 -57.53
C HIS O 152 -42.39 -23.74 -56.54
N THR O 153 -42.43 -22.44 -56.25
CA THR O 153 -43.48 -21.92 -55.37
C THR O 153 -44.84 -22.07 -56.02
N LEU O 154 -44.98 -21.59 -57.27
CA LEU O 154 -46.26 -21.70 -57.96
C LEU O 154 -46.66 -23.17 -58.11
N ALA O 155 -45.70 -24.04 -58.39
CA ALA O 155 -46.01 -25.46 -58.54
C ALA O 155 -46.53 -26.04 -57.22
N ALA O 156 -45.88 -25.72 -56.10
CA ALA O 156 -46.32 -26.25 -54.81
C ALA O 156 -47.63 -25.60 -54.39
N TYR O 157 -47.77 -24.29 -54.61
CA TYR O 157 -49.01 -23.62 -54.22
C TYR O 157 -50.20 -24.11 -55.05
N LYS O 158 -50.02 -24.27 -56.37
CA LYS O 158 -51.13 -24.69 -57.21
C LYS O 158 -51.57 -26.11 -56.86
N SER O 159 -50.61 -27.03 -56.70
CA SER O 159 -50.94 -28.38 -56.27
C SER O 159 -51.72 -28.33 -54.96
N ALA O 160 -51.14 -27.71 -53.94
CA ALA O 160 -51.84 -27.57 -52.66
C ALA O 160 -53.23 -27.01 -52.84
N GLN O 161 -53.38 -26.01 -53.71
CA GLN O 161 -54.69 -25.41 -53.94
C GLN O 161 -55.67 -26.44 -54.49
N ASP O 162 -55.21 -27.30 -55.40
CA ASP O 162 -56.08 -28.34 -55.96
C ASP O 162 -56.61 -29.25 -54.87
N ILE O 163 -55.74 -29.71 -53.96
CA ILE O 163 -56.20 -30.57 -52.88
C ILE O 163 -57.08 -29.78 -51.91
N ALA O 164 -56.74 -28.53 -51.65
CA ALA O 164 -57.50 -27.74 -50.69
C ALA O 164 -58.92 -27.49 -51.18
N ASN O 165 -59.09 -27.15 -52.45
CA ASN O 165 -60.43 -26.91 -52.98
C ASN O 165 -61.28 -28.17 -52.96
N ALA O 166 -60.65 -29.34 -53.01
CA ALA O 166 -61.38 -30.59 -53.15
C ALA O 166 -61.66 -31.28 -51.82
N GLU O 167 -60.81 -31.08 -50.81
CA GLU O 167 -60.91 -31.85 -49.58
C GLU O 167 -60.99 -31.01 -48.31
N LEU O 168 -60.75 -29.71 -48.37
CA LEU O 168 -60.75 -28.86 -47.19
C LEU O 168 -61.82 -27.79 -47.30
N ALA O 169 -62.53 -27.56 -46.20
CA ALA O 169 -63.59 -26.57 -46.17
C ALA O 169 -63.02 -25.18 -46.48
N PRO O 170 -63.81 -24.31 -47.11
CA PRO O 170 -63.31 -22.96 -47.42
C PRO O 170 -62.96 -22.14 -46.19
N THR O 171 -63.31 -22.59 -44.98
CA THR O 171 -62.95 -21.91 -43.75
C THR O 171 -61.78 -22.56 -43.04
N HIS O 172 -61.27 -23.68 -43.55
CA HIS O 172 -60.18 -24.37 -42.87
C HIS O 172 -58.97 -23.44 -42.78
N PRO O 173 -58.32 -23.36 -41.61
CA PRO O 173 -57.17 -22.44 -41.50
C PRO O 173 -56.08 -22.72 -42.53
N ILE O 174 -55.79 -23.99 -42.78
CA ILE O 174 -54.72 -24.33 -43.73
C ILE O 174 -55.07 -23.80 -45.12
N ARG O 175 -56.30 -24.02 -45.56
CA ARG O 175 -56.71 -23.55 -46.88
C ARG O 175 -56.66 -22.03 -46.95
N LEU O 176 -57.17 -21.35 -45.92
CA LEU O 176 -57.10 -19.89 -45.90
C LEU O 176 -55.66 -19.40 -45.89
N GLY O 177 -54.82 -20.03 -45.06
CA GLY O 177 -53.41 -19.65 -45.05
C GLY O 177 -52.74 -19.82 -46.39
N LEU O 178 -53.07 -20.91 -47.09
CA LEU O 178 -52.52 -21.11 -48.43
C LEU O 178 -52.92 -19.97 -49.36
N ALA O 179 -54.20 -19.59 -49.34
CA ALA O 179 -54.67 -18.51 -50.20
C ALA O 179 -53.94 -17.21 -49.88
N LEU O 180 -53.83 -16.89 -48.59
CA LEU O 180 -53.14 -15.67 -48.17
C LEU O 180 -51.71 -15.65 -48.70
N ASN O 181 -50.94 -16.71 -48.45
CA ASN O 181 -49.55 -16.74 -48.90
C ASN O 181 -49.48 -16.79 -50.42
N PHE O 182 -50.39 -17.52 -51.07
CA PHE O 182 -50.43 -17.54 -52.52
C PHE O 182 -50.67 -16.14 -53.08
N SER O 183 -51.60 -15.40 -52.50
CA SER O 183 -51.87 -14.04 -52.96
C SER O 183 -50.66 -13.14 -52.76
N VAL O 184 -49.99 -13.26 -51.61
CA VAL O 184 -48.75 -12.52 -51.39
C VAL O 184 -47.73 -12.86 -52.47
N PHE O 185 -47.57 -14.16 -52.76
CA PHE O 185 -46.68 -14.59 -53.82
C PHE O 185 -46.98 -13.85 -55.12
N TYR O 186 -48.26 -13.77 -55.49
CA TYR O 186 -48.62 -13.07 -56.71
C TYR O 186 -48.17 -11.62 -56.69
N TYR O 187 -48.37 -10.94 -55.55
CA TYR O 187 -48.12 -9.50 -55.50
C TYR O 187 -46.63 -9.19 -55.47
N GLU O 188 -45.88 -9.90 -54.62
CA GLU O 188 -44.47 -9.55 -54.39
C GLU O 188 -43.52 -10.23 -55.36
N ILE O 189 -43.70 -11.51 -55.63
CA ILE O 189 -42.76 -12.26 -56.46
C ILE O 189 -43.09 -12.13 -57.93
N LEU O 190 -44.35 -12.36 -58.32
CA LEU O 190 -44.74 -12.31 -59.72
C LEU O 190 -45.21 -10.93 -60.16
N ASN O 191 -45.33 -9.97 -59.23
CA ASN O 191 -45.78 -8.62 -59.55
C ASN O 191 -47.08 -8.65 -60.36
N SER O 192 -48.06 -9.39 -59.85
CA SER O 192 -49.37 -9.56 -60.49
C SER O 192 -50.44 -9.12 -59.49
N PRO O 193 -50.59 -7.80 -59.29
CA PRO O 193 -51.56 -7.35 -58.28
C PRO O 193 -52.98 -7.81 -58.55
N ASP O 194 -53.39 -7.89 -59.81
CA ASP O 194 -54.76 -8.30 -60.13
C ASP O 194 -55.02 -9.73 -59.68
N ARG O 195 -54.10 -10.65 -59.97
CA ARG O 195 -54.25 -12.02 -59.50
C ARG O 195 -54.18 -12.10 -57.99
N ALA O 196 -53.40 -11.23 -57.35
CA ALA O 196 -53.30 -11.25 -55.89
C ALA O 196 -54.61 -10.79 -55.24
N CYS O 197 -55.21 -9.73 -55.77
CA CYS O 197 -56.48 -9.25 -55.22
C CYS O 197 -57.60 -10.26 -55.45
N ASN O 198 -57.68 -10.82 -56.66
CA ASN O 198 -58.75 -11.76 -56.97
C ASN O 198 -58.68 -12.97 -56.05
N LEU O 199 -57.50 -13.59 -55.94
CA LEU O 199 -57.38 -14.79 -55.12
C LEU O 199 -57.73 -14.50 -53.67
N ALA O 200 -57.21 -13.39 -53.13
CA ALA O 200 -57.50 -13.03 -51.74
C ALA O 200 -59.00 -12.83 -51.53
N LYS O 201 -59.67 -12.12 -52.45
CA LYS O 201 -61.10 -11.90 -52.31
C LYS O 201 -61.89 -13.19 -52.49
N GLN O 202 -61.51 -14.02 -53.46
CA GLN O 202 -62.19 -15.29 -53.68
C GLN O 202 -62.11 -16.15 -52.42
N ALA O 203 -60.90 -16.32 -51.86
CA ALA O 203 -60.76 -17.13 -50.66
C ALA O 203 -61.55 -16.54 -49.50
N PHE O 204 -61.64 -15.22 -49.42
CA PHE O 204 -62.42 -14.59 -48.36
C PHE O 204 -63.92 -14.79 -48.57
N ASP O 205 -64.39 -14.62 -49.81
CA ASP O 205 -65.81 -14.77 -50.08
C ASP O 205 -66.27 -16.20 -49.84
N GLU O 206 -65.49 -17.18 -50.31
CA GLU O 206 -65.86 -18.58 -50.09
C GLU O 206 -65.91 -18.94 -48.61
N ALA O 207 -65.21 -18.19 -47.76
CA ALA O 207 -65.16 -18.48 -46.33
C ALA O 207 -66.34 -17.86 -45.58
N ILE O 208 -66.68 -16.60 -45.86
CA ILE O 208 -67.83 -15.98 -45.22
C ILE O 208 -69.11 -16.70 -45.59
N ALA O 209 -69.13 -17.43 -46.71
CA ALA O 209 -70.37 -18.05 -47.17
C ALA O 209 -70.85 -19.12 -46.21
N GLU O 210 -69.93 -19.87 -45.61
CA GLU O 210 -70.27 -20.98 -44.72
C GLU O 210 -69.71 -20.78 -43.32
N LEU O 211 -69.57 -19.52 -42.90
CA LEU O 211 -68.94 -19.23 -41.61
C LEU O 211 -69.94 -19.34 -40.47
N TYR O 219 -64.16 -20.76 -34.79
CA TYR O 219 -64.04 -19.43 -35.37
C TYR O 219 -62.70 -18.78 -35.03
N LYS O 220 -62.05 -19.30 -33.98
CA LYS O 220 -60.81 -18.70 -33.50
C LYS O 220 -59.80 -18.55 -34.63
N ASP O 221 -59.41 -19.67 -35.24
CA ASP O 221 -58.31 -19.67 -36.19
C ASP O 221 -58.72 -19.13 -37.55
N SER O 222 -59.97 -19.35 -37.97
CA SER O 222 -60.39 -18.92 -39.30
C SER O 222 -60.50 -17.40 -39.38
N THR O 223 -61.10 -16.77 -38.36
CA THR O 223 -61.28 -15.32 -38.42
C THR O 223 -59.95 -14.59 -38.40
N LEU O 224 -58.92 -15.17 -37.76
CA LEU O 224 -57.61 -14.55 -37.75
C LEU O 224 -57.04 -14.43 -39.15
N ILE O 225 -57.07 -15.53 -39.92
CA ILE O 225 -56.52 -15.49 -41.28
C ILE O 225 -57.35 -14.58 -42.16
N MET O 226 -58.67 -14.60 -42.00
CA MET O 226 -59.54 -13.78 -42.85
C MET O 226 -59.28 -12.31 -42.64
N GLN O 227 -58.97 -11.90 -41.42
CA GLN O 227 -58.64 -10.49 -41.17
C GLN O 227 -57.39 -10.09 -41.95
N LEU O 228 -56.38 -10.95 -41.96
CA LEU O 228 -55.17 -10.66 -42.73
C LEU O 228 -55.48 -10.53 -44.21
N LEU O 229 -56.32 -11.43 -44.74
CA LEU O 229 -56.74 -11.31 -46.14
C LEU O 229 -57.36 -9.94 -46.41
N ARG O 230 -58.21 -9.47 -45.50
CA ARG O 230 -58.84 -8.17 -45.69
C ARG O 230 -57.83 -7.04 -45.58
N ASP O 231 -56.93 -7.12 -44.60
CA ASP O 231 -55.91 -6.08 -44.46
C ASP O 231 -55.08 -5.96 -45.72
N ASN O 232 -54.67 -7.09 -46.31
CA ASN O 232 -53.93 -7.04 -47.56
C ASN O 232 -54.77 -6.44 -48.68
N LEU O 233 -56.02 -6.89 -48.79
CA LEU O 233 -56.90 -6.34 -49.82
C LEU O 233 -57.08 -4.83 -49.66
N THR O 234 -57.30 -4.37 -48.43
CA THR O 234 -57.43 -2.94 -48.19
C THR O 234 -56.24 -2.17 -48.73
N LEU O 235 -55.02 -2.70 -48.52
CA LEU O 235 -53.83 -2.03 -49.01
C LEU O 235 -53.69 -2.19 -50.53
N TRP O 236 -53.97 -3.38 -51.05
CA TRP O 236 -53.82 -3.61 -52.48
C TRP O 236 -54.84 -2.82 -53.29
N THR O 237 -56.04 -2.62 -52.75
CA THR O 237 -57.12 -2.00 -53.53
C THR O 237 -56.89 -0.50 -53.70
N SER O 238 -56.40 0.17 -52.67
CA SER O 238 -55.98 1.57 -52.79
C SER O 238 -54.54 1.70 -53.27
N ASP O 239 -54.17 0.90 -54.27
CA ASP O 239 -52.80 0.83 -54.79
C ASP O 239 -51.88 0.15 -53.78
N GLU P 1 -47.84 -2.61 -45.40
CA GLU P 1 -47.85 -3.49 -44.23
C GLU P 1 -48.40 -4.86 -44.61
N LEU P 2 -47.73 -5.50 -45.58
CA LEU P 2 -48.20 -6.79 -46.08
C LEU P 2 -47.94 -7.88 -45.06
N PHE P 3 -48.95 -8.73 -44.85
CA PHE P 3 -48.85 -9.86 -43.93
C PHE P 3 -48.92 -11.18 -44.67
N ALA P 5 -49.22 -15.74 -43.71
CA ALA P 5 -49.82 -16.65 -42.72
C ALA P 5 -48.88 -16.86 -41.53
N PRO P 6 -49.46 -17.07 -40.33
CA PRO P 6 -48.64 -17.34 -39.15
C PRO P 6 -48.40 -18.82 -38.92
N GLY Q 6 43.88 -9.70 -10.38
CA GLY Q 6 45.00 -10.49 -10.86
C GLY Q 6 45.24 -11.73 -10.02
N ARG Q 7 45.33 -11.53 -8.71
CA ARG Q 7 45.62 -12.64 -7.81
C ARG Q 7 44.54 -13.71 -7.90
N GLU Q 8 43.27 -13.32 -7.78
CA GLU Q 8 42.19 -14.30 -7.74
C GLU Q 8 42.04 -15.00 -9.07
N GLU Q 9 42.24 -14.28 -10.18
CA GLU Q 9 42.11 -14.90 -11.50
C GLU Q 9 43.17 -15.97 -11.70
N PHE Q 10 44.41 -15.67 -11.34
CA PHE Q 10 45.49 -16.63 -11.55
C PHE Q 10 45.34 -17.84 -10.66
N VAL Q 11 44.87 -17.65 -9.42
CA VAL Q 11 44.59 -18.80 -8.56
C VAL Q 11 43.62 -19.75 -9.24
N TYR Q 12 42.55 -19.20 -9.83
CA TYR Q 12 41.58 -20.05 -10.50
C TYR Q 12 42.21 -20.77 -11.69
N MET Q 13 43.03 -20.06 -12.47
CA MET Q 13 43.72 -20.71 -13.59
C MET Q 13 44.59 -21.84 -13.08
N ALA Q 14 45.22 -21.67 -11.91
CA ALA Q 14 46.04 -22.73 -11.36
C ALA Q 14 45.19 -23.94 -10.98
N LYS Q 15 43.99 -23.70 -10.46
CA LYS Q 15 43.10 -24.82 -10.13
C LYS Q 15 42.64 -25.55 -11.39
N LEU Q 16 42.40 -24.80 -12.48
CA LEU Q 16 42.05 -25.45 -13.74
C LEU Q 16 43.22 -26.28 -14.26
N ALA Q 17 44.43 -25.73 -14.21
CA ALA Q 17 45.60 -26.47 -14.69
C ALA Q 17 45.79 -27.75 -13.89
N GLU Q 18 45.48 -27.72 -12.59
CA GLU Q 18 45.57 -28.93 -11.77
C GLU Q 18 44.60 -29.98 -12.26
N GLN Q 19 43.34 -29.60 -12.47
CA GLN Q 19 42.34 -30.54 -12.96
C GLN Q 19 42.74 -31.10 -14.32
N ALA Q 20 43.26 -30.24 -15.21
CA ALA Q 20 43.72 -30.70 -16.51
C ALA Q 20 45.03 -31.46 -16.44
N GLU Q 21 45.67 -31.50 -15.27
CA GLU Q 21 46.98 -32.12 -15.10
C GLU Q 21 48.02 -31.51 -16.05
N ARG Q 22 47.87 -30.21 -16.32
CA ARG Q 22 48.86 -29.46 -17.10
C ARG Q 22 49.69 -28.66 -16.09
N TYR Q 23 50.63 -29.36 -15.46
CA TYR Q 23 51.30 -28.82 -14.27
C TYR Q 23 52.35 -27.78 -14.61
N GLU Q 24 52.97 -27.85 -15.79
CA GLU Q 24 53.88 -26.78 -16.19
C GLU Q 24 53.15 -25.44 -16.24
N GLU Q 25 51.91 -25.44 -16.73
CA GLU Q 25 51.11 -24.23 -16.75
C GLU Q 25 50.63 -23.86 -15.36
N MET Q 26 50.38 -24.86 -14.50
CA MET Q 26 50.02 -24.57 -13.12
C MET Q 26 51.14 -23.82 -12.42
N VAL Q 27 52.39 -24.21 -12.65
CA VAL Q 27 53.51 -23.50 -12.06
C VAL Q 27 53.52 -22.04 -12.52
N GLU Q 28 53.32 -21.81 -13.82
CA GLU Q 28 53.31 -20.44 -14.33
C GLU Q 28 52.22 -19.61 -13.68
N PHE Q 29 51.03 -20.19 -13.49
CA PHE Q 29 49.95 -19.45 -12.86
C PHE Q 29 50.28 -19.11 -11.41
N MET Q 30 50.88 -20.06 -10.68
CA MET Q 30 51.23 -19.79 -9.29
C MET Q 30 52.44 -18.88 -9.19
N GLU Q 31 53.35 -18.93 -10.17
CA GLU Q 31 54.41 -17.93 -10.22
C GLU Q 31 53.84 -16.53 -10.31
N LYS Q 32 52.76 -16.36 -11.08
CA LYS Q 32 52.13 -15.04 -11.22
C LYS Q 32 51.32 -14.67 -9.98
N VAL Q 33 50.81 -15.66 -9.24
CA VAL Q 33 50.17 -15.37 -7.96
C VAL Q 33 51.19 -14.82 -6.97
N SER Q 34 52.34 -15.50 -6.85
CA SER Q 34 53.37 -15.05 -5.93
C SER Q 34 53.87 -13.65 -6.29
N ALA Q 35 53.97 -13.35 -7.59
CA ALA Q 35 54.44 -12.04 -8.01
C ALA Q 35 53.44 -10.95 -7.65
N ALA Q 36 52.15 -11.27 -7.63
CA ALA Q 36 51.14 -10.31 -7.25
C ALA Q 36 51.08 -10.10 -5.74
N VAL Q 37 51.67 -11.00 -4.96
CA VAL Q 37 51.67 -10.90 -3.50
C VAL Q 37 53.09 -10.58 -3.03
N ASP Q 38 53.50 -9.32 -3.20
CA ASP Q 38 54.84 -8.90 -2.81
C ASP Q 38 54.87 -8.62 -1.31
N GLY Q 39 55.76 -9.32 -0.61
CA GLY Q 39 55.93 -9.09 0.82
C GLY Q 39 54.91 -9.82 1.67
N ASP Q 40 53.64 -9.76 1.29
CA ASP Q 40 52.61 -10.48 2.01
C ASP Q 40 52.77 -11.98 1.80
N GLU Q 41 52.09 -12.75 2.65
CA GLU Q 41 52.17 -14.20 2.60
C GLU Q 41 51.12 -14.78 1.66
N LEU Q 42 51.48 -15.88 1.02
CA LEU Q 42 50.49 -16.67 0.31
C LEU Q 42 49.54 -17.33 1.30
N THR Q 43 48.28 -17.46 0.89
CA THR Q 43 47.31 -18.17 1.70
C THR Q 43 47.71 -19.64 1.83
N VAL Q 44 47.11 -20.33 2.80
CA VAL Q 44 47.31 -21.77 2.91
C VAL Q 44 46.91 -22.46 1.62
N GLU Q 45 45.83 -21.99 0.99
CA GLU Q 45 45.40 -22.55 -0.29
C GLU Q 45 46.42 -22.26 -1.38
N GLU Q 46 46.88 -21.01 -1.46
CA GLU Q 46 47.85 -20.64 -2.50
C GLU Q 46 49.18 -21.36 -2.30
N ARG Q 47 49.70 -21.36 -1.08
CA ARG Q 47 50.98 -22.03 -0.83
CA ARG Q 47 50.98 -22.02 -0.84
C ARG Q 47 50.91 -23.50 -1.21
N ASN Q 48 49.78 -24.15 -0.92
CA ASN Q 48 49.65 -25.57 -1.27
C ASN Q 48 49.56 -25.77 -2.77
N LEU Q 49 48.82 -24.90 -3.46
CA LEU Q 49 48.73 -25.00 -4.92
C LEU Q 49 50.11 -24.84 -5.55
N LEU Q 50 50.93 -23.94 -5.02
CA LEU Q 50 52.30 -23.80 -5.50
C LEU Q 50 53.07 -25.09 -5.30
N SER Q 51 52.86 -25.76 -4.16
CA SER Q 51 53.62 -26.97 -3.85
C SER Q 51 53.26 -28.10 -4.79
N VAL Q 52 51.95 -28.35 -4.98
CA VAL Q 52 51.54 -29.44 -5.86
C VAL Q 52 52.02 -29.18 -7.29
N ALA Q 53 51.97 -27.91 -7.72
CA ALA Q 53 52.45 -27.57 -9.06
C ALA Q 53 53.89 -28.01 -9.25
N TYR Q 54 54.80 -27.49 -8.42
CA TYR Q 54 56.20 -27.84 -8.55
C TYR Q 54 56.44 -29.32 -8.27
N LYS Q 55 55.72 -29.87 -7.28
CA LYS Q 55 55.87 -31.29 -6.97
C LYS Q 55 55.62 -32.16 -8.20
N ASN Q 56 54.52 -31.90 -8.93
CA ASN Q 56 54.17 -32.74 -10.07
C ASN Q 56 55.12 -32.53 -11.24
N VAL Q 57 55.50 -31.29 -11.51
CA VAL Q 57 56.47 -31.01 -12.56
C VAL Q 57 57.78 -31.75 -12.27
N ILE Q 58 58.34 -31.54 -11.07
CA ILE Q 58 59.59 -32.20 -10.70
C ILE Q 58 59.38 -33.71 -10.61
N GLY Q 59 58.22 -34.14 -10.10
CA GLY Q 59 57.97 -35.56 -9.96
C GLY Q 59 58.03 -36.30 -11.28
N ALA Q 60 57.54 -35.68 -12.35
CA ALA Q 60 57.57 -36.32 -13.66
C ALA Q 60 59.01 -36.51 -14.14
N ARG Q 61 59.85 -35.47 -13.99
CA ARG Q 61 61.23 -35.60 -14.41
C ARG Q 61 62.01 -36.59 -13.54
N ARG Q 62 61.72 -36.61 -12.24
CA ARG Q 62 62.36 -37.59 -11.37
C ARG Q 62 61.99 -39.01 -11.79
N ALA Q 63 60.70 -39.25 -12.07
CA ALA Q 63 60.30 -40.56 -12.57
C ALA Q 63 61.01 -40.90 -13.87
N SER Q 64 61.13 -39.93 -14.78
CA SER Q 64 61.85 -40.17 -16.02
C SER Q 64 63.32 -40.44 -15.76
N TRP Q 65 63.93 -39.68 -14.85
CA TRP Q 65 65.35 -39.85 -14.55
C TRP Q 65 65.63 -41.24 -13.99
N ARG Q 66 64.76 -41.72 -13.10
CA ARG Q 66 64.97 -43.05 -12.51
C ARG Q 66 64.94 -44.13 -13.58
N ILE Q 67 63.93 -44.11 -14.45
CA ILE Q 67 63.79 -45.16 -15.45
C ILE Q 67 64.94 -45.11 -16.44
N ILE Q 68 65.31 -43.92 -16.90
CA ILE Q 68 66.43 -43.79 -17.83
C ILE Q 68 67.71 -44.33 -17.20
N SER Q 69 67.95 -44.00 -15.93
CA SER Q 69 69.15 -44.47 -15.27
C SER Q 69 69.18 -45.99 -15.19
N SER Q 70 68.05 -46.61 -14.84
CA SER Q 70 67.99 -48.07 -14.83
C SER Q 70 68.35 -48.64 -16.20
N ILE Q 71 67.81 -48.05 -17.27
CA ILE Q 71 68.11 -48.52 -18.62
C ILE Q 71 69.57 -48.30 -18.95
N GLU Q 72 70.17 -47.22 -18.43
CA GLU Q 72 71.58 -46.98 -18.68
C GLU Q 72 72.44 -48.09 -18.08
N GLN Q 73 72.13 -48.50 -16.85
CA GLN Q 73 72.90 -49.57 -16.22
C GLN Q 73 72.76 -50.86 -17.00
N LYS Q 74 71.54 -51.21 -17.40
CA LYS Q 74 71.33 -52.45 -18.15
C LYS Q 74 72.12 -52.45 -19.44
N GLU Q 75 72.14 -51.33 -20.16
CA GLU Q 75 72.87 -51.27 -21.43
C GLU Q 75 74.37 -51.24 -21.21
N GLU Q 76 74.83 -50.70 -20.07
CA GLU Q 76 76.24 -50.78 -19.74
C GLU Q 76 76.68 -52.23 -19.53
N SER Q 77 75.84 -53.01 -18.85
CA SER Q 77 76.17 -54.42 -18.62
C SER Q 77 76.23 -55.20 -19.92
N ARG Q 78 75.48 -54.78 -20.95
CA ARG Q 78 75.47 -55.45 -22.23
C ARG Q 78 76.54 -54.94 -23.18
N GLY Q 79 77.20 -53.84 -22.86
CA GLY Q 79 78.29 -53.34 -23.67
C GLY Q 79 77.87 -52.61 -24.92
N ASN Q 80 76.62 -52.18 -25.01
CA ASN Q 80 76.12 -51.47 -26.20
C ASN Q 80 76.53 -50.00 -26.07
N ASP Q 81 77.58 -49.61 -26.81
CA ASP Q 81 78.09 -48.25 -26.67
C ASP Q 81 77.15 -47.24 -27.30
N ASP Q 82 76.60 -47.54 -28.48
CA ASP Q 82 75.72 -46.60 -29.15
C ASP Q 82 74.46 -46.34 -28.34
N HIS Q 83 73.95 -47.35 -27.64
CA HIS Q 83 72.80 -47.16 -26.78
C HIS Q 83 73.16 -46.34 -25.56
N VAL Q 84 74.27 -46.70 -24.88
CA VAL Q 84 74.69 -45.95 -23.71
C VAL Q 84 74.92 -44.48 -24.04
N THR Q 85 75.57 -44.22 -25.17
CA THR Q 85 75.80 -42.84 -25.59
C THR Q 85 74.49 -42.07 -25.70
N ALA Q 86 73.50 -42.67 -26.37
CA ALA Q 86 72.21 -42.01 -26.52
C ALA Q 86 71.53 -41.82 -25.17
N ILE Q 87 71.56 -42.84 -24.31
CA ILE Q 87 70.91 -42.75 -23.01
C ILE Q 87 71.49 -41.61 -22.19
N ARG Q 88 72.82 -41.47 -22.19
CA ARG Q 88 73.45 -40.44 -21.38
C ARG Q 88 73.08 -39.04 -21.85
N GLU Q 89 73.04 -38.83 -23.17
CA GLU Q 89 72.58 -37.54 -23.69
C GLU Q 89 71.15 -37.26 -23.26
N TYR Q 90 70.31 -38.31 -23.24
CA TYR Q 90 68.92 -38.12 -22.84
C TYR Q 90 68.80 -37.89 -21.35
N ARG Q 91 69.62 -38.60 -20.56
CA ARG Q 91 69.65 -38.33 -19.12
C ARG Q 91 70.20 -36.94 -18.83
N SER Q 92 71.23 -36.52 -19.58
CA SER Q 92 71.74 -35.16 -19.43
C SER Q 92 70.66 -34.14 -19.69
N LYS Q 93 69.80 -34.38 -20.69
CA LYS Q 93 68.71 -33.46 -20.97
C LYS Q 93 67.73 -33.40 -19.81
N ILE Q 94 67.41 -34.56 -19.23
CA ILE Q 94 66.48 -34.59 -18.10
C ILE Q 94 67.07 -33.88 -16.89
N GLU Q 95 68.37 -34.08 -16.64
CA GLU Q 95 69.00 -33.44 -15.50
C GLU Q 95 69.02 -31.92 -15.66
N THR Q 96 69.15 -31.43 -16.89
CA THR Q 96 69.07 -29.99 -17.11
C THR Q 96 67.69 -29.45 -16.78
N GLU Q 97 66.64 -30.24 -17.03
CA GLU Q 97 65.30 -29.82 -16.65
C GLU Q 97 65.12 -29.89 -15.13
N LEU Q 98 65.62 -30.96 -14.50
CA LEU Q 98 65.55 -31.05 -13.05
C LEU Q 98 66.21 -29.85 -12.39
N SER Q 99 67.41 -29.49 -12.85
CA SER Q 99 68.11 -28.34 -12.27
C SER Q 99 67.32 -27.06 -12.49
N GLY Q 100 66.76 -26.88 -13.69
CA GLY Q 100 66.01 -25.66 -13.98
C GLY Q 100 64.75 -25.55 -13.15
N ILE Q 101 64.08 -26.68 -12.90
CA ILE Q 101 62.86 -26.67 -12.09
C ILE Q 101 63.21 -26.33 -10.65
N CYS Q 102 64.15 -27.06 -10.05
CA CYS Q 102 64.61 -26.75 -8.71
C CYS Q 102 65.04 -25.30 -8.60
N ASP Q 103 65.81 -24.83 -9.58
CA ASP Q 103 66.29 -23.46 -9.55
C ASP Q 103 65.14 -22.46 -9.49
N GLY Q 104 64.03 -22.77 -10.16
CA GLY Q 104 62.92 -21.83 -10.20
C GLY Q 104 62.26 -21.67 -8.84
N ILE Q 105 61.99 -22.77 -8.15
CA ILE Q 105 61.31 -22.68 -6.86
C ILE Q 105 62.27 -22.22 -5.77
N LEU Q 106 63.53 -22.65 -5.82
CA LEU Q 106 64.50 -22.22 -4.81
C LEU Q 106 64.73 -20.71 -4.87
N LYS Q 107 64.80 -20.15 -6.08
CA LYS Q 107 64.91 -18.70 -6.20
C LYS Q 107 63.66 -18.01 -5.69
N LEU Q 108 62.49 -18.60 -5.92
CA LEU Q 108 61.26 -18.04 -5.38
C LEU Q 108 61.22 -18.16 -3.86
N LEU Q 109 61.74 -19.26 -3.33
CA LEU Q 109 61.79 -19.43 -1.88
C LEU Q 109 62.78 -18.46 -1.25
N ASP Q 110 63.98 -18.36 -1.83
CA ASP Q 110 65.03 -17.56 -1.21
C ASP Q 110 64.74 -16.07 -1.29
N SER Q 111 64.05 -15.63 -2.33
CA SER Q 111 63.89 -14.20 -2.60
C SER Q 111 62.53 -13.64 -2.23
N ARG Q 112 61.56 -14.49 -1.88
CA ARG Q 112 60.23 -14.00 -1.54
C ARG Q 112 59.59 -14.77 -0.38
N LEU Q 113 59.39 -16.08 -0.57
CA LEU Q 113 58.56 -16.83 0.35
C LEU Q 113 59.18 -16.94 1.73
N ILE Q 114 60.43 -17.41 1.81
CA ILE Q 114 61.11 -17.49 3.11
C ILE Q 114 61.22 -16.12 3.78
N PRO Q 115 61.71 -15.07 3.12
CA PRO Q 115 61.77 -13.75 3.77
C PRO Q 115 60.45 -13.26 4.31
N ALA Q 116 59.32 -13.60 3.67
CA ALA Q 116 58.02 -13.07 4.05
C ALA Q 116 57.27 -13.94 5.05
N ALA Q 117 57.74 -15.16 5.32
CA ALA Q 117 57.05 -16.03 6.26
C ALA Q 117 57.08 -15.41 7.66
N ALA Q 118 55.90 -15.16 8.22
CA ALA Q 118 55.79 -14.46 9.49
C ALA Q 118 55.32 -15.33 10.64
N SER Q 119 54.86 -16.55 10.38
CA SER Q 119 54.43 -17.46 11.43
C SER Q 119 55.26 -18.73 11.38
N GLY Q 120 55.40 -19.38 12.54
CA GLY Q 120 56.06 -20.67 12.58
C GLY Q 120 55.45 -21.66 11.63
N ASP Q 121 54.14 -21.56 11.41
CA ASP Q 121 53.47 -22.43 10.45
C ASP Q 121 54.13 -22.31 9.07
N SER Q 122 54.18 -21.10 8.52
CA SER Q 122 54.69 -20.91 7.17
C SER Q 122 56.22 -21.06 7.12
N LYS Q 123 56.91 -20.67 8.19
CA LYS Q 123 58.37 -20.78 8.20
C LYS Q 123 58.81 -22.24 8.01
N VAL Q 124 58.21 -23.15 8.78
CA VAL Q 124 58.55 -24.57 8.64
C VAL Q 124 58.19 -25.07 7.25
N PHE Q 125 57.07 -24.59 6.71
CA PHE Q 125 56.61 -25.06 5.41
C PHE Q 125 57.61 -24.69 4.31
N TYR Q 126 58.01 -23.42 4.26
CA TYR Q 126 58.88 -22.96 3.19
C TYR Q 126 60.32 -23.43 3.36
N LEU Q 127 60.77 -23.64 4.61
CA LEU Q 127 62.10 -24.20 4.82
C LEU Q 127 62.13 -25.68 4.45
N LYS Q 128 61.11 -26.43 4.86
CA LYS Q 128 60.99 -27.82 4.42
C LYS Q 128 61.02 -27.91 2.90
N MET Q 129 60.28 -27.04 2.23
CA MET Q 129 60.25 -27.07 0.77
C MET Q 129 61.62 -26.78 0.18
N LYS Q 130 62.35 -25.83 0.76
CA LYS Q 130 63.72 -25.58 0.33
C LYS Q 130 64.56 -26.85 0.46
N GLY Q 131 64.42 -27.55 1.58
CA GLY Q 131 65.13 -28.81 1.73
C GLY Q 131 64.68 -29.86 0.73
N ASP Q 132 63.38 -29.92 0.46
CA ASP Q 132 62.85 -30.88 -0.49
C ASP Q 132 63.55 -30.76 -1.84
N TYR Q 133 63.72 -29.53 -2.33
CA TYR Q 133 64.25 -29.31 -3.66
C TYR Q 133 65.77 -29.29 -3.71
N HIS Q 134 66.43 -29.00 -2.60
CA HIS Q 134 67.86 -29.30 -2.51
C HIS Q 134 68.09 -30.80 -2.45
N ARG Q 135 67.18 -31.55 -1.84
CA ARG Q 135 67.28 -33.00 -1.83
C ARG Q 135 67.10 -33.58 -3.23
N TYR Q 136 66.14 -33.06 -4.00
CA TYR Q 136 65.95 -33.53 -5.35
C TYR Q 136 67.19 -33.28 -6.21
N LEU Q 137 67.86 -32.15 -6.00
CA LEU Q 137 69.13 -31.93 -6.67
C LEU Q 137 70.15 -32.97 -6.26
N ALA Q 138 70.24 -33.27 -4.95
CA ALA Q 138 71.20 -34.26 -4.47
C ALA Q 138 70.93 -35.65 -5.03
N GLU Q 139 69.73 -35.89 -5.57
CA GLU Q 139 69.40 -37.23 -6.06
C GLU Q 139 70.20 -37.58 -7.32
N PHE Q 140 70.61 -36.59 -8.10
CA PHE Q 140 71.30 -36.82 -9.36
C PHE Q 140 72.62 -36.08 -9.51
N LYS Q 141 72.85 -35.01 -8.74
CA LYS Q 141 74.12 -34.31 -8.83
C LYS Q 141 75.26 -35.19 -8.33
N THR Q 142 76.48 -34.80 -8.68
CA THR Q 142 77.66 -35.56 -8.29
C THR Q 142 78.76 -34.60 -7.83
N GLY Q 143 79.75 -35.15 -7.16
CA GLY Q 143 80.91 -34.38 -6.78
C GLY Q 143 80.56 -33.26 -5.81
N GLN Q 144 81.10 -32.07 -6.09
CA GLN Q 144 80.92 -30.95 -5.17
C GLN Q 144 79.48 -30.47 -5.15
N GLU Q 145 78.81 -30.47 -6.31
CA GLU Q 145 77.42 -30.01 -6.35
C GLU Q 145 76.51 -30.91 -5.52
N ARG Q 146 76.83 -32.20 -5.43
CA ARG Q 146 76.03 -33.07 -4.57
C ARG Q 146 76.28 -32.78 -3.10
N LYS Q 147 77.54 -32.57 -2.73
CA LYS Q 147 77.84 -32.22 -1.34
C LYS Q 147 77.13 -30.95 -0.93
N ASP Q 148 77.26 -29.89 -1.74
CA ASP Q 148 76.61 -28.63 -1.43
C ASP Q 148 75.09 -28.80 -1.30
N ALA Q 149 74.50 -29.60 -2.20
CA ALA Q 149 73.06 -29.81 -2.15
C ALA Q 149 72.65 -30.56 -0.88
N ALA Q 150 73.43 -31.56 -0.49
CA ALA Q 150 73.12 -32.29 0.74
C ALA Q 150 73.25 -31.39 1.96
N GLU Q 151 74.27 -30.54 1.98
CA GLU Q 151 74.44 -29.60 3.08
C GLU Q 151 73.29 -28.60 3.13
N HIS Q 152 72.87 -28.10 1.97
CA HIS Q 152 71.74 -27.18 1.94
C HIS Q 152 70.46 -27.87 2.43
N THR Q 153 70.30 -29.15 2.11
CA THR Q 153 69.12 -29.88 2.56
C THR Q 153 69.11 -29.99 4.08
N LEU Q 154 70.20 -30.47 4.67
CA LEU Q 154 70.29 -30.58 6.12
C LEU Q 154 70.09 -29.22 6.77
N ALA Q 155 70.74 -28.17 6.24
CA ALA Q 155 70.59 -26.84 6.80
C ALA Q 155 69.13 -26.41 6.83
N ALA Q 156 68.43 -26.55 5.71
CA ALA Q 156 67.03 -26.14 5.65
C ALA Q 156 66.17 -27.01 6.56
N TYR Q 157 66.32 -28.34 6.46
CA TYR Q 157 65.52 -29.24 7.28
C TYR Q 157 65.75 -28.97 8.76
N LYS Q 158 67.02 -28.84 9.17
CA LYS Q 158 67.32 -28.69 10.59
C LYS Q 158 66.75 -27.37 11.13
N SER Q 159 66.95 -26.28 10.39
CA SER Q 159 66.35 -25.00 10.79
C SER Q 159 64.84 -25.13 10.89
N ALA Q 160 64.22 -25.83 9.95
CA ALA Q 160 62.77 -26.03 10.00
C ALA Q 160 62.38 -26.90 11.19
N GLN Q 161 63.22 -27.88 11.54
CA GLN Q 161 62.90 -28.74 12.67
C GLN Q 161 62.95 -27.95 13.98
N ASP Q 162 63.91 -27.04 14.12
CA ASP Q 162 63.99 -26.23 15.32
C ASP Q 162 62.69 -25.47 15.55
N ILE Q 163 62.14 -24.87 14.48
CA ILE Q 163 60.90 -24.12 14.60
C ILE Q 163 59.72 -25.08 14.79
N ALA Q 164 59.74 -26.23 14.10
CA ALA Q 164 58.63 -27.16 14.20
C ALA Q 164 58.51 -27.73 15.60
N ASN Q 165 59.63 -28.04 16.24
CA ASN Q 165 59.60 -28.56 17.61
C ASN Q 165 59.19 -27.51 18.62
N ALA Q 166 59.37 -26.24 18.30
CA ALA Q 166 59.09 -25.16 19.26
C ALA Q 166 57.71 -24.53 19.07
N GLU Q 167 57.16 -24.57 17.86
CA GLU Q 167 55.94 -23.82 17.57
C GLU Q 167 54.82 -24.65 16.95
N LEU Q 168 55.04 -25.92 16.65
CA LEU Q 168 54.03 -26.76 16.02
C LEU Q 168 53.79 -28.01 16.86
N ALA Q 169 52.53 -28.45 16.90
CA ALA Q 169 52.18 -29.63 17.65
C ALA Q 169 52.82 -30.87 17.01
N PRO Q 170 53.13 -31.89 17.81
CA PRO Q 170 53.71 -33.12 17.23
C PRO Q 170 52.81 -33.80 16.21
N THR Q 171 51.53 -33.46 16.17
CA THR Q 171 50.60 -34.02 15.19
C THR Q 171 50.40 -33.13 13.97
N HIS Q 172 50.97 -31.94 13.96
CA HIS Q 172 50.74 -31.00 12.87
C HIS Q 172 51.25 -31.61 11.56
N PRO Q 173 50.44 -31.63 10.49
CA PRO Q 173 50.90 -32.27 9.25
C PRO Q 173 52.24 -31.75 8.74
N ILE Q 174 52.51 -30.46 8.86
CA ILE Q 174 53.78 -29.91 8.37
C ILE Q 174 54.95 -30.49 9.17
N ARG Q 175 54.82 -30.54 10.50
CA ARG Q 175 55.89 -31.11 11.31
C ARG Q 175 56.10 -32.58 10.99
N LEU Q 176 55.01 -33.34 10.87
CA LEU Q 176 55.14 -34.74 10.50
C LEU Q 176 55.72 -34.89 9.11
N GLY Q 177 55.29 -34.07 8.16
CA GLY Q 177 55.83 -34.14 6.81
C GLY Q 177 57.31 -33.82 6.78
N LEU Q 178 57.74 -32.87 7.60
CA LEU Q 178 59.17 -32.55 7.69
C LEU Q 178 59.96 -33.74 8.21
N ALA Q 179 59.47 -34.37 9.28
CA ALA Q 179 60.16 -35.55 9.82
C ALA Q 179 60.25 -36.65 8.77
N LEU Q 180 59.16 -36.90 8.05
CA LEU Q 180 59.17 -37.92 7.01
C LEU Q 180 60.25 -37.63 5.97
N ASN Q 181 60.21 -36.44 5.38
CA ASN Q 181 61.20 -36.10 4.35
C ASN Q 181 62.60 -36.05 4.93
N PHE Q 182 62.75 -35.52 6.15
CA PHE Q 182 64.06 -35.50 6.78
C PHE Q 182 64.60 -36.91 6.95
N SER Q 183 63.76 -37.84 7.40
CA SER Q 183 64.19 -39.22 7.57
C SER Q 183 64.60 -39.82 6.23
N VAL Q 184 63.78 -39.61 5.19
CA VAL Q 184 64.14 -40.08 3.85
C VAL Q 184 65.49 -39.51 3.44
N PHE Q 185 65.72 -38.23 3.71
CA PHE Q 185 67.02 -37.62 3.40
C PHE Q 185 68.15 -38.40 4.05
N TYR Q 186 67.97 -38.83 5.30
CA TYR Q 186 69.02 -39.58 5.99
C TYR Q 186 69.29 -40.91 5.29
N TYR Q 187 68.24 -41.61 4.88
CA TYR Q 187 68.42 -42.96 4.34
C TYR Q 187 69.00 -42.92 2.94
N GLU Q 188 68.43 -42.08 2.06
CA GLU Q 188 68.76 -42.13 0.65
C GLU Q 188 69.96 -41.26 0.27
N ILE Q 189 70.09 -40.08 0.87
CA ILE Q 189 71.17 -39.16 0.49
C ILE Q 189 72.40 -39.37 1.36
N LEU Q 190 72.24 -39.40 2.68
CA LEU Q 190 73.35 -39.54 3.60
C LEU Q 190 73.66 -40.99 3.96
N ASN Q 191 72.87 -41.94 3.48
CA ASN Q 191 73.08 -43.36 3.75
C ASN Q 191 73.30 -43.61 5.25
N SER Q 192 72.36 -43.10 6.05
CA SER Q 192 72.38 -43.25 7.51
C SER Q 192 71.07 -43.89 7.92
N PRO Q 193 70.95 -45.22 7.76
CA PRO Q 193 69.68 -45.87 8.12
C PRO Q 193 69.30 -45.71 9.58
N ASP Q 194 70.27 -45.78 10.49
CA ASP Q 194 69.95 -45.67 11.91
C ASP Q 194 69.38 -44.29 12.25
N ARG Q 195 69.97 -43.23 11.69
CA ARG Q 195 69.44 -41.90 11.94
C ARG Q 195 68.08 -41.70 11.27
N ALA Q 196 67.86 -42.36 10.13
CA ALA Q 196 66.56 -42.25 9.46
C ALA Q 196 65.48 -42.94 10.27
N CYS Q 197 65.76 -44.14 10.80
CA CYS Q 197 64.76 -44.85 11.58
C CYS Q 197 64.43 -44.11 12.87
N ASN Q 198 65.45 -43.69 13.61
CA ASN Q 198 65.23 -43.02 14.89
C ASN Q 198 64.35 -41.78 14.71
N LEU Q 199 64.68 -40.95 13.72
CA LEU Q 199 63.90 -39.74 13.50
C LEU Q 199 62.46 -40.06 13.12
N ALA Q 200 62.27 -41.08 12.28
CA ALA Q 200 60.92 -41.46 11.88
C ALA Q 200 60.12 -41.97 13.08
N LYS Q 201 60.71 -42.84 13.89
CA LYS Q 201 60.01 -43.36 15.05
C LYS Q 201 59.74 -42.26 16.07
N GLN Q 202 60.73 -41.38 16.30
CA GLN Q 202 60.53 -40.30 17.26
C GLN Q 202 59.37 -39.41 16.85
N ALA Q 203 59.34 -38.98 15.59
CA ALA Q 203 58.24 -38.16 15.12
C ALA Q 203 56.91 -38.91 15.22
N PHE Q 204 56.92 -40.23 15.02
CA PHE Q 204 55.68 -40.99 15.11
C PHE Q 204 55.26 -41.17 16.57
N ASP Q 205 56.21 -41.45 17.46
CA ASP Q 205 55.86 -41.64 18.87
C ASP Q 205 55.38 -40.36 19.52
N GLU Q 206 56.01 -39.22 19.18
CA GLU Q 206 55.56 -37.94 19.72
C GLU Q 206 54.17 -37.57 19.23
N ALA Q 207 53.73 -38.13 18.11
CA ALA Q 207 52.42 -37.82 17.55
C ALA Q 207 51.32 -38.70 18.15
N ILE Q 208 51.58 -40.00 18.31
CA ILE Q 208 50.58 -40.87 18.95
C ILE Q 208 50.31 -40.42 20.39
N ALA Q 209 51.30 -39.79 21.03
CA ALA Q 209 51.14 -39.40 22.43
C ALA Q 209 50.00 -38.40 22.59
N GLU Q 210 49.87 -37.48 21.64
CA GLU Q 210 48.85 -36.43 21.69
C GLU Q 210 47.85 -36.59 20.54
N LEU Q 211 47.70 -37.81 20.03
CA LEU Q 211 46.83 -38.04 18.89
C LEU Q 211 45.36 -37.96 19.24
N ASP Q 212 45.02 -38.06 20.53
CA ASP Q 212 43.62 -38.04 20.94
C ASP Q 212 43.01 -36.65 20.92
N THR Q 213 43.82 -35.60 20.85
CA THR Q 213 43.33 -34.23 20.86
C THR Q 213 42.83 -33.78 19.49
N LEU Q 214 42.99 -34.60 18.45
CA LEU Q 214 42.56 -34.21 17.11
C LEU Q 214 41.07 -34.49 16.92
N GLY Q 215 40.48 -33.75 16.00
CA GLY Q 215 39.09 -33.97 15.64
C GLY Q 215 38.93 -35.11 14.67
N GLU Q 216 38.21 -34.88 13.57
CA GLU Q 216 38.10 -35.84 12.47
C GLU Q 216 38.76 -35.35 11.19
N GLU Q 217 38.67 -34.05 10.90
CA GLU Q 217 39.31 -33.51 9.72
C GLU Q 217 40.82 -33.37 9.93
N SER Q 218 41.25 -33.07 11.15
CA SER Q 218 42.68 -33.01 11.46
C SER Q 218 43.26 -34.38 11.81
N TYR Q 219 42.42 -35.29 12.29
CA TYR Q 219 42.87 -36.67 12.52
C TYR Q 219 43.14 -37.38 11.20
N LYS Q 220 42.41 -37.02 10.15
CA LYS Q 220 42.65 -37.62 8.83
C LYS Q 220 43.97 -37.14 8.24
N ASP Q 221 44.28 -35.85 8.39
CA ASP Q 221 45.52 -35.33 7.83
C ASP Q 221 46.73 -35.94 8.53
N SER Q 222 46.70 -36.01 9.85
CA SER Q 222 47.85 -36.54 10.59
C SER Q 222 48.01 -38.03 10.38
N THR Q 223 46.92 -38.79 10.43
CA THR Q 223 47.01 -40.24 10.26
C THR Q 223 47.57 -40.61 8.90
N LEU Q 224 47.37 -39.76 7.89
CA LEU Q 224 47.91 -40.05 6.57
C LEU Q 224 49.44 -40.00 6.57
N ILE Q 225 50.02 -38.94 7.12
CA ILE Q 225 51.47 -38.83 7.17
C ILE Q 225 52.05 -39.92 8.07
N MET Q 226 51.39 -40.18 9.21
CA MET Q 226 51.90 -41.17 10.15
C MET Q 226 51.95 -42.56 9.53
N GLN Q 227 50.97 -42.89 8.68
CA GLN Q 227 51.01 -44.19 8.01
C GLN Q 227 52.22 -44.30 7.08
N LEU Q 228 52.61 -43.20 6.45
CA LEU Q 228 53.81 -43.22 5.62
C LEU Q 228 55.05 -43.44 6.47
N LEU Q 229 55.14 -42.77 7.63
CA LEU Q 229 56.26 -43.01 8.53
C LEU Q 229 56.37 -44.48 8.90
N ARG Q 230 55.25 -45.12 9.21
CA ARG Q 230 55.27 -46.55 9.54
C ARG Q 230 55.73 -47.37 8.34
N ASP Q 231 55.14 -47.11 7.17
CA ASP Q 231 55.49 -47.87 5.97
C ASP Q 231 57.00 -47.82 5.70
N ASN Q 232 57.60 -46.64 5.84
CA ASN Q 232 59.04 -46.54 5.68
C ASN Q 232 59.78 -47.32 6.76
N LEU Q 233 59.34 -47.16 8.02
CA LEU Q 233 59.97 -47.89 9.11
C LEU Q 233 59.87 -49.40 8.90
N THR Q 234 58.71 -49.88 8.45
CA THR Q 234 58.56 -51.31 8.16
C THR Q 234 59.58 -51.76 7.12
N LEU Q 235 59.76 -50.97 6.07
CA LEU Q 235 60.72 -51.32 5.03
C LEU Q 235 62.15 -51.20 5.54
N TRP Q 236 62.46 -50.09 6.22
CA TRP Q 236 63.81 -49.88 6.73
C TRP Q 236 64.18 -50.92 7.79
N THR Q 237 63.19 -51.46 8.49
CA THR Q 237 63.48 -52.42 9.55
C THR Q 237 63.96 -53.75 8.97
N SER Q 238 63.23 -54.30 8.00
CA SER Q 238 63.62 -55.55 7.36
C SER Q 238 64.69 -55.36 6.28
N ASP Q 239 65.68 -54.50 6.54
CA ASP Q 239 66.76 -54.23 5.60
C ASP Q 239 66.28 -53.45 4.39
N GLU R 1 61.42 -47.06 -3.26
CA GLU R 1 60.26 -47.71 -2.68
C GLU R 1 59.82 -46.99 -1.40
N LEU R 2 60.46 -45.87 -1.11
CA LEU R 2 60.14 -45.08 0.07
C LEU R 2 59.18 -43.96 -0.29
N PHE R 3 58.51 -43.43 0.73
CA PHE R 3 57.49 -42.41 0.54
C PHE R 3 57.90 -41.10 1.19
N ALA R 5 56.62 -36.75 1.63
CA ALA R 5 55.39 -36.07 2.05
C ALA R 5 54.56 -35.62 0.85
N PRO R 6 53.23 -35.73 0.95
CA PRO R 6 52.33 -35.39 -0.16
C PRO R 6 52.04 -33.89 -0.26
N GLY S 6 70.62 -43.35 -38.98
CA GLY S 6 69.53 -42.42 -38.68
C GLY S 6 68.27 -43.12 -38.24
N ARG S 7 67.76 -44.03 -39.08
CA ARG S 7 66.50 -44.70 -38.79
C ARG S 7 66.57 -45.45 -37.46
N GLU S 8 67.59 -46.30 -37.29
CA GLU S 8 67.66 -47.13 -36.09
C GLU S 8 67.94 -46.30 -34.84
N GLU S 9 68.70 -45.22 -34.98
CA GLU S 9 68.97 -44.37 -33.82
C GLU S 9 67.70 -43.69 -33.33
N PHE S 10 66.91 -43.14 -34.26
CA PHE S 10 65.68 -42.45 -33.87
C PHE S 10 64.66 -43.43 -33.28
N VAL S 11 64.67 -44.68 -33.73
CA VAL S 11 63.77 -45.67 -33.14
C VAL S 11 64.12 -45.87 -31.67
N TYR S 12 65.42 -45.97 -31.36
CA TYR S 12 65.81 -46.20 -29.97
C TYR S 12 65.50 -44.99 -29.09
N MET S 13 65.68 -43.79 -29.62
CA MET S 13 65.27 -42.60 -28.88
C MET S 13 63.78 -42.61 -28.60
N ALA S 14 62.97 -43.07 -29.56
CA ALA S 14 61.53 -43.14 -29.34
C ALA S 14 61.17 -44.15 -28.26
N LYS S 15 61.93 -45.25 -28.16
CA LYS S 15 61.68 -46.19 -27.08
C LYS S 15 62.10 -45.63 -25.74
N LEU S 16 63.17 -44.81 -25.70
CA LEU S 16 63.55 -44.15 -24.45
C LEU S 16 62.51 -43.13 -24.04
N ALA S 17 61.98 -42.36 -25.00
CA ALA S 17 60.94 -41.39 -24.69
C ALA S 17 59.69 -42.07 -24.16
N GLU S 18 59.38 -43.25 -24.68
CA GLU S 18 58.23 -44.00 -24.18
C GLU S 18 58.42 -44.38 -22.72
N GLN S 19 59.58 -44.94 -22.39
CA GLN S 19 59.84 -45.33 -21.01
C GLN S 19 59.77 -44.12 -20.08
N ALA S 20 60.36 -42.99 -20.49
CA ALA S 20 60.33 -41.77 -19.70
C ALA S 20 58.97 -41.11 -19.70
N GLU S 21 58.00 -41.62 -20.45
CA GLU S 21 56.67 -41.03 -20.56
C GLU S 21 56.76 -39.56 -20.99
N ARG S 22 57.72 -39.27 -21.86
CA ARG S 22 57.87 -37.95 -22.49
C ARG S 22 57.37 -38.11 -23.93
N TYR S 23 56.05 -38.15 -24.08
CA TYR S 23 55.46 -38.57 -25.35
C TYR S 23 55.58 -37.52 -26.43
N GLU S 24 55.60 -36.23 -26.06
CA GLU S 24 55.81 -35.21 -27.08
C GLU S 24 57.12 -35.42 -27.81
N GLU S 25 58.18 -35.79 -27.08
CA GLU S 25 59.46 -36.09 -27.71
C GLU S 25 59.41 -37.41 -28.47
N MET S 26 58.61 -38.36 -28.01
CA MET S 26 58.47 -39.62 -28.73
C MET S 26 57.88 -39.40 -30.12
N VAL S 27 56.92 -38.48 -30.23
CA VAL S 27 56.36 -38.15 -31.54
C VAL S 27 57.43 -37.58 -32.46
N GLU S 28 58.22 -36.64 -31.93
CA GLU S 28 59.28 -36.04 -32.74
C GLU S 28 60.23 -37.10 -33.27
N PHE S 29 60.62 -38.05 -32.42
CA PHE S 29 61.55 -39.09 -32.85
C PHE S 29 60.94 -39.95 -33.96
N MET S 30 59.63 -40.22 -33.88
CA MET S 30 58.99 -41.03 -34.90
C MET S 30 58.68 -40.23 -36.16
N GLU S 31 58.39 -38.93 -36.02
CA GLU S 31 58.35 -38.08 -37.20
C GLU S 31 59.67 -38.17 -37.96
N LYS S 32 60.79 -38.28 -37.24
CA LYS S 32 62.09 -38.41 -37.89
C LYS S 32 62.30 -39.80 -38.46
N VAL S 33 61.78 -40.83 -37.80
CA VAL S 33 61.84 -42.18 -38.37
C VAL S 33 61.07 -42.22 -39.68
N SER S 34 59.85 -41.67 -39.68
CA SER S 34 59.03 -41.70 -40.89
C SER S 34 59.65 -40.89 -42.01
N ALA S 35 60.32 -39.79 -41.68
CA ALA S 35 60.97 -38.98 -42.71
C ALA S 35 62.18 -39.70 -43.30
N ALA S 36 62.84 -40.57 -42.53
CA ALA S 36 63.96 -41.35 -43.03
C ALA S 36 63.52 -42.53 -43.90
N VAL S 37 62.24 -42.91 -43.84
CA VAL S 37 61.72 -44.03 -44.62
C VAL S 37 60.81 -43.48 -45.71
N ASP S 38 61.41 -42.96 -46.78
CA ASP S 38 60.66 -42.37 -47.88
C ASP S 38 60.08 -43.46 -48.75
N GLY S 39 58.76 -43.49 -48.87
CA GLY S 39 58.10 -44.44 -49.75
C GLY S 39 57.97 -45.84 -49.17
N ASP S 40 59.04 -46.35 -48.58
CA ASP S 40 58.99 -47.66 -47.95
C ASP S 40 58.05 -47.63 -46.74
N GLU S 41 57.64 -48.82 -46.32
CA GLU S 41 56.72 -48.95 -45.21
C GLU S 41 57.46 -49.00 -43.88
N LEU S 42 56.88 -48.38 -42.86
CA LEU S 42 57.36 -48.57 -41.51
C LEU S 42 57.19 -50.03 -41.12
N THR S 43 58.12 -50.53 -40.31
CA THR S 43 58.00 -51.87 -39.77
C THR S 43 56.79 -51.92 -38.84
N VAL S 44 56.39 -53.15 -38.48
CA VAL S 44 55.33 -53.31 -37.49
C VAL S 44 55.71 -52.63 -36.19
N GLU S 45 56.96 -52.80 -35.75
CA GLU S 45 57.42 -52.14 -34.53
C GLU S 45 57.35 -50.63 -34.67
N GLU S 46 57.94 -50.08 -35.73
CA GLU S 46 57.92 -48.63 -35.93
C GLU S 46 56.50 -48.12 -36.01
N ARG S 47 55.67 -48.75 -36.85
CA ARG S 47 54.29 -48.31 -37.02
C ARG S 47 53.57 -48.26 -35.67
N ASN S 48 53.69 -49.32 -34.87
CA ASN S 48 53.02 -49.33 -33.58
C ASN S 48 53.56 -48.24 -32.67
N LEU S 49 54.89 -48.04 -32.67
CA LEU S 49 55.47 -47.01 -31.81
C LEU S 49 55.01 -45.62 -32.20
N LEU S 50 54.83 -45.38 -33.51
CA LEU S 50 54.25 -44.10 -33.93
C LEU S 50 52.84 -43.95 -33.40
N SER S 51 52.09 -45.04 -33.34
CA SER S 51 50.70 -44.97 -32.89
C SER S 51 50.62 -44.63 -31.41
N VAL S 52 51.42 -45.32 -30.58
CA VAL S 52 51.38 -45.05 -29.14
C VAL S 52 51.82 -43.62 -28.85
N ALA S 53 52.85 -43.15 -29.55
CA ALA S 53 53.33 -41.78 -29.36
C ALA S 53 52.18 -40.78 -29.54
N TYR S 54 51.56 -40.80 -30.72
CA TYR S 54 50.45 -39.88 -30.97
C TYR S 54 49.26 -40.19 -30.07
N LYS S 55 49.00 -41.48 -29.82
CA LYS S 55 47.90 -41.87 -28.94
C LYS S 55 48.02 -41.18 -27.58
N ASN S 56 49.21 -41.21 -26.98
CA ASN S 56 49.37 -40.67 -25.63
C ASN S 56 49.40 -39.15 -25.64
N VAL S 57 50.02 -38.55 -26.66
CA VAL S 57 50.00 -37.09 -26.78
C VAL S 57 48.56 -36.59 -26.89
N ILE S 58 47.80 -37.13 -27.85
CA ILE S 58 46.40 -36.74 -28.00
C ILE S 58 45.59 -37.18 -26.78
N GLY S 59 45.92 -38.33 -26.21
CA GLY S 59 45.17 -38.81 -25.06
C GLY S 59 45.19 -37.84 -23.90
N ALA S 60 46.34 -37.24 -23.63
CA ALA S 60 46.44 -36.30 -22.52
C ALA S 60 45.54 -35.09 -22.73
N ARG S 61 45.58 -34.51 -23.93
CA ARG S 61 44.73 -33.35 -24.21
C ARG S 61 43.26 -33.72 -24.15
N ARG S 62 42.91 -34.90 -24.64
CA ARG S 62 41.52 -35.34 -24.56
C ARG S 62 41.07 -35.46 -23.11
N ALA S 63 41.88 -36.10 -22.26
CA ALA S 63 41.56 -36.17 -20.84
C ALA S 63 41.40 -34.78 -20.25
N SER S 64 42.31 -33.86 -20.59
CA SER S 64 42.20 -32.50 -20.10
C SER S 64 40.92 -31.84 -20.63
N TRP S 65 40.59 -32.09 -21.89
CA TRP S 65 39.40 -31.47 -22.48
C TRP S 65 38.14 -31.95 -21.78
N ARG S 66 38.05 -33.24 -21.49
CA ARG S 66 36.85 -33.80 -20.86
CA ARG S 66 36.86 -33.79 -20.86
C ARG S 66 36.63 -33.19 -19.48
N ILE S 67 37.69 -33.11 -18.67
CA ILE S 67 37.53 -32.58 -17.32
C ILE S 67 37.21 -31.10 -17.35
N ILE S 68 37.93 -30.33 -18.17
CA ILE S 68 37.65 -28.90 -18.28
C ILE S 68 36.21 -28.66 -18.71
N SER S 69 35.71 -29.46 -19.65
CA SER S 69 34.34 -29.30 -20.12
C SER S 69 33.34 -29.54 -18.99
N SER S 70 33.55 -30.59 -18.20
CA SER S 70 32.67 -30.82 -17.06
C SER S 70 32.67 -29.63 -16.11
N ILE S 71 33.86 -29.07 -15.84
CA ILE S 71 33.94 -27.89 -14.97
C ILE S 71 33.20 -26.72 -15.61
N GLU S 72 33.26 -26.61 -16.93
CA GLU S 72 32.55 -25.52 -17.60
C GLU S 72 31.05 -25.66 -17.43
N GLN S 73 30.53 -26.88 -17.53
CA GLN S 73 29.09 -27.09 -17.34
C GLN S 73 28.67 -26.75 -15.91
N LYS S 74 29.45 -27.18 -14.93
CA LYS S 74 29.10 -26.91 -13.54
C LYS S 74 29.13 -25.42 -13.23
N GLU S 75 30.14 -24.71 -13.72
CA GLU S 75 30.21 -23.27 -13.47
C GLU S 75 29.14 -22.52 -14.26
N GLU S 76 28.72 -23.04 -15.41
CA GLU S 76 27.60 -22.45 -16.13
C GLU S 76 26.33 -22.52 -15.28
N SER S 77 26.05 -23.69 -14.72
CA SER S 77 24.86 -23.86 -13.90
C SER S 77 24.88 -22.94 -12.69
N ARG S 78 26.07 -22.61 -12.17
CA ARG S 78 26.17 -21.72 -11.03
C ARG S 78 26.12 -20.24 -11.42
N GLY S 79 26.33 -19.93 -12.69
CA GLY S 79 26.27 -18.56 -13.16
C GLY S 79 27.51 -17.75 -12.94
N ASN S 80 28.63 -18.37 -12.58
CA ASN S 80 29.88 -17.65 -12.33
C ASN S 80 30.46 -17.21 -13.67
N ASP S 81 30.19 -15.96 -14.05
CA ASP S 81 30.58 -15.48 -15.37
C ASP S 81 32.10 -15.38 -15.51
N ASP S 82 32.78 -14.92 -14.47
CA ASP S 82 34.23 -14.79 -14.54
C ASP S 82 34.90 -16.15 -14.66
N HIS S 83 34.40 -17.16 -13.93
CA HIS S 83 34.97 -18.50 -14.02
C HIS S 83 34.74 -19.09 -15.41
N VAL S 84 33.51 -19.02 -15.92
CA VAL S 84 33.21 -19.57 -17.23
C VAL S 84 34.10 -18.95 -18.30
N THR S 85 34.28 -17.62 -18.23
CA THR S 85 35.16 -16.95 -19.19
C THR S 85 36.56 -17.55 -19.16
N ALA S 86 37.12 -17.72 -17.96
CA ALA S 86 38.45 -18.31 -17.84
C ALA S 86 38.48 -19.74 -18.37
N ILE S 87 37.44 -20.52 -18.06
CA ILE S 87 37.39 -21.91 -18.50
C ILE S 87 37.36 -21.99 -20.02
N ARG S 88 36.55 -21.14 -20.66
CA ARG S 88 36.41 -21.21 -22.12
C ARG S 88 37.71 -20.84 -22.81
N GLU S 89 38.44 -19.85 -22.28
CA GLU S 89 39.74 -19.53 -22.85
C GLU S 89 40.70 -20.70 -22.70
N TYR S 90 40.62 -21.41 -21.57
CA TYR S 90 41.51 -22.55 -21.34
C TYR S 90 41.11 -23.74 -22.22
N ARG S 91 39.81 -23.99 -22.38
CA ARG S 91 39.37 -25.04 -23.28
C ARG S 91 39.74 -24.71 -24.72
N SER S 92 39.58 -23.45 -25.12
CA SER S 92 39.98 -23.04 -26.46
C SER S 92 41.47 -23.32 -26.70
N LYS S 93 42.30 -23.10 -25.68
CA LYS S 93 43.72 -23.40 -25.81
C LYS S 93 43.94 -24.90 -26.02
N ILE S 94 43.26 -25.74 -25.25
CA ILE S 94 43.40 -27.18 -25.39
C ILE S 94 42.94 -27.62 -26.78
N GLU S 95 41.84 -27.04 -27.27
CA GLU S 95 41.32 -27.43 -28.58
C GLU S 95 42.29 -27.08 -29.69
N THR S 96 42.97 -25.93 -29.58
CA THR S 96 43.99 -25.60 -30.55
C THR S 96 45.08 -26.66 -30.58
N GLU S 97 45.48 -27.17 -29.42
CA GLU S 97 46.46 -28.26 -29.37
C GLU S 97 45.89 -29.54 -29.97
N LEU S 98 44.65 -29.87 -29.61
CA LEU S 98 44.01 -31.06 -30.17
C LEU S 98 43.97 -31.00 -31.69
N SER S 99 43.69 -29.81 -32.24
CA SER S 99 43.66 -29.67 -33.69
C SER S 99 45.06 -29.79 -34.28
N GLY S 100 46.06 -29.22 -33.62
CA GLY S 100 47.42 -29.31 -34.13
C GLY S 100 47.96 -30.72 -34.10
N ILE S 101 47.67 -31.47 -33.03
CA ILE S 101 48.13 -32.84 -32.93
C ILE S 101 47.50 -33.70 -34.02
N CYS S 102 46.16 -33.64 -34.14
CA CYS S 102 45.47 -34.36 -35.20
C CYS S 102 46.07 -34.00 -36.56
N ASP S 103 46.19 -32.71 -36.84
CA ASP S 103 46.74 -32.27 -38.13
C ASP S 103 48.08 -32.93 -38.43
N GLY S 104 48.93 -33.05 -37.41
CA GLY S 104 50.27 -33.60 -37.64
C GLY S 104 50.23 -35.04 -38.13
N ILE S 105 49.43 -35.87 -37.47
CA ILE S 105 49.40 -37.28 -37.87
C ILE S 105 48.55 -37.48 -39.13
N LEU S 106 47.49 -36.70 -39.30
CA LEU S 106 46.68 -36.83 -40.51
C LEU S 106 47.49 -36.42 -41.75
N LYS S 107 48.24 -35.33 -41.66
CA LYS S 107 49.11 -34.94 -42.75
C LYS S 107 50.12 -36.04 -43.08
N LEU S 108 50.68 -36.67 -42.05
CA LEU S 108 51.61 -37.76 -42.27
C LEU S 108 50.89 -38.97 -42.88
N LEU S 109 49.65 -39.22 -42.44
CA LEU S 109 48.90 -40.35 -42.98
C LEU S 109 48.53 -40.12 -44.44
N ASP S 110 48.00 -38.94 -44.76
CA ASP S 110 47.49 -38.70 -46.10
C ASP S 110 48.61 -38.57 -47.12
N SER S 111 49.78 -38.05 -46.71
CA SER S 111 50.83 -37.72 -47.67
C SER S 111 51.90 -38.80 -47.82
N ARG S 112 51.99 -39.75 -46.88
CA ARG S 112 53.04 -40.75 -46.96
C ARG S 112 52.59 -42.15 -46.53
N LEU S 113 52.05 -42.27 -45.32
CA LEU S 113 51.80 -43.60 -44.77
C LEU S 113 50.74 -44.35 -45.57
N ILE S 114 49.60 -43.72 -45.83
CA ILE S 114 48.52 -44.38 -46.56
C ILE S 114 48.97 -44.65 -47.99
N PRO S 115 49.47 -43.66 -48.72
CA PRO S 115 49.97 -43.94 -50.09
C PRO S 115 50.96 -45.09 -50.16
N ALA S 116 51.79 -45.27 -49.14
CA ALA S 116 52.87 -46.26 -49.18
C ALA S 116 52.44 -47.61 -48.61
N ALA S 117 51.22 -47.74 -48.09
CA ALA S 117 50.77 -49.02 -47.55
C ALA S 117 50.56 -49.99 -48.69
N ALA S 118 51.26 -51.13 -48.64
CA ALA S 118 51.26 -52.09 -49.73
C ALA S 118 50.48 -53.37 -49.45
N SER S 119 50.22 -53.69 -48.18
CA SER S 119 49.49 -54.89 -47.81
C SER S 119 48.18 -54.52 -47.16
N GLY S 120 47.18 -55.41 -47.31
CA GLY S 120 45.92 -55.21 -46.63
C GLY S 120 46.11 -55.01 -45.13
N ASP S 121 47.12 -55.65 -44.56
CA ASP S 121 47.46 -55.45 -43.16
C ASP S 121 47.68 -53.97 -42.87
N SER S 122 48.62 -53.35 -43.59
CA SER S 122 48.97 -51.97 -43.31
C SER S 122 47.86 -51.01 -43.73
N LYS S 123 47.21 -51.28 -44.86
CA LYS S 123 46.15 -50.39 -45.35
C LYS S 123 45.06 -50.22 -44.30
N VAL S 124 44.59 -51.32 -43.71
CA VAL S 124 43.56 -51.23 -42.69
C VAL S 124 44.08 -50.46 -41.47
N PHE S 125 45.33 -50.70 -41.11
CA PHE S 125 45.91 -50.03 -39.94
C PHE S 125 45.90 -48.52 -40.11
N TYR S 126 46.44 -48.03 -41.23
CA TYR S 126 46.60 -46.59 -41.40
C TYR S 126 45.25 -45.93 -41.68
N LEU S 127 44.37 -46.59 -42.43
CA LEU S 127 43.03 -46.04 -42.63
C LEU S 127 42.27 -45.98 -41.31
N LYS S 128 42.38 -47.03 -40.50
CA LYS S 128 41.74 -47.02 -39.18
C LYS S 128 42.32 -45.91 -38.31
N MET S 129 43.61 -45.62 -38.46
CA MET S 129 44.22 -44.51 -37.72
C MET S 129 43.69 -43.18 -38.23
N LYS S 130 43.53 -43.04 -39.54
CA LYS S 130 42.97 -41.82 -40.10
C LYS S 130 41.56 -41.57 -39.56
N GLY S 131 40.78 -42.64 -39.39
CA GLY S 131 39.45 -42.48 -38.83
C GLY S 131 39.49 -42.14 -37.35
N ASP S 132 40.44 -42.72 -36.62
CA ASP S 132 40.58 -42.41 -35.20
C ASP S 132 40.75 -40.91 -34.98
N TYR S 133 41.66 -40.29 -35.73
CA TYR S 133 42.00 -38.89 -35.48
C TYR S 133 41.01 -37.92 -36.08
N HIS S 134 40.27 -38.32 -37.12
CA HIS S 134 39.09 -37.55 -37.50
C HIS S 134 38.00 -37.68 -36.45
N ARG S 135 37.94 -38.82 -35.76
CA ARG S 135 36.96 -38.99 -34.69
C ARG S 135 37.33 -38.13 -33.49
N TYR S 136 38.62 -38.00 -33.18
CA TYR S 136 39.03 -37.12 -32.08
C TYR S 136 38.71 -35.67 -32.40
N LEU S 137 38.84 -35.27 -33.67
CA LEU S 137 38.41 -33.94 -34.06
C LEU S 137 36.91 -33.78 -33.83
N ALA S 138 36.13 -34.77 -34.24
CA ALA S 138 34.68 -34.69 -34.08
C ALA S 138 34.26 -34.62 -32.62
N GLU S 139 35.14 -35.02 -31.70
CA GLU S 139 34.77 -35.02 -30.28
C GLU S 139 34.56 -33.61 -29.75
N PHE S 140 35.25 -32.62 -30.30
CA PHE S 140 35.18 -31.25 -29.81
C PHE S 140 34.79 -30.22 -30.86
N LYS S 141 34.94 -30.51 -32.14
CA LYS S 141 34.52 -29.56 -33.17
C LYS S 141 33.00 -29.40 -33.16
N THR S 142 32.54 -28.35 -33.83
CA THR S 142 31.12 -28.03 -33.90
C THR S 142 30.76 -27.57 -35.30
N GLY S 143 29.46 -27.60 -35.59
CA GLY S 143 28.97 -27.03 -36.83
C GLY S 143 29.51 -27.76 -38.06
N GLN S 144 29.99 -26.99 -39.04
N GLN S 144 29.98 -26.97 -39.02
CA GLN S 144 30.42 -27.61 -40.28
CA GLN S 144 30.46 -27.52 -40.29
C GLN S 144 31.68 -28.44 -40.09
C GLN S 144 31.66 -28.43 -40.06
N GLU S 145 32.61 -27.99 -39.25
CA GLU S 145 33.84 -28.76 -39.03
C GLU S 145 33.54 -30.12 -38.41
N ARG S 146 32.55 -30.18 -37.50
CA ARG S 146 32.19 -31.45 -36.91
C ARG S 146 31.64 -32.41 -37.95
N LYS S 147 30.73 -31.92 -38.81
CA LYS S 147 30.15 -32.78 -39.83
C LYS S 147 31.21 -33.30 -40.78
N ASP S 148 32.08 -32.42 -41.29
CA ASP S 148 33.17 -32.87 -42.15
C ASP S 148 34.03 -33.92 -41.46
N ALA S 149 34.34 -33.70 -40.17
CA ALA S 149 35.16 -34.67 -39.45
C ALA S 149 34.43 -36.00 -39.31
N ALA S 150 33.15 -35.96 -38.94
CA ALA S 150 32.37 -37.20 -38.86
C ALA S 150 32.24 -37.85 -40.23
N GLU S 151 32.28 -37.07 -41.30
CA GLU S 151 32.24 -37.63 -42.65
C GLU S 151 33.60 -38.07 -43.15
N HIS S 152 34.68 -37.64 -42.51
CA HIS S 152 35.99 -38.21 -42.80
C HIS S 152 36.24 -39.48 -42.00
N THR S 153 35.60 -39.63 -40.84
CA THR S 153 35.76 -40.84 -40.03
C THR S 153 35.06 -42.02 -40.69
N LEU S 154 33.74 -41.90 -40.92
CA LEU S 154 33.00 -42.97 -41.56
C LEU S 154 33.65 -43.40 -42.88
N ALA S 155 34.14 -42.44 -43.65
CA ALA S 155 34.80 -42.78 -44.91
C ALA S 155 36.03 -43.65 -44.67
N ALA S 156 36.91 -43.23 -43.76
CA ALA S 156 38.11 -44.01 -43.48
C ALA S 156 37.77 -45.34 -42.83
N TYR S 157 36.85 -45.35 -41.87
CA TYR S 157 36.49 -46.60 -41.20
C TYR S 157 35.84 -47.58 -42.17
N LYS S 158 34.97 -47.09 -43.04
CA LYS S 158 34.27 -48.00 -43.96
C LYS S 158 35.20 -48.54 -45.02
N SER S 159 36.05 -47.68 -45.58
CA SER S 159 37.06 -48.16 -46.53
C SER S 159 37.97 -49.20 -45.87
N ALA S 160 38.39 -48.93 -44.63
CA ALA S 160 39.22 -49.89 -43.90
C ALA S 160 38.45 -51.19 -43.69
N GLN S 161 37.15 -51.10 -43.38
CA GLN S 161 36.36 -52.30 -43.15
C GLN S 161 36.28 -53.15 -44.41
N ASP S 162 36.11 -52.51 -45.57
CA ASP S 162 36.06 -53.26 -46.83
C ASP S 162 37.30 -54.13 -47.01
N ILE S 163 38.47 -53.58 -46.69
CA ILE S 163 39.71 -54.33 -46.84
C ILE S 163 39.84 -55.36 -45.72
N ALA S 164 39.46 -54.99 -44.50
CA ALA S 164 39.59 -55.91 -43.37
C ALA S 164 38.76 -57.16 -43.59
N ASN S 165 37.51 -57.00 -44.02
CA ASN S 165 36.66 -58.16 -44.26
C ASN S 165 37.16 -59.01 -45.42
N ALA S 166 37.93 -58.43 -46.34
CA ALA S 166 38.38 -59.16 -47.52
C ALA S 166 39.77 -59.77 -47.37
N GLU S 167 40.62 -59.22 -46.51
CA GLU S 167 42.01 -59.64 -46.45
C GLU S 167 42.54 -59.93 -45.05
N LEU S 168 41.71 -59.80 -44.01
CA LEU S 168 42.16 -60.02 -42.64
C LEU S 168 41.23 -61.00 -41.94
N ALA S 169 41.82 -61.92 -41.19
CA ALA S 169 41.03 -62.91 -40.46
C ALA S 169 40.13 -62.19 -39.45
N PRO S 170 38.94 -62.75 -39.18
CA PRO S 170 38.05 -62.11 -38.20
C PRO S 170 38.64 -62.03 -36.80
N THR S 171 39.74 -62.73 -36.52
CA THR S 171 40.41 -62.64 -35.23
C THR S 171 41.61 -61.71 -35.26
N HIS S 172 41.97 -61.17 -36.42
CA HIS S 172 43.15 -60.32 -36.52
C HIS S 172 42.99 -59.10 -35.61
N PRO S 173 43.99 -58.77 -34.79
CA PRO S 173 43.83 -57.61 -33.88
C PRO S 173 43.43 -56.33 -34.58
N ILE S 174 44.05 -56.03 -35.72
CA ILE S 174 43.73 -54.78 -36.43
C ILE S 174 42.26 -54.74 -36.84
N ARG S 175 41.75 -55.87 -37.36
CA ARG S 175 40.34 -55.91 -37.75
C ARG S 175 39.43 -55.74 -36.55
N LEU S 176 39.74 -56.42 -35.44
CA LEU S 176 38.94 -56.26 -34.23
C LEU S 176 39.04 -54.84 -33.69
N GLY S 177 40.23 -54.25 -33.72
CA GLY S 177 40.37 -52.88 -33.25
C GLY S 177 39.57 -51.90 -34.07
N LEU S 178 39.53 -52.10 -35.39
CA LEU S 178 38.70 -51.26 -36.25
C LEU S 178 37.24 -51.35 -35.87
N ALA S 179 36.73 -52.57 -35.73
CA ALA S 179 35.33 -52.75 -35.34
C ALA S 179 35.04 -52.05 -34.01
N LEU S 180 35.94 -52.19 -33.04
CA LEU S 180 35.74 -51.54 -31.75
C LEU S 180 35.60 -50.03 -31.93
N ASN S 181 36.57 -49.40 -32.59
CA ASN S 181 36.53 -47.95 -32.77
C ASN S 181 35.38 -47.53 -33.68
N PHE S 182 35.04 -48.35 -34.67
CA PHE S 182 33.90 -48.04 -35.53
C PHE S 182 32.61 -48.04 -34.72
N SER S 183 32.44 -49.03 -33.85
CA SER S 183 31.24 -49.08 -33.01
C SER S 183 31.18 -47.89 -32.07
N VAL S 184 32.31 -47.55 -31.44
CA VAL S 184 32.36 -46.34 -30.61
C VAL S 184 31.94 -45.13 -31.42
N PHE S 185 32.47 -45.00 -32.63
CA PHE S 185 32.11 -43.87 -33.49
C PHE S 185 30.59 -43.79 -33.67
N TYR S 186 29.94 -44.93 -33.85
CA TYR S 186 28.49 -44.93 -34.00
C TYR S 186 27.80 -44.43 -32.73
N TYR S 187 28.30 -44.83 -31.56
CA TYR S 187 27.62 -44.54 -30.31
C TYR S 187 27.82 -43.09 -29.88
N GLU S 188 29.06 -42.61 -29.91
CA GLU S 188 29.39 -41.31 -29.34
C GLU S 188 29.22 -40.15 -30.34
N ILE S 189 29.61 -40.34 -31.59
CA ILE S 189 29.58 -39.25 -32.56
C ILE S 189 28.25 -39.20 -33.30
N LEU S 190 27.79 -40.34 -33.82
CA LEU S 190 26.56 -40.38 -34.60
C LEU S 190 25.33 -40.70 -33.76
N ASN S 191 25.50 -40.98 -32.47
CA ASN S 191 24.38 -41.31 -31.59
C ASN S 191 23.47 -42.37 -32.22
N SER S 192 24.08 -43.47 -32.63
CA SER S 192 23.39 -44.61 -33.23
C SER S 192 23.70 -45.84 -32.37
N PRO S 193 23.07 -45.97 -31.20
CA PRO S 193 23.39 -47.12 -30.35
C PRO S 193 23.16 -48.46 -31.03
N ASP S 194 22.08 -48.58 -31.82
CA ASP S 194 21.80 -49.85 -32.48
C ASP S 194 22.94 -50.25 -33.42
N ARG S 195 23.34 -49.34 -34.31
CA ARG S 195 24.45 -49.65 -35.21
C ARG S 195 25.73 -49.94 -34.43
N ALA S 196 25.92 -49.29 -33.28
CA ALA S 196 27.11 -49.55 -32.48
C ALA S 196 27.09 -50.96 -31.88
N CYS S 197 25.93 -51.40 -31.38
CA CYS S 197 25.85 -52.71 -30.78
C CYS S 197 25.98 -53.81 -31.83
N ASN S 198 25.24 -53.69 -32.93
CA ASN S 198 25.27 -54.72 -33.96
C ASN S 198 26.69 -54.91 -34.49
N LEU S 199 27.38 -53.81 -34.80
CA LEU S 199 28.73 -53.93 -35.34
C LEU S 199 29.66 -54.59 -34.33
N ALA S 200 29.54 -54.23 -33.05
CA ALA S 200 30.38 -54.85 -32.03
C ALA S 200 30.05 -56.32 -31.88
N LYS S 201 28.77 -56.66 -31.81
CA LYS S 201 28.37 -58.06 -31.69
C LYS S 201 28.84 -58.86 -32.91
N GLN S 202 28.65 -58.30 -34.11
CA GLN S 202 29.05 -59.00 -35.32
C GLN S 202 30.55 -59.31 -35.29
N ALA S 203 31.38 -58.29 -35.04
CA ALA S 203 32.82 -58.51 -35.01
C ALA S 203 33.21 -59.51 -33.92
N PHE S 204 32.47 -59.54 -32.82
CA PHE S 204 32.77 -60.46 -31.73
C PHE S 204 32.34 -61.88 -32.07
N ASP S 205 31.21 -62.04 -32.77
CA ASP S 205 30.75 -63.38 -33.14
C ASP S 205 31.61 -63.97 -34.25
N GLU S 206 31.98 -63.16 -35.24
CA GLU S 206 32.83 -63.65 -36.31
C GLU S 206 34.22 -64.04 -35.81
N ALA S 207 34.63 -63.54 -34.64
CA ALA S 207 35.94 -63.85 -34.07
C ALA S 207 35.90 -65.12 -33.23
N ILE S 208 34.87 -65.30 -32.40
CA ILE S 208 34.75 -66.53 -31.63
C ILE S 208 34.59 -67.75 -32.54
N ALA S 209 34.07 -67.54 -33.76
CA ALA S 209 33.81 -68.67 -34.65
C ALA S 209 35.09 -69.40 -35.01
N GLU S 210 36.18 -68.68 -35.24
CA GLU S 210 37.47 -69.26 -35.59
C GLU S 210 38.53 -68.96 -34.52
N LEU S 211 38.09 -68.70 -33.28
CA LEU S 211 39.01 -68.35 -32.22
C LEU S 211 39.91 -69.52 -31.83
N ASP S 212 39.57 -70.75 -32.24
CA ASP S 212 40.36 -71.91 -31.88
C ASP S 212 41.63 -72.04 -32.71
N THR S 213 41.70 -71.38 -33.87
CA THR S 213 42.86 -71.50 -34.75
C THR S 213 44.07 -70.72 -34.24
N LEU S 214 43.91 -69.89 -33.22
CA LEU S 214 45.00 -69.07 -32.73
C LEU S 214 45.92 -69.88 -31.81
N GLY S 215 47.17 -69.41 -31.71
CA GLY S 215 48.12 -70.00 -30.79
C GLY S 215 47.88 -69.54 -29.37
N GLU S 216 48.93 -69.14 -28.67
CA GLU S 216 48.81 -68.51 -27.36
C GLU S 216 49.16 -67.03 -27.37
N GLU S 217 50.21 -66.65 -28.09
CA GLU S 217 50.57 -65.24 -28.21
C GLU S 217 49.66 -64.49 -29.18
N SER S 218 49.02 -65.20 -30.11
CA SER S 218 48.00 -64.59 -30.96
C SER S 218 46.62 -64.66 -30.33
N TYR S 219 46.35 -65.68 -29.52
CA TYR S 219 45.11 -65.74 -28.75
C TYR S 219 45.07 -64.65 -27.69
N LYS S 220 46.24 -64.24 -27.18
CA LYS S 220 46.29 -63.18 -26.18
C LYS S 220 45.95 -61.83 -26.79
N ASP S 221 46.46 -61.55 -28.00
CA ASP S 221 46.18 -60.28 -28.64
C ASP S 221 44.71 -60.16 -29.00
N SER S 222 44.14 -61.21 -29.58
CA SER S 222 42.74 -61.16 -29.99
C SER S 222 41.80 -61.11 -28.78
N THR S 223 42.09 -61.90 -27.74
CA THR S 223 41.23 -61.91 -26.57
C THR S 223 41.17 -60.55 -25.90
N LEU S 224 42.25 -59.76 -26.00
CA LEU S 224 42.27 -58.45 -25.37
C LEU S 224 41.26 -57.51 -26.03
N ILE S 225 41.26 -57.46 -27.37
CA ILE S 225 40.32 -56.59 -28.06
C ILE S 225 38.90 -57.08 -27.87
N MET S 226 38.70 -58.40 -27.91
CA MET S 226 37.35 -58.96 -27.78
C MET S 226 36.76 -58.67 -26.42
N GLN S 227 37.59 -58.61 -25.37
CA GLN S 227 37.06 -58.28 -24.05
C GLN S 227 36.57 -56.83 -24.00
N LEU S 228 37.25 -55.93 -24.70
CA LEU S 228 36.78 -54.55 -24.78
C LEU S 228 35.43 -54.48 -25.52
N LEU S 229 35.32 -55.19 -26.64
CA LEU S 229 34.03 -55.27 -27.33
C LEU S 229 32.93 -55.75 -26.38
N ARG S 230 33.23 -56.77 -25.59
CA ARG S 230 32.25 -57.28 -24.63
C ARG S 230 31.90 -56.22 -23.60
N ASP S 231 32.91 -55.54 -23.05
CA ASP S 231 32.66 -54.53 -22.03
C ASP S 231 31.77 -53.41 -22.57
N ASN S 232 32.07 -52.92 -23.77
CA ASN S 232 31.21 -51.90 -24.37
C ASN S 232 29.79 -52.41 -24.58
N LEU S 233 29.66 -53.66 -25.05
CA LEU S 233 28.33 -54.24 -25.23
C LEU S 233 27.61 -54.38 -23.90
N THR S 234 28.31 -54.79 -22.85
CA THR S 234 27.69 -54.88 -21.54
C THR S 234 27.13 -53.55 -21.10
N LEU S 235 27.88 -52.46 -21.35
CA LEU S 235 27.41 -51.13 -20.96
C LEU S 235 26.28 -50.67 -21.88
N TRP S 236 26.47 -50.81 -23.20
CA TRP S 236 25.45 -50.40 -24.15
C TRP S 236 24.16 -51.18 -23.95
N THR S 237 24.24 -52.41 -23.44
CA THR S 237 23.05 -53.21 -23.23
C THR S 237 22.20 -52.64 -22.09
N SER S 238 22.81 -52.45 -20.92
CA SER S 238 22.09 -51.98 -19.75
C SER S 238 21.79 -50.49 -19.90
N ASP S 239 20.54 -50.16 -20.17
CA ASP S 239 20.11 -48.77 -20.31
C ASP S 239 18.62 -48.66 -19.95
N GLU T 1 31.98 -43.65 -20.40
CA GLU T 1 32.90 -44.70 -19.97
C GLU T 1 32.97 -45.80 -21.03
N LEU T 2 33.65 -45.52 -22.13
CA LEU T 2 33.83 -46.49 -23.20
C LEU T 2 35.31 -46.77 -23.40
N PHE T 3 35.58 -47.90 -24.04
CA PHE T 3 36.96 -48.31 -24.33
C PHE T 3 37.17 -48.37 -25.84
N ALA T 5 40.35 -49.00 -29.06
CA ALA T 5 41.39 -49.98 -29.35
C ALA T 5 42.77 -49.51 -28.90
N PRO T 6 43.50 -50.35 -28.13
CA PRO T 6 44.84 -49.93 -27.70
C PRO T 6 45.81 -49.75 -28.88
#